data_1MIT
# 
_entry.id   1MIT 
# 
_audit_conform.dict_name       mmcif_pdbx.dic 
_audit_conform.dict_version    5.397 
_audit_conform.dict_location   http://mmcif.pdb.org/dictionaries/ascii/mmcif_pdbx.dic 
# 
loop_
_database_2.database_id 
_database_2.database_code 
_database_2.pdbx_database_accession 
_database_2.pdbx_DOI 
PDB   1MIT         pdb_00001mit 10.2210/pdb1mit/pdb 
WWPDB D_1000175022 ?            ?                   
# 
loop_
_pdbx_audit_revision_history.ordinal 
_pdbx_audit_revision_history.data_content_type 
_pdbx_audit_revision_history.major_revision 
_pdbx_audit_revision_history.minor_revision 
_pdbx_audit_revision_history.revision_date 
1 'Structure model' 1 0 1996-04-03 
2 'Structure model' 1 1 2008-03-24 
3 'Structure model' 1 2 2011-07-13 
4 'Structure model' 1 3 2017-11-29 
5 'Structure model' 1 4 2024-10-30 
# 
_pdbx_audit_revision_details.ordinal             1 
_pdbx_audit_revision_details.revision_ordinal    1 
_pdbx_audit_revision_details.data_content_type   'Structure model' 
_pdbx_audit_revision_details.provider            repository 
_pdbx_audit_revision_details.type                'Initial release' 
_pdbx_audit_revision_details.description         ? 
_pdbx_audit_revision_details.details             ? 
# 
loop_
_pdbx_audit_revision_group.ordinal 
_pdbx_audit_revision_group.revision_ordinal 
_pdbx_audit_revision_group.data_content_type 
_pdbx_audit_revision_group.group 
1 2 'Structure model' 'Version format compliance' 
2 3 'Structure model' 'Version format compliance' 
3 4 'Structure model' 'Derived calculations'      
4 4 'Structure model' Other                       
5 5 'Structure model' 'Data collection'           
6 5 'Structure model' 'Database references'       
7 5 'Structure model' 'Structure summary'         
# 
loop_
_pdbx_audit_revision_category.ordinal 
_pdbx_audit_revision_category.revision_ordinal 
_pdbx_audit_revision_category.data_content_type 
_pdbx_audit_revision_category.category 
1  4 'Structure model' pdbx_database_status      
2  4 'Structure model' pdbx_struct_assembly      
3  4 'Structure model' pdbx_struct_oper_list     
4  4 'Structure model' struct_conf               
5  4 'Structure model' struct_conf_type          
6  5 'Structure model' chem_comp_atom            
7  5 'Structure model' chem_comp_bond            
8  5 'Structure model' database_2                
9  5 'Structure model' pdbx_entry_details        
10 5 'Structure model' pdbx_modification_feature 
# 
loop_
_pdbx_audit_revision_item.ordinal 
_pdbx_audit_revision_item.revision_ordinal 
_pdbx_audit_revision_item.data_content_type 
_pdbx_audit_revision_item.item 
1 4 'Structure model' '_pdbx_database_status.process_site'  
2 5 'Structure model' '_database_2.pdbx_DOI'                
3 5 'Structure model' '_database_2.pdbx_database_accession' 
# 
_pdbx_database_status.status_code                     REL 
_pdbx_database_status.entry_id                        1MIT 
_pdbx_database_status.recvd_initial_deposition_date   1995-10-26 
_pdbx_database_status.deposit_site                    ? 
_pdbx_database_status.process_site                    BNL 
_pdbx_database_status.status_code_sf                  ? 
_pdbx_database_status.status_code_mr                  REL 
_pdbx_database_status.SG_entry                        ? 
_pdbx_database_status.pdb_format_compatible           Y 
_pdbx_database_status.status_code_cs                  ? 
_pdbx_database_status.methods_development_category    ? 
_pdbx_database_status.status_code_nmr_data            ? 
# 
loop_
_audit_author.name 
_audit_author.pdbx_ordinal 
'Cai, M.'            1 
'Gong, Y.'           2 
'Huang, Y.'          3 
'Liu, J.'            4 
'Prakash, O.'        5 
'Wen, L.'            6 
'Wen, J.J.'          7 
'Huang, J.-K.'       8 
'Krishnamoorthi, R.' 9 
# 
loop_
_citation.id 
_citation.title 
_citation.journal_abbrev 
_citation.journal_volume 
_citation.page_first 
_citation.page_last 
_citation.year 
_citation.journal_id_ASTM 
_citation.country 
_citation.journal_id_ISSN 
_citation.journal_id_CSD 
_citation.book_publisher 
_citation.pdbx_database_id_PubMed 
_citation.pdbx_database_id_DOI 
primary 
'Solution structure and backbone dynamics of recombinant Cucurbita maxima trypsin inhibitor-V determined by NMR spectroscopy.' 
Biochemistry          35  1516 1524 1996 BICHAW US 0006-2960 0033 ? 8634282 10.1021/bi952466d 
1       'Investigation of Solution Conformation of Cucurbita Maxima Trypsin Inhibitor V from Pumpkin Seeds Via NMR Spectroscopy' 
Biochemistry          34  5201 ?    1995 BICHAW US 0006-2960 0033 ? ?       ?                 
2       
;Chemical Synthesis, Molecular Cloning, Over Expression, and Site-Directed Mutagenesis of the Gene Coding for Pumpkin (Cucurbita Maxima) Trypsin Inhibitor Cmti-V
;
'Protein Expr.Purif.' 4   215  ?    1993 PEXPEJ US 1046-5928 0757 ? ?       ?                 
3       'A New Protein Inhibitor of Trypsin and Activated Hageman Factor from Pumpkin (Cucurbita Maxima) Seeds' 'FEBS Lett.' 273 
163  ?    1990 FEBLAL NE 0014-5793 0165 ? ?       ?                 
# 
loop_
_citation_author.citation_id 
_citation_author.name 
_citation_author.ordinal 
_citation_author.identifier_ORCID 
primary 'Liu, J.'            1  ? 
primary 'Prakash, O.'        2  ? 
primary 'Cai, M.'            3  ? 
primary 'Gong, Y.'           4  ? 
primary 'Huang, Y.'          5  ? 
primary 'Wen, L.'            6  ? 
primary 'Wen, J.J.'          7  ? 
primary 'Huang, J.K.'        8  ? 
primary 'Krishnamoorthi, R.' 9  ? 
1       'Cai, M.'            10 ? 
1       'Gong, Y.'           11 ? 
1       'Kao, J.L.F.'        12 ? 
1       'Krishnamoorthi, R.' 13 ? 
2       'Wen, L.'            14 ? 
2       'Kim, S.'            15 ? 
2       'Tinn, T.T.'         16 ? 
2       'Huang, J.-K.'       17 ? 
2       'Krishnamoorthi, R.' 18 ? 
2       'Gong, Y.'           19 ? 
2       'Lwin, Y.N.'         20 ? 
2       'Kyin, S.'           21 ? 
3       'Krishnamoorthi, R.' 22 ? 
3       'Gong, Y.'           23 ? 
3       'Richardson, M.'     24 ? 
# 
_entity.id                         1 
_entity.type                       polymer 
_entity.src_method                 man 
_entity.pdbx_description           'TRYPSIN INHIBITOR V' 
_entity.formula_weight             7431.653 
_entity.pdbx_number_of_molecules   1 
_entity.pdbx_ec                    ? 
_entity.pdbx_mutation              ? 
_entity.pdbx_fragment              ? 
_entity.details                    ? 
# 
_entity_name_com.entity_id   1 
_entity_name_com.name        RCMTI-V 
# 
_entity_poly.entity_id                      1 
_entity_poly.type                           'polypeptide(L)' 
_entity_poly.nstd_linkage                   no 
_entity_poly.nstd_monomer                   no 
_entity_poly.pdbx_seq_one_letter_code       GSSCPGKSSWPHLVGVGGSVAKAIIERQNPNVKAVILEEGTPVTKDFRCNRVRIWVNKRGLVVSPPRIG 
_entity_poly.pdbx_seq_one_letter_code_can   GSSCPGKSSWPHLVGVGGSVAKAIIERQNPNVKAVILEEGTPVTKDFRCNRVRIWVNKRGLVVSPPRIG 
_entity_poly.pdbx_strand_id                 A 
_entity_poly.pdbx_target_identifier         ? 
# 
loop_
_entity_poly_seq.entity_id 
_entity_poly_seq.num 
_entity_poly_seq.mon_id 
_entity_poly_seq.hetero 
1 1  GLY n 
1 2  SER n 
1 3  SER n 
1 4  CYS n 
1 5  PRO n 
1 6  GLY n 
1 7  LYS n 
1 8  SER n 
1 9  SER n 
1 10 TRP n 
1 11 PRO n 
1 12 HIS n 
1 13 LEU n 
1 14 VAL n 
1 15 GLY n 
1 16 VAL n 
1 17 GLY n 
1 18 GLY n 
1 19 SER n 
1 20 VAL n 
1 21 ALA n 
1 22 LYS n 
1 23 ALA n 
1 24 ILE n 
1 25 ILE n 
1 26 GLU n 
1 27 ARG n 
1 28 GLN n 
1 29 ASN n 
1 30 PRO n 
1 31 ASN n 
1 32 VAL n 
1 33 LYS n 
1 34 ALA n 
1 35 VAL n 
1 36 ILE n 
1 37 LEU n 
1 38 GLU n 
1 39 GLU n 
1 40 GLY n 
1 41 THR n 
1 42 PRO n 
1 43 VAL n 
1 44 THR n 
1 45 LYS n 
1 46 ASP n 
1 47 PHE n 
1 48 ARG n 
1 49 CYS n 
1 50 ASN n 
1 51 ARG n 
1 52 VAL n 
1 53 ARG n 
1 54 ILE n 
1 55 TRP n 
1 56 VAL n 
1 57 ASN n 
1 58 LYS n 
1 59 ARG n 
1 60 GLY n 
1 61 LEU n 
1 62 VAL n 
1 63 VAL n 
1 64 SER n 
1 65 PRO n 
1 66 PRO n 
1 67 ARG n 
1 68 ILE n 
1 69 GLY n 
# 
_entity_src_gen.entity_id                          1 
_entity_src_gen.pdbx_src_id                        1 
_entity_src_gen.pdbx_alt_source_flag               sample 
_entity_src_gen.pdbx_seq_type                      ? 
_entity_src_gen.pdbx_beg_seq_num                   ? 
_entity_src_gen.pdbx_end_seq_num                   ? 
_entity_src_gen.gene_src_common_name               'winter squash' 
_entity_src_gen.gene_src_genus                     Cucurbita 
_entity_src_gen.pdbx_gene_src_gene                 ? 
_entity_src_gen.gene_src_species                   ? 
_entity_src_gen.gene_src_strain                    ? 
_entity_src_gen.gene_src_tissue                    ? 
_entity_src_gen.gene_src_tissue_fraction           ? 
_entity_src_gen.gene_src_details                   ? 
_entity_src_gen.pdbx_gene_src_fragment             ? 
_entity_src_gen.pdbx_gene_src_scientific_name      'Cucurbita maxima' 
_entity_src_gen.pdbx_gene_src_ncbi_taxonomy_id     3661 
_entity_src_gen.pdbx_gene_src_variant              ? 
_entity_src_gen.pdbx_gene_src_cell_line            ? 
_entity_src_gen.pdbx_gene_src_atcc                 ? 
_entity_src_gen.pdbx_gene_src_organ                SEED 
_entity_src_gen.pdbx_gene_src_organelle            ? 
_entity_src_gen.pdbx_gene_src_cell                 ? 
_entity_src_gen.pdbx_gene_src_cellular_location    ? 
_entity_src_gen.host_org_common_name               ? 
_entity_src_gen.pdbx_host_org_scientific_name      'Escherichia coli' 
_entity_src_gen.pdbx_host_org_ncbi_taxonomy_id     562 
_entity_src_gen.host_org_genus                     Escherichia 
_entity_src_gen.pdbx_host_org_gene                 ? 
_entity_src_gen.pdbx_host_org_organ                ? 
_entity_src_gen.host_org_species                   ? 
_entity_src_gen.pdbx_host_org_tissue               ? 
_entity_src_gen.pdbx_host_org_tissue_fraction      ? 
_entity_src_gen.pdbx_host_org_strain               ? 
_entity_src_gen.pdbx_host_org_variant              ? 
_entity_src_gen.pdbx_host_org_cell_line            ? 
_entity_src_gen.pdbx_host_org_atcc                 ? 
_entity_src_gen.pdbx_host_org_culture_collection   ? 
_entity_src_gen.pdbx_host_org_cell                 ? 
_entity_src_gen.pdbx_host_org_organelle            ? 
_entity_src_gen.pdbx_host_org_cellular_location    ? 
_entity_src_gen.pdbx_host_org_vector_type          ? 
_entity_src_gen.pdbx_host_org_vector               ? 
_entity_src_gen.host_org_details                   ? 
_entity_src_gen.expression_system_id               ? 
_entity_src_gen.plasmid_name                       ? 
_entity_src_gen.plasmid_details                    ? 
_entity_src_gen.pdbx_description                   ? 
# 
loop_
_chem_comp.id 
_chem_comp.type 
_chem_comp.mon_nstd_flag 
_chem_comp.name 
_chem_comp.pdbx_synonyms 
_chem_comp.formula 
_chem_comp.formula_weight 
ALA 'L-peptide linking' y ALANINE         ? 'C3 H7 N O2'     89.093  
ARG 'L-peptide linking' y ARGININE        ? 'C6 H15 N4 O2 1' 175.209 
ASN 'L-peptide linking' y ASPARAGINE      ? 'C4 H8 N2 O3'    132.118 
ASP 'L-peptide linking' y 'ASPARTIC ACID' ? 'C4 H7 N O4'     133.103 
CYS 'L-peptide linking' y CYSTEINE        ? 'C3 H7 N O2 S'   121.158 
GLN 'L-peptide linking' y GLUTAMINE       ? 'C5 H10 N2 O3'   146.144 
GLU 'L-peptide linking' y 'GLUTAMIC ACID' ? 'C5 H9 N O4'     147.129 
GLY 'peptide linking'   y GLYCINE         ? 'C2 H5 N O2'     75.067  
HIS 'L-peptide linking' y HISTIDINE       ? 'C6 H10 N3 O2 1' 156.162 
ILE 'L-peptide linking' y ISOLEUCINE      ? 'C6 H13 N O2'    131.173 
LEU 'L-peptide linking' y LEUCINE         ? 'C6 H13 N O2'    131.173 
LYS 'L-peptide linking' y LYSINE          ? 'C6 H15 N2 O2 1' 147.195 
PHE 'L-peptide linking' y PHENYLALANINE   ? 'C9 H11 N O2'    165.189 
PRO 'L-peptide linking' y PROLINE         ? 'C5 H9 N O2'     115.130 
SER 'L-peptide linking' y SERINE          ? 'C3 H7 N O3'     105.093 
THR 'L-peptide linking' y THREONINE       ? 'C4 H9 N O3'     119.119 
TRP 'L-peptide linking' y TRYPTOPHAN      ? 'C11 H12 N2 O2'  204.225 
VAL 'L-peptide linking' y VALINE          ? 'C5 H11 N O2'    117.146 
# 
loop_
_pdbx_poly_seq_scheme.asym_id 
_pdbx_poly_seq_scheme.entity_id 
_pdbx_poly_seq_scheme.seq_id 
_pdbx_poly_seq_scheme.mon_id 
_pdbx_poly_seq_scheme.ndb_seq_num 
_pdbx_poly_seq_scheme.pdb_seq_num 
_pdbx_poly_seq_scheme.auth_seq_num 
_pdbx_poly_seq_scheme.pdb_mon_id 
_pdbx_poly_seq_scheme.auth_mon_id 
_pdbx_poly_seq_scheme.pdb_strand_id 
_pdbx_poly_seq_scheme.pdb_ins_code 
_pdbx_poly_seq_scheme.hetero 
A 1 1  GLY 1  1  1  GLY GLY A A n 
A 1 2  SER 2  1  1  SER SER A . n 
A 1 3  SER 3  2  2  SER SER A . n 
A 1 4  CYS 4  3  3  CYS CYS A . n 
A 1 5  PRO 5  4  4  PRO PRO A . n 
A 1 6  GLY 6  5  5  GLY GLY A . n 
A 1 7  LYS 7  6  6  LYS LYS A . n 
A 1 8  SER 8  7  7  SER SER A . n 
A 1 9  SER 9  8  8  SER SER A . n 
A 1 10 TRP 10 9  9  TRP TRP A . n 
A 1 11 PRO 11 10 10 PRO PRO A . n 
A 1 12 HIS 12 11 11 HIS HIS A . n 
A 1 13 LEU 13 12 12 LEU LEU A . n 
A 1 14 VAL 14 13 13 VAL VAL A . n 
A 1 15 GLY 15 14 14 GLY GLY A . n 
A 1 16 VAL 16 15 15 VAL VAL A . n 
A 1 17 GLY 17 16 16 GLY GLY A . n 
A 1 18 GLY 18 17 17 GLY GLY A . n 
A 1 19 SER 19 18 18 SER SER A . n 
A 1 20 VAL 20 19 19 VAL VAL A . n 
A 1 21 ALA 21 20 20 ALA ALA A . n 
A 1 22 LYS 22 21 21 LYS LYS A . n 
A 1 23 ALA 23 22 22 ALA ALA A . n 
A 1 24 ILE 24 23 23 ILE ILE A . n 
A 1 25 ILE 25 24 24 ILE ILE A . n 
A 1 26 GLU 26 25 25 GLU GLU A . n 
A 1 27 ARG 27 26 26 ARG ARG A . n 
A 1 28 GLN 28 27 27 GLN GLN A . n 
A 1 29 ASN 29 28 28 ASN ASN A . n 
A 1 30 PRO 30 29 29 PRO PRO A . n 
A 1 31 ASN 31 30 30 ASN ASN A . n 
A 1 32 VAL 32 31 31 VAL VAL A . n 
A 1 33 LYS 33 32 32 LYS LYS A . n 
A 1 34 ALA 34 33 33 ALA ALA A . n 
A 1 35 VAL 35 34 34 VAL VAL A . n 
A 1 36 ILE 36 35 35 ILE ILE A . n 
A 1 37 LEU 37 36 36 LEU LEU A . n 
A 1 38 GLU 38 37 37 GLU GLU A . n 
A 1 39 GLU 39 38 38 GLU GLU A . n 
A 1 40 GLY 40 39 39 GLY GLY A . n 
A 1 41 THR 41 40 40 THR THR A . n 
A 1 42 PRO 42 41 41 PRO PRO A . n 
A 1 43 VAL 43 42 42 VAL VAL A . n 
A 1 44 THR 44 43 43 THR THR A . n 
A 1 45 LYS 45 44 44 LYS LYS A . n 
A 1 46 ASP 46 45 45 ASP ASP A . n 
A 1 47 PHE 47 46 46 PHE PHE A . n 
A 1 48 ARG 48 47 47 ARG ARG A . n 
A 1 49 CYS 49 48 48 CYS CYS A . n 
A 1 50 ASN 50 49 49 ASN ASN A . n 
A 1 51 ARG 51 50 50 ARG ARG A . n 
A 1 52 VAL 52 51 51 VAL VAL A . n 
A 1 53 ARG 53 52 52 ARG ARG A . n 
A 1 54 ILE 54 53 53 ILE ILE A . n 
A 1 55 TRP 55 54 54 TRP TRP A . n 
A 1 56 VAL 56 55 55 VAL VAL A . n 
A 1 57 ASN 57 56 56 ASN ASN A . n 
A 1 58 LYS 58 57 57 LYS LYS A . n 
A 1 59 ARG 59 58 58 ARG ARG A . n 
A 1 60 GLY 60 59 59 GLY GLY A . n 
A 1 61 LEU 61 60 60 LEU LEU A . n 
A 1 62 VAL 62 61 61 VAL VAL A . n 
A 1 63 VAL 63 62 62 VAL VAL A . n 
A 1 64 SER 64 63 63 SER SER A . n 
A 1 65 PRO 65 64 64 PRO PRO A . n 
A 1 66 PRO 66 65 65 PRO PRO A . n 
A 1 67 ARG 67 66 66 ARG ARG A . n 
A 1 68 ILE 68 67 67 ILE ILE A . n 
A 1 69 GLY 69 68 68 GLY GLY A . n 
# 
_cell.entry_id           1MIT 
_cell.length_a           1.000 
_cell.length_b           1.000 
_cell.length_c           1.000 
_cell.angle_alpha        90.00 
_cell.angle_beta         90.00 
_cell.angle_gamma        90.00 
_cell.Z_PDB              1 
_cell.pdbx_unique_axis   ? 
# 
_symmetry.entry_id                         1MIT 
_symmetry.space_group_name_H-M             'P 1' 
_symmetry.pdbx_full_space_group_name_H-M   ? 
_symmetry.cell_setting                     ? 
_symmetry.Int_Tables_number                1 
# 
_exptl.entry_id          1MIT 
_exptl.method            'SOLUTION NMR' 
_exptl.crystals_number   ? 
# 
_struct.entry_id                  1MIT 
_struct.title                     'RECOMBINANT CUCURBITA MAXIMA TRYPSIN INHIBITOR V (RCMTI-V) (NMR, MINIMIZED AVERAGE STRUCTURE)' 
_struct.pdbx_model_details        ? 
_struct.pdbx_CASP_flag            ? 
_struct.pdbx_model_type_details   ? 
# 
_struct_keywords.entry_id        1MIT 
_struct_keywords.pdbx_keywords   'SERINE PROTEASE INHIBITOR (RCMTI-V)' 
_struct_keywords.text            'SERINE PROTEASE INHIBITOR (RCMTI-V)' 
# 
_struct_asym.id                            A 
_struct_asym.pdbx_blank_PDB_chainid_flag   Y 
_struct_asym.pdbx_modified                 N 
_struct_asym.entity_id                     1 
_struct_asym.details                       ? 
# 
_struct_ref.id                         1 
_struct_ref.db_name                    UNP 
_struct_ref.db_code                    ITH5_CUCMA 
_struct_ref.entity_id                  1 
_struct_ref.pdbx_db_accession          P19873 
_struct_ref.pdbx_align_begin           1 
_struct_ref.pdbx_seq_one_letter_code   SSCPGKSSWPHLVGVGGSVAKAIIERQNPNVKAVILEEGTPVTKDFRCNRVRIWVNKRGLVVSPPRIG 
_struct_ref.pdbx_db_isoform            ? 
# 
_struct_ref_seq.align_id                      1 
_struct_ref_seq.ref_id                        1 
_struct_ref_seq.pdbx_PDB_id_code              1MIT 
_struct_ref_seq.pdbx_strand_id                A 
_struct_ref_seq.seq_align_beg                 2 
_struct_ref_seq.pdbx_seq_align_beg_ins_code   ? 
_struct_ref_seq.seq_align_end                 69 
_struct_ref_seq.pdbx_seq_align_end_ins_code   ? 
_struct_ref_seq.pdbx_db_accession             P19873 
_struct_ref_seq.db_align_beg                  1 
_struct_ref_seq.pdbx_db_align_beg_ins_code    ? 
_struct_ref_seq.db_align_end                  68 
_struct_ref_seq.pdbx_db_align_end_ins_code    ? 
_struct_ref_seq.pdbx_auth_seq_align_beg       1 
_struct_ref_seq.pdbx_auth_seq_align_end       68 
# 
_pdbx_struct_assembly.id                   1 
_pdbx_struct_assembly.details              author_defined_assembly 
_pdbx_struct_assembly.method_details       ? 
_pdbx_struct_assembly.oligomeric_details   monomeric 
_pdbx_struct_assembly.oligomeric_count     1 
# 
_pdbx_struct_assembly_gen.assembly_id       1 
_pdbx_struct_assembly_gen.oper_expression   1 
_pdbx_struct_assembly_gen.asym_id_list      A 
# 
_pdbx_struct_oper_list.id                   1 
_pdbx_struct_oper_list.type                 'identity operation' 
_pdbx_struct_oper_list.name                 1_555 
_pdbx_struct_oper_list.symmetry_operation   ? 
_pdbx_struct_oper_list.matrix[1][1]         1.0000000000 
_pdbx_struct_oper_list.matrix[1][2]         0.0000000000 
_pdbx_struct_oper_list.matrix[1][3]         0.0000000000 
_pdbx_struct_oper_list.vector[1]            0.0000000000 
_pdbx_struct_oper_list.matrix[2][1]         0.0000000000 
_pdbx_struct_oper_list.matrix[2][2]         1.0000000000 
_pdbx_struct_oper_list.matrix[2][3]         0.0000000000 
_pdbx_struct_oper_list.vector[2]            0.0000000000 
_pdbx_struct_oper_list.matrix[3][1]         0.0000000000 
_pdbx_struct_oper_list.matrix[3][2]         0.0000000000 
_pdbx_struct_oper_list.matrix[3][3]         1.0000000000 
_pdbx_struct_oper_list.vector[3]            0.0000000000 
# 
_struct_biol.id   1 
# 
_struct_conf.conf_type_id            HELX_P 
_struct_conf.id                      HELX_P1 
_struct_conf.pdbx_PDB_helix_id       A 
_struct_conf.beg_label_comp_id       SER 
_struct_conf.beg_label_asym_id       A 
_struct_conf.beg_label_seq_id        19 
_struct_conf.pdbx_beg_PDB_ins_code   ? 
_struct_conf.end_label_comp_id       ASN 
_struct_conf.end_label_asym_id       A 
_struct_conf.end_label_seq_id        29 
_struct_conf.pdbx_end_PDB_ins_code   ? 
_struct_conf.beg_auth_comp_id        SER 
_struct_conf.beg_auth_asym_id        A 
_struct_conf.beg_auth_seq_id         18 
_struct_conf.end_auth_comp_id        ASN 
_struct_conf.end_auth_asym_id        A 
_struct_conf.end_auth_seq_id         28 
_struct_conf.pdbx_PDB_helix_class    1 
_struct_conf.details                 ? 
_struct_conf.pdbx_PDB_helix_length   11 
# 
_struct_conf_type.id          HELX_P 
_struct_conf_type.criteria    ? 
_struct_conf_type.reference   ? 
# 
_struct_conn.id                            disulf1 
_struct_conn.conn_type_id                  disulf 
_struct_conn.pdbx_leaving_atom_flag        ? 
_struct_conn.pdbx_PDB_id                   ? 
_struct_conn.ptnr1_label_asym_id           A 
_struct_conn.ptnr1_label_comp_id           CYS 
_struct_conn.ptnr1_label_seq_id            4 
_struct_conn.ptnr1_label_atom_id           SG 
_struct_conn.pdbx_ptnr1_label_alt_id       ? 
_struct_conn.pdbx_ptnr1_PDB_ins_code       ? 
_struct_conn.pdbx_ptnr1_standard_comp_id   ? 
_struct_conn.ptnr1_symmetry                1_555 
_struct_conn.ptnr2_label_asym_id           A 
_struct_conn.ptnr2_label_comp_id           CYS 
_struct_conn.ptnr2_label_seq_id            49 
_struct_conn.ptnr2_label_atom_id           SG 
_struct_conn.pdbx_ptnr2_label_alt_id       ? 
_struct_conn.pdbx_ptnr2_PDB_ins_code       ? 
_struct_conn.ptnr1_auth_asym_id            A 
_struct_conn.ptnr1_auth_comp_id            CYS 
_struct_conn.ptnr1_auth_seq_id             3 
_struct_conn.ptnr2_auth_asym_id            A 
_struct_conn.ptnr2_auth_comp_id            CYS 
_struct_conn.ptnr2_auth_seq_id             48 
_struct_conn.ptnr2_symmetry                1_555 
_struct_conn.pdbx_ptnr3_label_atom_id      ? 
_struct_conn.pdbx_ptnr3_label_seq_id       ? 
_struct_conn.pdbx_ptnr3_label_comp_id      ? 
_struct_conn.pdbx_ptnr3_label_asym_id      ? 
_struct_conn.pdbx_ptnr3_label_alt_id       ? 
_struct_conn.pdbx_ptnr3_PDB_ins_code       ? 
_struct_conn.details                       ? 
_struct_conn.pdbx_dist_value               2.019 
_struct_conn.pdbx_value_order              ? 
_struct_conn.pdbx_role                     ? 
# 
_struct_conn_type.id          disulf 
_struct_conn_type.criteria    ? 
_struct_conn_type.reference   ? 
# 
_pdbx_modification_feature.ordinal                            1 
_pdbx_modification_feature.label_comp_id                      CYS 
_pdbx_modification_feature.label_asym_id                      A 
_pdbx_modification_feature.label_seq_id                       4 
_pdbx_modification_feature.label_alt_id                       ? 
_pdbx_modification_feature.modified_residue_label_comp_id     CYS 
_pdbx_modification_feature.modified_residue_label_asym_id     A 
_pdbx_modification_feature.modified_residue_label_seq_id      49 
_pdbx_modification_feature.modified_residue_label_alt_id      ? 
_pdbx_modification_feature.auth_comp_id                       CYS 
_pdbx_modification_feature.auth_asym_id                       A 
_pdbx_modification_feature.auth_seq_id                        3 
_pdbx_modification_feature.PDB_ins_code                       ? 
_pdbx_modification_feature.symmetry                           1_555 
_pdbx_modification_feature.modified_residue_auth_comp_id      CYS 
_pdbx_modification_feature.modified_residue_auth_asym_id      A 
_pdbx_modification_feature.modified_residue_auth_seq_id       48 
_pdbx_modification_feature.modified_residue_PDB_ins_code      ? 
_pdbx_modification_feature.modified_residue_symmetry          1_555 
_pdbx_modification_feature.comp_id_linking_atom               SG 
_pdbx_modification_feature.modified_residue_id_linking_atom   SG 
_pdbx_modification_feature.modified_residue_id                . 
_pdbx_modification_feature.ref_pcm_id                         . 
_pdbx_modification_feature.ref_comp_id                        . 
_pdbx_modification_feature.type                               None 
_pdbx_modification_feature.category                           'Disulfide bridge' 
# 
loop_
_struct_sheet.id 
_struct_sheet.type 
_struct_sheet.number_strands 
_struct_sheet.details 
S1 ? 2 ? 
S2 ? 3 ? 
# 
loop_
_struct_sheet_order.sheet_id 
_struct_sheet_order.range_id_1 
_struct_sheet_order.range_id_2 
_struct_sheet_order.offset 
_struct_sheet_order.sense 
S1 1 2 ? anti-parallel 
S2 1 2 ? parallel      
S2 2 3 ? anti-parallel 
# 
loop_
_struct_sheet_range.sheet_id 
_struct_sheet_range.id 
_struct_sheet_range.beg_label_comp_id 
_struct_sheet_range.beg_label_asym_id 
_struct_sheet_range.beg_label_seq_id 
_struct_sheet_range.pdbx_beg_PDB_ins_code 
_struct_sheet_range.end_label_comp_id 
_struct_sheet_range.end_label_asym_id 
_struct_sheet_range.end_label_seq_id 
_struct_sheet_range.pdbx_end_PDB_ins_code 
_struct_sheet_range.beg_auth_comp_id 
_struct_sheet_range.beg_auth_asym_id 
_struct_sheet_range.beg_auth_seq_id 
_struct_sheet_range.end_auth_comp_id 
_struct_sheet_range.end_auth_asym_id 
_struct_sheet_range.end_auth_seq_id 
S1 1 SER A 8  ? TRP A 10 ? SER A 7  TRP A 9  
S1 2 ARG A 67 ? ILE A 68 ? ARG A 66 ILE A 67 
S2 1 LYS A 33 ? GLU A 39 ? LYS A 32 GLU A 38 
S2 2 ARG A 51 ? ASN A 57 ? ARG A 50 ASN A 56 
S2 3 LEU A 61 ? VAL A 63 ? LEU A 60 VAL A 62 
# 
loop_
_pdbx_struct_sheet_hbond.sheet_id 
_pdbx_struct_sheet_hbond.range_id_1 
_pdbx_struct_sheet_hbond.range_id_2 
_pdbx_struct_sheet_hbond.range_1_label_atom_id 
_pdbx_struct_sheet_hbond.range_1_label_comp_id 
_pdbx_struct_sheet_hbond.range_1_label_asym_id 
_pdbx_struct_sheet_hbond.range_1_label_seq_id 
_pdbx_struct_sheet_hbond.range_1_PDB_ins_code 
_pdbx_struct_sheet_hbond.range_1_auth_atom_id 
_pdbx_struct_sheet_hbond.range_1_auth_comp_id 
_pdbx_struct_sheet_hbond.range_1_auth_asym_id 
_pdbx_struct_sheet_hbond.range_1_auth_seq_id 
_pdbx_struct_sheet_hbond.range_2_label_atom_id 
_pdbx_struct_sheet_hbond.range_2_label_comp_id 
_pdbx_struct_sheet_hbond.range_2_label_asym_id 
_pdbx_struct_sheet_hbond.range_2_label_seq_id 
_pdbx_struct_sheet_hbond.range_2_PDB_ins_code 
_pdbx_struct_sheet_hbond.range_2_auth_atom_id 
_pdbx_struct_sheet_hbond.range_2_auth_comp_id 
_pdbx_struct_sheet_hbond.range_2_auth_asym_id 
_pdbx_struct_sheet_hbond.range_2_auth_seq_id 
S1 1 2 O SER A 8  ? O SER A 7  N ILE A 68 ? N ILE A 67 
S2 1 2 N GLU A 39 ? N GLU A 38 O ASN A 57 ? O ASN A 56 
S2 2 3 N TRP A 55 ? N TRP A 54 O VAL A 63 ? O VAL A 62 
# 
_pdbx_entry_details.entry_id                   1MIT 
_pdbx_entry_details.compound_details           ? 
_pdbx_entry_details.source_details             ? 
_pdbx_entry_details.nonpolymer_details         ? 
_pdbx_entry_details.sequence_details           ? 
_pdbx_entry_details.has_ligand_of_interest     ? 
_pdbx_entry_details.has_protein_modification   Y 
# 
loop_
_pdbx_validate_close_contact.id 
_pdbx_validate_close_contact.PDB_model_num 
_pdbx_validate_close_contact.auth_atom_id_1 
_pdbx_validate_close_contact.auth_asym_id_1 
_pdbx_validate_close_contact.auth_comp_id_1 
_pdbx_validate_close_contact.auth_seq_id_1 
_pdbx_validate_close_contact.PDB_ins_code_1 
_pdbx_validate_close_contact.label_alt_id_1 
_pdbx_validate_close_contact.auth_atom_id_2 
_pdbx_validate_close_contact.auth_asym_id_2 
_pdbx_validate_close_contact.auth_comp_id_2 
_pdbx_validate_close_contact.auth_seq_id_2 
_pdbx_validate_close_contact.PDB_ins_code_2 
_pdbx_validate_close_contact.label_alt_id_2 
_pdbx_validate_close_contact.dist 
1 1 H    A THR 40 ? ? HZ3  A TRP 54 ? ? 1.26 
2 1 HG22 A ILE 24 ? ? HB   A VAL 51 ? ? 1.27 
3 1 HD11 A ILE 24 ? ? HB3  A ALA 33 ? ? 1.28 
4 1 HA3  A GLY 5  ? ? HD22 A ASN 28 ? ? 1.31 
5 1 HB3  A ASN 28 ? ? HG23 A VAL 31 ? ? 1.32 
# 
loop_
_pdbx_validate_rmsd_bond.id 
_pdbx_validate_rmsd_bond.PDB_model_num 
_pdbx_validate_rmsd_bond.auth_atom_id_1 
_pdbx_validate_rmsd_bond.auth_asym_id_1 
_pdbx_validate_rmsd_bond.auth_comp_id_1 
_pdbx_validate_rmsd_bond.auth_seq_id_1 
_pdbx_validate_rmsd_bond.PDB_ins_code_1 
_pdbx_validate_rmsd_bond.label_alt_id_1 
_pdbx_validate_rmsd_bond.auth_atom_id_2 
_pdbx_validate_rmsd_bond.auth_asym_id_2 
_pdbx_validate_rmsd_bond.auth_comp_id_2 
_pdbx_validate_rmsd_bond.auth_seq_id_2 
_pdbx_validate_rmsd_bond.PDB_ins_code_2 
_pdbx_validate_rmsd_bond.label_alt_id_2 
_pdbx_validate_rmsd_bond.bond_value 
_pdbx_validate_rmsd_bond.bond_target_value 
_pdbx_validate_rmsd_bond.bond_deviation 
_pdbx_validate_rmsd_bond.bond_standard_deviation 
_pdbx_validate_rmsd_bond.linker_flag 
1 1 CG A HIS 11 ? ? ND1 A HIS 11 ? ? 1.268 1.369 -0.101 0.015 N 
2 1 CG A TRP 54 ? ? CD2 A TRP 54 ? ? 1.330 1.432 -0.102 0.017 N 
# 
loop_
_pdbx_validate_rmsd_angle.id 
_pdbx_validate_rmsd_angle.PDB_model_num 
_pdbx_validate_rmsd_angle.auth_atom_id_1 
_pdbx_validate_rmsd_angle.auth_asym_id_1 
_pdbx_validate_rmsd_angle.auth_comp_id_1 
_pdbx_validate_rmsd_angle.auth_seq_id_1 
_pdbx_validate_rmsd_angle.PDB_ins_code_1 
_pdbx_validate_rmsd_angle.label_alt_id_1 
_pdbx_validate_rmsd_angle.auth_atom_id_2 
_pdbx_validate_rmsd_angle.auth_asym_id_2 
_pdbx_validate_rmsd_angle.auth_comp_id_2 
_pdbx_validate_rmsd_angle.auth_seq_id_2 
_pdbx_validate_rmsd_angle.PDB_ins_code_2 
_pdbx_validate_rmsd_angle.label_alt_id_2 
_pdbx_validate_rmsd_angle.auth_atom_id_3 
_pdbx_validate_rmsd_angle.auth_asym_id_3 
_pdbx_validate_rmsd_angle.auth_comp_id_3 
_pdbx_validate_rmsd_angle.auth_seq_id_3 
_pdbx_validate_rmsd_angle.PDB_ins_code_3 
_pdbx_validate_rmsd_angle.label_alt_id_3 
_pdbx_validate_rmsd_angle.angle_value 
_pdbx_validate_rmsd_angle.angle_target_value 
_pdbx_validate_rmsd_angle.angle_deviation 
_pdbx_validate_rmsd_angle.angle_standard_deviation 
_pdbx_validate_rmsd_angle.linker_flag 
1 1 CG  A TRP 9  ? ? CD1 A TRP 9  ? ? NE1 A TRP 9  ? ? 103.65 110.10 -6.45 1.00 N 
2 1 CD1 A TRP 9  ? ? NE1 A TRP 9  ? ? CE2 A TRP 9  ? ? 115.07 109.00 6.07  0.90 N 
3 1 NE1 A TRP 9  ? ? CE2 A TRP 9  ? ? CZ2 A TRP 9  ? ? 139.30 130.40 8.90  1.10 N 
4 1 NE1 A TRP 9  ? ? CE2 A TRP 9  ? ? CD2 A TRP 9  ? ? 100.83 107.30 -6.47 1.00 N 
5 1 CG  A TRP 54 ? ? CD1 A TRP 54 ? ? NE1 A TRP 54 ? ? 103.55 110.10 -6.55 1.00 N 
6 1 CD1 A TRP 54 ? ? NE1 A TRP 54 ? ? CE2 A TRP 54 ? ? 115.09 109.00 6.09  0.90 N 
7 1 NE1 A TRP 54 ? ? CE2 A TRP 54 ? ? CZ2 A TRP 54 ? ? 139.00 130.40 8.60  1.10 N 
8 1 NE1 A TRP 54 ? ? CE2 A TRP 54 ? ? CD2 A TRP 54 ? ? 100.95 107.30 -6.35 1.00 N 
# 
loop_
_pdbx_validate_torsion.id 
_pdbx_validate_torsion.PDB_model_num 
_pdbx_validate_torsion.auth_comp_id 
_pdbx_validate_torsion.auth_asym_id 
_pdbx_validate_torsion.auth_seq_id 
_pdbx_validate_torsion.PDB_ins_code 
_pdbx_validate_torsion.label_alt_id 
_pdbx_validate_torsion.phi 
_pdbx_validate_torsion.psi 
1 1 SER A 1  ? ? -103.70 -128.56 
2 1 PRO A 10 ? ? -68.31  -99.96  
3 1 PRO A 29 ? ? -59.14  -9.71   
4 1 GLU A 38 ? ? -43.35  95.16   
5 1 PRO A 41 ? ? -56.71  94.66   
6 1 VAL A 42 ? ? -115.85 -169.48 
7 1 ARG A 58 ? ? -56.38  -5.11   
8 1 PRO A 64 ? ? -57.42  102.85  
9 1 PRO A 65 ? ? -63.61  22.10   
# 
loop_
_pdbx_validate_planes.id 
_pdbx_validate_planes.PDB_model_num 
_pdbx_validate_planes.auth_comp_id 
_pdbx_validate_planes.auth_asym_id 
_pdbx_validate_planes.auth_seq_id 
_pdbx_validate_planes.PDB_ins_code 
_pdbx_validate_planes.label_alt_id 
_pdbx_validate_planes.rmsd 
_pdbx_validate_planes.type 
1 1 ARG A 47 ? ? 0.304 'SIDE CHAIN' 
2 1 ARG A 52 ? ? 0.314 'SIDE CHAIN' 
3 1 ARG A 66 ? ? 0.191 'SIDE CHAIN' 
# 
_pdbx_nmr_ensemble.entry_id                             1MIT 
_pdbx_nmr_ensemble.conformers_calculated_total_number   ? 
_pdbx_nmr_ensemble.conformers_submitted_total_number    1 
_pdbx_nmr_ensemble.conformer_selection_criteria         ? 
# 
loop_
_chem_comp_atom.comp_id 
_chem_comp_atom.atom_id 
_chem_comp_atom.type_symbol 
_chem_comp_atom.pdbx_aromatic_flag 
_chem_comp_atom.pdbx_stereo_config 
_chem_comp_atom.pdbx_ordinal 
ALA N    N N N 1   
ALA CA   C N S 2   
ALA C    C N N 3   
ALA O    O N N 4   
ALA CB   C N N 5   
ALA OXT  O N N 6   
ALA H    H N N 7   
ALA H2   H N N 8   
ALA HA   H N N 9   
ALA HB1  H N N 10  
ALA HB2  H N N 11  
ALA HB3  H N N 12  
ALA HXT  H N N 13  
ARG N    N N N 14  
ARG CA   C N S 15  
ARG C    C N N 16  
ARG O    O N N 17  
ARG CB   C N N 18  
ARG CG   C N N 19  
ARG CD   C N N 20  
ARG NE   N N N 21  
ARG CZ   C N N 22  
ARG NH1  N N N 23  
ARG NH2  N N N 24  
ARG OXT  O N N 25  
ARG H    H N N 26  
ARG H2   H N N 27  
ARG HA   H N N 28  
ARG HB2  H N N 29  
ARG HB3  H N N 30  
ARG HG2  H N N 31  
ARG HG3  H N N 32  
ARG HD2  H N N 33  
ARG HD3  H N N 34  
ARG HE   H N N 35  
ARG HH11 H N N 36  
ARG HH12 H N N 37  
ARG HH21 H N N 38  
ARG HH22 H N N 39  
ARG HXT  H N N 40  
ASN N    N N N 41  
ASN CA   C N S 42  
ASN C    C N N 43  
ASN O    O N N 44  
ASN CB   C N N 45  
ASN CG   C N N 46  
ASN OD1  O N N 47  
ASN ND2  N N N 48  
ASN OXT  O N N 49  
ASN H    H N N 50  
ASN H2   H N N 51  
ASN HA   H N N 52  
ASN HB2  H N N 53  
ASN HB3  H N N 54  
ASN HD21 H N N 55  
ASN HD22 H N N 56  
ASN HXT  H N N 57  
ASP N    N N N 58  
ASP CA   C N S 59  
ASP C    C N N 60  
ASP O    O N N 61  
ASP CB   C N N 62  
ASP CG   C N N 63  
ASP OD1  O N N 64  
ASP OD2  O N N 65  
ASP OXT  O N N 66  
ASP H    H N N 67  
ASP H2   H N N 68  
ASP HA   H N N 69  
ASP HB2  H N N 70  
ASP HB3  H N N 71  
ASP HD2  H N N 72  
ASP HXT  H N N 73  
CYS N    N N N 74  
CYS CA   C N R 75  
CYS C    C N N 76  
CYS O    O N N 77  
CYS CB   C N N 78  
CYS SG   S N N 79  
CYS OXT  O N N 80  
CYS H    H N N 81  
CYS H2   H N N 82  
CYS HA   H N N 83  
CYS HB2  H N N 84  
CYS HB3  H N N 85  
CYS HG   H N N 86  
CYS HXT  H N N 87  
GLN N    N N N 88  
GLN CA   C N S 89  
GLN C    C N N 90  
GLN O    O N N 91  
GLN CB   C N N 92  
GLN CG   C N N 93  
GLN CD   C N N 94  
GLN OE1  O N N 95  
GLN NE2  N N N 96  
GLN OXT  O N N 97  
GLN H    H N N 98  
GLN H2   H N N 99  
GLN HA   H N N 100 
GLN HB2  H N N 101 
GLN HB3  H N N 102 
GLN HG2  H N N 103 
GLN HG3  H N N 104 
GLN HE21 H N N 105 
GLN HE22 H N N 106 
GLN HXT  H N N 107 
GLU N    N N N 108 
GLU CA   C N S 109 
GLU C    C N N 110 
GLU O    O N N 111 
GLU CB   C N N 112 
GLU CG   C N N 113 
GLU CD   C N N 114 
GLU OE1  O N N 115 
GLU OE2  O N N 116 
GLU OXT  O N N 117 
GLU H    H N N 118 
GLU H2   H N N 119 
GLU HA   H N N 120 
GLU HB2  H N N 121 
GLU HB3  H N N 122 
GLU HG2  H N N 123 
GLU HG3  H N N 124 
GLU HE2  H N N 125 
GLU HXT  H N N 126 
GLY N    N N N 127 
GLY CA   C N N 128 
GLY C    C N N 129 
GLY O    O N N 130 
GLY OXT  O N N 131 
GLY H    H N N 132 
GLY H2   H N N 133 
GLY HA2  H N N 134 
GLY HA3  H N N 135 
GLY HXT  H N N 136 
HIS N    N N N 137 
HIS CA   C N S 138 
HIS C    C N N 139 
HIS O    O N N 140 
HIS CB   C N N 141 
HIS CG   C Y N 142 
HIS ND1  N Y N 143 
HIS CD2  C Y N 144 
HIS CE1  C Y N 145 
HIS NE2  N Y N 146 
HIS OXT  O N N 147 
HIS H    H N N 148 
HIS H2   H N N 149 
HIS HA   H N N 150 
HIS HB2  H N N 151 
HIS HB3  H N N 152 
HIS HD1  H N N 153 
HIS HD2  H N N 154 
HIS HE1  H N N 155 
HIS HE2  H N N 156 
HIS HXT  H N N 157 
ILE N    N N N 158 
ILE CA   C N S 159 
ILE C    C N N 160 
ILE O    O N N 161 
ILE CB   C N S 162 
ILE CG1  C N N 163 
ILE CG2  C N N 164 
ILE CD1  C N N 165 
ILE OXT  O N N 166 
ILE H    H N N 167 
ILE H2   H N N 168 
ILE HA   H N N 169 
ILE HB   H N N 170 
ILE HG12 H N N 171 
ILE HG13 H N N 172 
ILE HG21 H N N 173 
ILE HG22 H N N 174 
ILE HG23 H N N 175 
ILE HD11 H N N 176 
ILE HD12 H N N 177 
ILE HD13 H N N 178 
ILE HXT  H N N 179 
LEU N    N N N 180 
LEU CA   C N S 181 
LEU C    C N N 182 
LEU O    O N N 183 
LEU CB   C N N 184 
LEU CG   C N N 185 
LEU CD1  C N N 186 
LEU CD2  C N N 187 
LEU OXT  O N N 188 
LEU H    H N N 189 
LEU H2   H N N 190 
LEU HA   H N N 191 
LEU HB2  H N N 192 
LEU HB3  H N N 193 
LEU HG   H N N 194 
LEU HD11 H N N 195 
LEU HD12 H N N 196 
LEU HD13 H N N 197 
LEU HD21 H N N 198 
LEU HD22 H N N 199 
LEU HD23 H N N 200 
LEU HXT  H N N 201 
LYS N    N N N 202 
LYS CA   C N S 203 
LYS C    C N N 204 
LYS O    O N N 205 
LYS CB   C N N 206 
LYS CG   C N N 207 
LYS CD   C N N 208 
LYS CE   C N N 209 
LYS NZ   N N N 210 
LYS OXT  O N N 211 
LYS H    H N N 212 
LYS H2   H N N 213 
LYS HA   H N N 214 
LYS HB2  H N N 215 
LYS HB3  H N N 216 
LYS HG2  H N N 217 
LYS HG3  H N N 218 
LYS HD2  H N N 219 
LYS HD3  H N N 220 
LYS HE2  H N N 221 
LYS HE3  H N N 222 
LYS HZ1  H N N 223 
LYS HZ2  H N N 224 
LYS HZ3  H N N 225 
LYS HXT  H N N 226 
PHE N    N N N 227 
PHE CA   C N S 228 
PHE C    C N N 229 
PHE O    O N N 230 
PHE CB   C N N 231 
PHE CG   C Y N 232 
PHE CD1  C Y N 233 
PHE CD2  C Y N 234 
PHE CE1  C Y N 235 
PHE CE2  C Y N 236 
PHE CZ   C Y N 237 
PHE OXT  O N N 238 
PHE H    H N N 239 
PHE H2   H N N 240 
PHE HA   H N N 241 
PHE HB2  H N N 242 
PHE HB3  H N N 243 
PHE HD1  H N N 244 
PHE HD2  H N N 245 
PHE HE1  H N N 246 
PHE HE2  H N N 247 
PHE HZ   H N N 248 
PHE HXT  H N N 249 
PRO N    N N N 250 
PRO CA   C N S 251 
PRO C    C N N 252 
PRO O    O N N 253 
PRO CB   C N N 254 
PRO CG   C N N 255 
PRO CD   C N N 256 
PRO OXT  O N N 257 
PRO H    H N N 258 
PRO HA   H N N 259 
PRO HB2  H N N 260 
PRO HB3  H N N 261 
PRO HG2  H N N 262 
PRO HG3  H N N 263 
PRO HD2  H N N 264 
PRO HD3  H N N 265 
PRO HXT  H N N 266 
SER N    N N N 267 
SER CA   C N S 268 
SER C    C N N 269 
SER O    O N N 270 
SER CB   C N N 271 
SER OG   O N N 272 
SER OXT  O N N 273 
SER H    H N N 274 
SER H2   H N N 275 
SER HA   H N N 276 
SER HB2  H N N 277 
SER HB3  H N N 278 
SER HG   H N N 279 
SER HXT  H N N 280 
THR N    N N N 281 
THR CA   C N S 282 
THR C    C N N 283 
THR O    O N N 284 
THR CB   C N R 285 
THR OG1  O N N 286 
THR CG2  C N N 287 
THR OXT  O N N 288 
THR H    H N N 289 
THR H2   H N N 290 
THR HA   H N N 291 
THR HB   H N N 292 
THR HG1  H N N 293 
THR HG21 H N N 294 
THR HG22 H N N 295 
THR HG23 H N N 296 
THR HXT  H N N 297 
TRP N    N N N 298 
TRP CA   C N S 299 
TRP C    C N N 300 
TRP O    O N N 301 
TRP CB   C N N 302 
TRP CG   C Y N 303 
TRP CD1  C Y N 304 
TRP CD2  C Y N 305 
TRP NE1  N Y N 306 
TRP CE2  C Y N 307 
TRP CE3  C Y N 308 
TRP CZ2  C Y N 309 
TRP CZ3  C Y N 310 
TRP CH2  C Y N 311 
TRP OXT  O N N 312 
TRP H    H N N 313 
TRP H2   H N N 314 
TRP HA   H N N 315 
TRP HB2  H N N 316 
TRP HB3  H N N 317 
TRP HD1  H N N 318 
TRP HE1  H N N 319 
TRP HE3  H N N 320 
TRP HZ2  H N N 321 
TRP HZ3  H N N 322 
TRP HH2  H N N 323 
TRP HXT  H N N 324 
VAL N    N N N 325 
VAL CA   C N S 326 
VAL C    C N N 327 
VAL O    O N N 328 
VAL CB   C N N 329 
VAL CG1  C N N 330 
VAL CG2  C N N 331 
VAL OXT  O N N 332 
VAL H    H N N 333 
VAL H2   H N N 334 
VAL HA   H N N 335 
VAL HB   H N N 336 
VAL HG11 H N N 337 
VAL HG12 H N N 338 
VAL HG13 H N N 339 
VAL HG21 H N N 340 
VAL HG22 H N N 341 
VAL HG23 H N N 342 
VAL HXT  H N N 343 
# 
loop_
_chem_comp_bond.comp_id 
_chem_comp_bond.atom_id_1 
_chem_comp_bond.atom_id_2 
_chem_comp_bond.value_order 
_chem_comp_bond.pdbx_aromatic_flag 
_chem_comp_bond.pdbx_stereo_config 
_chem_comp_bond.pdbx_ordinal 
ALA N   CA   sing N N 1   
ALA N   H    sing N N 2   
ALA N   H2   sing N N 3   
ALA CA  C    sing N N 4   
ALA CA  CB   sing N N 5   
ALA CA  HA   sing N N 6   
ALA C   O    doub N N 7   
ALA C   OXT  sing N N 8   
ALA CB  HB1  sing N N 9   
ALA CB  HB2  sing N N 10  
ALA CB  HB3  sing N N 11  
ALA OXT HXT  sing N N 12  
ARG N   CA   sing N N 13  
ARG N   H    sing N N 14  
ARG N   H2   sing N N 15  
ARG CA  C    sing N N 16  
ARG CA  CB   sing N N 17  
ARG CA  HA   sing N N 18  
ARG C   O    doub N N 19  
ARG C   OXT  sing N N 20  
ARG CB  CG   sing N N 21  
ARG CB  HB2  sing N N 22  
ARG CB  HB3  sing N N 23  
ARG CG  CD   sing N N 24  
ARG CG  HG2  sing N N 25  
ARG CG  HG3  sing N N 26  
ARG CD  NE   sing N N 27  
ARG CD  HD2  sing N N 28  
ARG CD  HD3  sing N N 29  
ARG NE  CZ   sing N N 30  
ARG NE  HE   sing N N 31  
ARG CZ  NH1  sing N N 32  
ARG CZ  NH2  doub N N 33  
ARG NH1 HH11 sing N N 34  
ARG NH1 HH12 sing N N 35  
ARG NH2 HH21 sing N N 36  
ARG NH2 HH22 sing N N 37  
ARG OXT HXT  sing N N 38  
ASN N   CA   sing N N 39  
ASN N   H    sing N N 40  
ASN N   H2   sing N N 41  
ASN CA  C    sing N N 42  
ASN CA  CB   sing N N 43  
ASN CA  HA   sing N N 44  
ASN C   O    doub N N 45  
ASN C   OXT  sing N N 46  
ASN CB  CG   sing N N 47  
ASN CB  HB2  sing N N 48  
ASN CB  HB3  sing N N 49  
ASN CG  OD1  doub N N 50  
ASN CG  ND2  sing N N 51  
ASN ND2 HD21 sing N N 52  
ASN ND2 HD22 sing N N 53  
ASN OXT HXT  sing N N 54  
ASP N   CA   sing N N 55  
ASP N   H    sing N N 56  
ASP N   H2   sing N N 57  
ASP CA  C    sing N N 58  
ASP CA  CB   sing N N 59  
ASP CA  HA   sing N N 60  
ASP C   O    doub N N 61  
ASP C   OXT  sing N N 62  
ASP CB  CG   sing N N 63  
ASP CB  HB2  sing N N 64  
ASP CB  HB3  sing N N 65  
ASP CG  OD1  doub N N 66  
ASP CG  OD2  sing N N 67  
ASP OD2 HD2  sing N N 68  
ASP OXT HXT  sing N N 69  
CYS N   CA   sing N N 70  
CYS N   H    sing N N 71  
CYS N   H2   sing N N 72  
CYS CA  C    sing N N 73  
CYS CA  CB   sing N N 74  
CYS CA  HA   sing N N 75  
CYS C   O    doub N N 76  
CYS C   OXT  sing N N 77  
CYS CB  SG   sing N N 78  
CYS CB  HB2  sing N N 79  
CYS CB  HB3  sing N N 80  
CYS SG  HG   sing N N 81  
CYS OXT HXT  sing N N 82  
GLN N   CA   sing N N 83  
GLN N   H    sing N N 84  
GLN N   H2   sing N N 85  
GLN CA  C    sing N N 86  
GLN CA  CB   sing N N 87  
GLN CA  HA   sing N N 88  
GLN C   O    doub N N 89  
GLN C   OXT  sing N N 90  
GLN CB  CG   sing N N 91  
GLN CB  HB2  sing N N 92  
GLN CB  HB3  sing N N 93  
GLN CG  CD   sing N N 94  
GLN CG  HG2  sing N N 95  
GLN CG  HG3  sing N N 96  
GLN CD  OE1  doub N N 97  
GLN CD  NE2  sing N N 98  
GLN NE2 HE21 sing N N 99  
GLN NE2 HE22 sing N N 100 
GLN OXT HXT  sing N N 101 
GLU N   CA   sing N N 102 
GLU N   H    sing N N 103 
GLU N   H2   sing N N 104 
GLU CA  C    sing N N 105 
GLU CA  CB   sing N N 106 
GLU CA  HA   sing N N 107 
GLU C   O    doub N N 108 
GLU C   OXT  sing N N 109 
GLU CB  CG   sing N N 110 
GLU CB  HB2  sing N N 111 
GLU CB  HB3  sing N N 112 
GLU CG  CD   sing N N 113 
GLU CG  HG2  sing N N 114 
GLU CG  HG3  sing N N 115 
GLU CD  OE1  doub N N 116 
GLU CD  OE2  sing N N 117 
GLU OE2 HE2  sing N N 118 
GLU OXT HXT  sing N N 119 
GLY N   CA   sing N N 120 
GLY N   H    sing N N 121 
GLY N   H2   sing N N 122 
GLY CA  C    sing N N 123 
GLY CA  HA2  sing N N 124 
GLY CA  HA3  sing N N 125 
GLY C   O    doub N N 126 
GLY C   OXT  sing N N 127 
GLY OXT HXT  sing N N 128 
HIS N   CA   sing N N 129 
HIS N   H    sing N N 130 
HIS N   H2   sing N N 131 
HIS CA  C    sing N N 132 
HIS CA  CB   sing N N 133 
HIS CA  HA   sing N N 134 
HIS C   O    doub N N 135 
HIS C   OXT  sing N N 136 
HIS CB  CG   sing N N 137 
HIS CB  HB2  sing N N 138 
HIS CB  HB3  sing N N 139 
HIS CG  ND1  sing Y N 140 
HIS CG  CD2  doub Y N 141 
HIS ND1 CE1  doub Y N 142 
HIS ND1 HD1  sing N N 143 
HIS CD2 NE2  sing Y N 144 
HIS CD2 HD2  sing N N 145 
HIS CE1 NE2  sing Y N 146 
HIS CE1 HE1  sing N N 147 
HIS NE2 HE2  sing N N 148 
HIS OXT HXT  sing N N 149 
ILE N   CA   sing N N 150 
ILE N   H    sing N N 151 
ILE N   H2   sing N N 152 
ILE CA  C    sing N N 153 
ILE CA  CB   sing N N 154 
ILE CA  HA   sing N N 155 
ILE C   O    doub N N 156 
ILE C   OXT  sing N N 157 
ILE CB  CG1  sing N N 158 
ILE CB  CG2  sing N N 159 
ILE CB  HB   sing N N 160 
ILE CG1 CD1  sing N N 161 
ILE CG1 HG12 sing N N 162 
ILE CG1 HG13 sing N N 163 
ILE CG2 HG21 sing N N 164 
ILE CG2 HG22 sing N N 165 
ILE CG2 HG23 sing N N 166 
ILE CD1 HD11 sing N N 167 
ILE CD1 HD12 sing N N 168 
ILE CD1 HD13 sing N N 169 
ILE OXT HXT  sing N N 170 
LEU N   CA   sing N N 171 
LEU N   H    sing N N 172 
LEU N   H2   sing N N 173 
LEU CA  C    sing N N 174 
LEU CA  CB   sing N N 175 
LEU CA  HA   sing N N 176 
LEU C   O    doub N N 177 
LEU C   OXT  sing N N 178 
LEU CB  CG   sing N N 179 
LEU CB  HB2  sing N N 180 
LEU CB  HB3  sing N N 181 
LEU CG  CD1  sing N N 182 
LEU CG  CD2  sing N N 183 
LEU CG  HG   sing N N 184 
LEU CD1 HD11 sing N N 185 
LEU CD1 HD12 sing N N 186 
LEU CD1 HD13 sing N N 187 
LEU CD2 HD21 sing N N 188 
LEU CD2 HD22 sing N N 189 
LEU CD2 HD23 sing N N 190 
LEU OXT HXT  sing N N 191 
LYS N   CA   sing N N 192 
LYS N   H    sing N N 193 
LYS N   H2   sing N N 194 
LYS CA  C    sing N N 195 
LYS CA  CB   sing N N 196 
LYS CA  HA   sing N N 197 
LYS C   O    doub N N 198 
LYS C   OXT  sing N N 199 
LYS CB  CG   sing N N 200 
LYS CB  HB2  sing N N 201 
LYS CB  HB3  sing N N 202 
LYS CG  CD   sing N N 203 
LYS CG  HG2  sing N N 204 
LYS CG  HG3  sing N N 205 
LYS CD  CE   sing N N 206 
LYS CD  HD2  sing N N 207 
LYS CD  HD3  sing N N 208 
LYS CE  NZ   sing N N 209 
LYS CE  HE2  sing N N 210 
LYS CE  HE3  sing N N 211 
LYS NZ  HZ1  sing N N 212 
LYS NZ  HZ2  sing N N 213 
LYS NZ  HZ3  sing N N 214 
LYS OXT HXT  sing N N 215 
PHE N   CA   sing N N 216 
PHE N   H    sing N N 217 
PHE N   H2   sing N N 218 
PHE CA  C    sing N N 219 
PHE CA  CB   sing N N 220 
PHE CA  HA   sing N N 221 
PHE C   O    doub N N 222 
PHE C   OXT  sing N N 223 
PHE CB  CG   sing N N 224 
PHE CB  HB2  sing N N 225 
PHE CB  HB3  sing N N 226 
PHE CG  CD1  doub Y N 227 
PHE CG  CD2  sing Y N 228 
PHE CD1 CE1  sing Y N 229 
PHE CD1 HD1  sing N N 230 
PHE CD2 CE2  doub Y N 231 
PHE CD2 HD2  sing N N 232 
PHE CE1 CZ   doub Y N 233 
PHE CE1 HE1  sing N N 234 
PHE CE2 CZ   sing Y N 235 
PHE CE2 HE2  sing N N 236 
PHE CZ  HZ   sing N N 237 
PHE OXT HXT  sing N N 238 
PRO N   CA   sing N N 239 
PRO N   CD   sing N N 240 
PRO N   H    sing N N 241 
PRO CA  C    sing N N 242 
PRO CA  CB   sing N N 243 
PRO CA  HA   sing N N 244 
PRO C   O    doub N N 245 
PRO C   OXT  sing N N 246 
PRO CB  CG   sing N N 247 
PRO CB  HB2  sing N N 248 
PRO CB  HB3  sing N N 249 
PRO CG  CD   sing N N 250 
PRO CG  HG2  sing N N 251 
PRO CG  HG3  sing N N 252 
PRO CD  HD2  sing N N 253 
PRO CD  HD3  sing N N 254 
PRO OXT HXT  sing N N 255 
SER N   CA   sing N N 256 
SER N   H    sing N N 257 
SER N   H2   sing N N 258 
SER CA  C    sing N N 259 
SER CA  CB   sing N N 260 
SER CA  HA   sing N N 261 
SER C   O    doub N N 262 
SER C   OXT  sing N N 263 
SER CB  OG   sing N N 264 
SER CB  HB2  sing N N 265 
SER CB  HB3  sing N N 266 
SER OG  HG   sing N N 267 
SER OXT HXT  sing N N 268 
THR N   CA   sing N N 269 
THR N   H    sing N N 270 
THR N   H2   sing N N 271 
THR CA  C    sing N N 272 
THR CA  CB   sing N N 273 
THR CA  HA   sing N N 274 
THR C   O    doub N N 275 
THR C   OXT  sing N N 276 
THR CB  OG1  sing N N 277 
THR CB  CG2  sing N N 278 
THR CB  HB   sing N N 279 
THR OG1 HG1  sing N N 280 
THR CG2 HG21 sing N N 281 
THR CG2 HG22 sing N N 282 
THR CG2 HG23 sing N N 283 
THR OXT HXT  sing N N 284 
TRP N   CA   sing N N 285 
TRP N   H    sing N N 286 
TRP N   H2   sing N N 287 
TRP CA  C    sing N N 288 
TRP CA  CB   sing N N 289 
TRP CA  HA   sing N N 290 
TRP C   O    doub N N 291 
TRP C   OXT  sing N N 292 
TRP CB  CG   sing N N 293 
TRP CB  HB2  sing N N 294 
TRP CB  HB3  sing N N 295 
TRP CG  CD1  doub Y N 296 
TRP CG  CD2  sing Y N 297 
TRP CD1 NE1  sing Y N 298 
TRP CD1 HD1  sing N N 299 
TRP CD2 CE2  doub Y N 300 
TRP CD2 CE3  sing Y N 301 
TRP NE1 CE2  sing Y N 302 
TRP NE1 HE1  sing N N 303 
TRP CE2 CZ2  sing Y N 304 
TRP CE3 CZ3  doub Y N 305 
TRP CE3 HE3  sing N N 306 
TRP CZ2 CH2  doub Y N 307 
TRP CZ2 HZ2  sing N N 308 
TRP CZ3 CH2  sing Y N 309 
TRP CZ3 HZ3  sing N N 310 
TRP CH2 HH2  sing N N 311 
TRP OXT HXT  sing N N 312 
VAL N   CA   sing N N 313 
VAL N   H    sing N N 314 
VAL N   H2   sing N N 315 
VAL CA  C    sing N N 316 
VAL CA  CB   sing N N 317 
VAL CA  HA   sing N N 318 
VAL C   O    doub N N 319 
VAL C   OXT  sing N N 320 
VAL CB  CG1  sing N N 321 
VAL CB  CG2  sing N N 322 
VAL CB  HB   sing N N 323 
VAL CG1 HG11 sing N N 324 
VAL CG1 HG12 sing N N 325 
VAL CG1 HG13 sing N N 326 
VAL CG2 HG21 sing N N 327 
VAL CG2 HG22 sing N N 328 
VAL CG2 HG23 sing N N 329 
VAL OXT HXT  sing N N 330 
# 
_atom_sites.entry_id                    1MIT 
_atom_sites.fract_transf_matrix[1][1]   1.000000 
_atom_sites.fract_transf_matrix[1][2]   0.000000 
_atom_sites.fract_transf_matrix[1][3]   0.000000 
_atom_sites.fract_transf_matrix[2][1]   0.000000 
_atom_sites.fract_transf_matrix[2][2]   1.000000 
_atom_sites.fract_transf_matrix[2][3]   0.000000 
_atom_sites.fract_transf_matrix[3][1]   0.000000 
_atom_sites.fract_transf_matrix[3][2]   0.000000 
_atom_sites.fract_transf_matrix[3][3]   1.000000 
_atom_sites.fract_transf_vector[1]      0.00000 
_atom_sites.fract_transf_vector[2]      0.00000 
_atom_sites.fract_transf_vector[3]      0.00000 
# 
loop_
_atom_type.symbol 
C 
H 
N 
O 
S 
# 
loop_
_atom_site.group_PDB 
_atom_site.id 
_atom_site.type_symbol 
_atom_site.label_atom_id 
_atom_site.label_alt_id 
_atom_site.label_comp_id 
_atom_site.label_asym_id 
_atom_site.label_entity_id 
_atom_site.label_seq_id 
_atom_site.pdbx_PDB_ins_code 
_atom_site.Cartn_x 
_atom_site.Cartn_y 
_atom_site.Cartn_z 
_atom_site.occupancy 
_atom_site.B_iso_or_equiv 
_atom_site.pdbx_formal_charge 
_atom_site.auth_seq_id 
_atom_site.auth_comp_id 
_atom_site.auth_asym_id 
_atom_site.auth_atom_id 
_atom_site.pdbx_PDB_model_num 
ATOM 1    N N    . GLY A 1 1  A -3.784  6.227   16.310  1.00 5.59 ? 1  GLY A N    1 
ATOM 2    C CA   . GLY A 1 1  A -3.481  7.434   15.493  1.00 5.24 ? 1  GLY A CA   1 
ATOM 3    C C    . GLY A 1 1  A -4.602  7.635   14.473  1.00 4.42 ? 1  GLY A C    1 
ATOM 4    O O    . GLY A 1 1  A -5.380  6.728   14.255  1.00 4.73 ? 1  GLY A O    1 
ATOM 5    H H1   . GLY A 1 1  A -4.374  5.573   15.758  1.00 5.69 ? 1  GLY A H1   1 
ATOM 6    H H2   . GLY A 1 1  A -2.896  5.755   16.574  1.00 5.92 ? 1  GLY A H2   1 
ATOM 7    H H3   . GLY A 1 1  A -4.295  6.510   17.171  1.00 5.80 ? 1  GLY A H3   1 
ATOM 8    H HA2  . GLY A 1 1  A -3.417  8.286   16.154  1.00 5.46 ? 1  GLY A HA2  1 
ATOM 9    H HA3  . GLY A 1 1  A -2.539  7.277   14.990  1.00 5.76 ? 1  GLY A HA3  1 
ATOM 10   N N    . SER A 1 2  ? -4.660  8.798   13.882  1.00 3.82 ? 1  SER A N    1 
ATOM 11   C CA   . SER A 1 2  ? -5.727  9.055   12.880  1.00 3.45 ? 1  SER A CA   1 
ATOM 12   C C    . SER A 1 2  ? -5.145  8.987   11.471  1.00 2.59 ? 1  SER A C    1 
ATOM 13   O O    . SER A 1 2  ? -4.490  8.017   11.143  1.00 3.05 ? 1  SER A O    1 
ATOM 14   C CB   . SER A 1 2  ? -6.277  10.460  13.147  1.00 4.23 ? 1  SER A CB   1 
ATOM 15   O OG   . SER A 1 2  ? -5.197  11.306  12.781  1.00 4.74 ? 1  SER A OG   1 
ATOM 16   H H    . SER A 1 2  ? -4.004  9.494   14.096  1.00 3.99 ? 1  SER A H    1 
ATOM 17   H HA   . SER A 1 2  ? -6.494  8.298   13.004  1.00 3.82 ? 1  SER A HA   1 
ATOM 18   H HB2  . SER A 1 2  ? -7.128  10.678  12.520  1.00 4.65 ? 1  SER A HB2  1 
ATOM 19   H HB3  . SER A 1 2  ? -6.510  10.599  14.194  1.00 4.46 ? 1  SER A HB3  1 
ATOM 20   H HG   . SER A 1 2  ? -4.640  11.427  13.553  1.00 4.88 ? 1  SER A HG   1 
ATOM 21   N N    . SER A 1 3  ? -5.392  9.998   10.683  1.00 1.92 ? 2  SER A N    1 
ATOM 22   C CA   . SER A 1 3  ? -4.854  9.993   9.298   1.00 1.62 ? 2  SER A CA   1 
ATOM 23   C C    . SER A 1 3  ? -3.654  10.931  9.203   1.00 1.17 ? 2  SER A C    1 
ATOM 24   O O    . SER A 1 3  ? -3.790  12.102  9.500   1.00 1.17 ? 2  SER A O    1 
ATOM 25   C CB   . SER A 1 3  ? -5.972  10.482  8.372   1.00 2.27 ? 2  SER A CB   1 
ATOM 26   O OG   . SER A 1 3  ? -6.458  11.641  9.036   1.00 2.91 ? 2  SER A OG   1 
ATOM 27   H H    . SER A 1 3  ? -5.928  10.753  11.003  1.00 2.24 ? 2  SER A H    1 
ATOM 28   H HA   . SER A 1 3  ? -4.554  8.978   9.057   1.00 1.99 ? 2  SER A HA   1 
ATOM 29   H HB2  . SER A 1 3  ? -5.590  10.762  7.403   1.00 2.52 ? 2  SER A HB2  1 
ATOM 30   H HB3  . SER A 1 3  ? -6.764  9.751   8.290   1.00 2.73 ? 2  SER A HB3  1 
ATOM 31   H HG   . SER A 1 3  ? -5.754  11.982  9.591   1.00 3.29 ? 2  SER A HG   1 
ATOM 32   N N    . CYS A 1 4  ? -2.529  10.410  8.799   1.00 1.01 ? 3  CYS A N    1 
ATOM 33   C CA   . CYS A 1 4  ? -1.325  11.273  8.686   1.00 0.79 ? 3  CYS A CA   1 
ATOM 34   C C    . CYS A 1 4  ? -1.364  12.049  7.370   1.00 0.67 ? 3  CYS A C    1 
ATOM 35   O O    . CYS A 1 4  ? -2.254  11.841  6.570   1.00 0.71 ? 3  CYS A O    1 
ATOM 36   C CB   . CYS A 1 4  ? -0.100  10.352  8.720   1.00 0.92 ? 3  CYS A CB   1 
ATOM 37   S SG   . CYS A 1 4  ? 0.147   9.412   10.248  1.00 1.18 ? 3  CYS A SG   1 
ATOM 38   H H    . CYS A 1 4  ? -2.478  9.458   8.573   1.00 1.22 ? 3  CYS A H    1 
ATOM 39   H HA   . CYS A 1 4  ? -1.326  11.961  9.524   1.00 0.97 ? 3  CYS A HA   1 
ATOM 40   H HB2  . CYS A 1 4  ? -0.183  9.629   7.926   1.00 0.93 ? 3  CYS A HB2  1 
ATOM 41   H HB3  . CYS A 1 4  ? 0.788   10.947  8.554   1.00 1.08 ? 3  CYS A HB3  1 
ATOM 42   N N    . PRO A 1 5  ? -0.401  12.914  7.194   1.00 0.91 ? 4  PRO A N    1 
ATOM 43   C CA   . PRO A 1 5  ? -0.297  13.741  5.982   1.00 1.02 ? 4  PRO A CA   1 
ATOM 44   C C    . PRO A 1 5  ? -0.217  12.862  4.735   1.00 0.88 ? 4  PRO A C    1 
ATOM 45   O O    . PRO A 1 5  ? 0.320   11.775  4.805   1.00 1.09 ? 4  PRO A O    1 
ATOM 46   C CB   . PRO A 1 5  ? 1.015   14.527  6.184   1.00 1.51 ? 4  PRO A CB   1 
ATOM 47   C CG   . PRO A 1 5  ? 1.434   14.337  7.664   1.00 1.72 ? 4  PRO A CG   1 
ATOM 48   C CD   . PRO A 1 5  ? 0.659   13.122  8.192   1.00 1.33 ? 4  PRO A CD   1 
ATOM 49   H HA   . PRO A 1 5  ? -1.155  14.400  5.937   1.00 1.12 ? 4  PRO A HA   1 
ATOM 50   H HB2  . PRO A 1 5  ? 1.781   14.138  5.527   1.00 1.60 ? 4  PRO A HB2  1 
ATOM 51   H HB3  . PRO A 1 5  ? 0.853   15.574  5.984   1.00 1.73 ? 4  PRO A HB3  1 
ATOM 52   H HG2  . PRO A 1 5  ? 2.498   14.155  7.726   1.00 2.03 ? 4  PRO A HG2  1 
ATOM 53   H HG3  . PRO A 1 5  ? 1.173   15.212  8.237   1.00 1.93 ? 4  PRO A HG3  1 
ATOM 54   H HD2  . PRO A 1 5  ? 1.284   12.242  8.231   1.00 1.44 ? 4  PRO A HD2  1 
ATOM 55   H HD3  . PRO A 1 5  ? 0.209   13.331  9.152   1.00 1.39 ? 4  PRO A HD3  1 
ATOM 56   N N    . GLY A 1 6  ? -0.744  13.344  3.642   1.00 0.85 ? 5  GLY A N    1 
ATOM 57   C CA   . GLY A 1 6  ? -0.701  12.537  2.390   1.00 0.93 ? 5  GLY A CA   1 
ATOM 58   C C    . GLY A 1 6  ? -1.952  11.660  2.307   1.00 0.74 ? 5  GLY A C    1 
ATOM 59   O O    . GLY A 1 6  ? -2.706  11.608  3.258   1.00 0.74 ? 5  GLY A O    1 
ATOM 60   H H    . GLY A 1 6  ? -1.164  14.229  3.645   1.00 1.00 ? 5  GLY A H    1 
ATOM 61   H HA2  . GLY A 1 6  ? -0.664  13.217  1.551   1.00 1.36 ? 5  GLY A HA2  1 
ATOM 62   H HA3  . GLY A 1 6  ? 0.187   11.924  2.414   1.00 1.44 ? 5  GLY A HA3  1 
ATOM 63   N N    . LYS A 1 7  ? -2.141  11.003  1.195   1.00 0.69 ? 6  LYS A N    1 
ATOM 64   C CA   . LYS A 1 7  ? -3.340  10.135  1.054   1.00 0.57 ? 6  LYS A CA   1 
ATOM 65   C C    . LYS A 1 7  ? -3.474  9.234   2.280   1.00 0.64 ? 6  LYS A C    1 
ATOM 66   O O    . LYS A 1 7  ? -2.542  8.525   2.604   1.00 0.99 ? 6  LYS A O    1 
ATOM 67   C CB   . LYS A 1 7  ? -3.145  9.283   -0.205  1.00 0.65 ? 6  LYS A CB   1 
ATOM 68   C CG   . LYS A 1 7  ? -4.528  8.846   -0.692  1.00 0.61 ? 6  LYS A CG   1 
ATOM 69   C CD   . LYS A 1 7  ? -4.466  8.692   -2.213  1.00 0.89 ? 6  LYS A CD   1 
ATOM 70   C CE   . LYS A 1 7  ? -5.853  9.010   -2.773  1.00 0.93 ? 6  LYS A CE   1 
ATOM 71   N NZ   . LYS A 1 7  ? -6.704  7.788   -2.732  1.00 0.98 ? 6  LYS A NZ   1 
ATOM 72   H H    . LYS A 1 7  ? -1.498  11.081  0.458   1.00 0.82 ? 6  LYS A H    1 
ATOM 73   H HA   . LYS A 1 7  ? -4.209  10.776  0.967   1.00 0.61 ? 6  LYS A HA   1 
ATOM 74   H HB2  . LYS A 1 7  ? -2.653  9.867   -0.969  1.00 0.78 ? 6  LYS A HB2  1 
ATOM 75   H HB3  . LYS A 1 7  ? -2.554  8.413   0.030   1.00 0.80 ? 6  LYS A HB3  1 
ATOM 76   H HG2  . LYS A 1 7  ? -4.794  7.901   -0.238  1.00 0.76 ? 6  LYS A HG2  1 
ATOM 77   H HG3  . LYS A 1 7  ? -5.262  9.595   -0.436  1.00 0.74 ? 6  LYS A HG3  1 
ATOM 78   H HD2  . LYS A 1 7  ? -3.737  9.380   -2.620  1.00 1.15 ? 6  LYS A HD2  1 
ATOM 79   H HD3  . LYS A 1 7  ? -4.196  7.679   -2.468  1.00 1.12 ? 6  LYS A HD3  1 
ATOM 80   H HE2  . LYS A 1 7  ? -6.331  9.774   -2.176  1.00 1.25 ? 6  LYS A HE2  1 
ATOM 81   H HE3  . LYS A 1 7  ? -5.776  9.333   -3.801  1.00 1.33 ? 6  LYS A HE3  1 
ATOM 82   H HZ1  . LYS A 1 7  ? -6.111  6.960   -2.519  1.00 1.41 ? 6  LYS A HZ1  1 
ATOM 83   H HZ2  . LYS A 1 7  ? -7.428  7.894   -1.993  1.00 1.42 ? 6  LYS A HZ2  1 
ATOM 84   H HZ3  . LYS A 1 7  ? -7.166  7.656   -3.655  1.00 1.45 ? 6  LYS A HZ3  1 
ATOM 85   N N    . SER A 1 8  ? -4.610  9.281   2.921   1.00 0.69 ? 7  SER A N    1 
ATOM 86   C CA   . SER A 1 8  ? -4.806  8.428   4.123   1.00 0.90 ? 7  SER A CA   1 
ATOM 87   C C    . SER A 1 8  ? -5.488  7.120   3.729   1.00 0.58 ? 7  SER A C    1 
ATOM 88   O O    . SER A 1 8  ? -5.484  6.189   4.510   1.00 0.56 ? 7  SER A O    1 
ATOM 89   C CB   . SER A 1 8  ? -5.700  9.207   5.095   1.00 1.42 ? 7  SER A CB   1 
ATOM 90   O OG   . SER A 1 8  ? -5.545  10.554  4.669   1.00 1.91 ? 7  SER A OG   1 
ATOM 91   H H    . SER A 1 8  ? -5.329  9.871   2.612   1.00 0.84 ? 7  SER A H    1 
ATOM 92   H HA   . SER A 1 8  ? -3.833  8.226   4.555   1.00 1.16 ? 7  SER A HA   1 
ATOM 93   H HB2  . SER A 1 8  ? -6.734  8.920   4.997   1.00 1.64 ? 7  SER A HB2  1 
ATOM 94   H HB3  . SER A 1 8  ? -5.354  9.105   6.114   1.00 2.06 ? 7  SER A HB3  1 
ATOM 95   H HG   . SER A 1 8  ? -4.632  10.810  4.820   1.00 2.39 ? 7  SER A HG   1 
ATOM 96   N N    . SER A 1 9  ? -6.049  7.078   2.551   1.00 0.62 ? 8  SER A N    1 
ATOM 97   C CA   . SER A 1 9  ? -6.728  5.832   2.112   1.00 0.58 ? 8  SER A CA   1 
ATOM 98   C C    . SER A 1 9  ? -6.856  5.811   0.591   1.00 0.55 ? 8  SER A C    1 
ATOM 99   O O    . SER A 1 9  ? -7.157  6.833   0.005   1.00 0.88 ? 8  SER A O    1 
ATOM 100  C CB   . SER A 1 9  ? -8.118  5.819   2.750   1.00 1.00 ? 8  SER A CB   1 
ATOM 101  O OG   . SER A 1 9  ? -8.746  6.964   2.189   1.00 1.23 ? 8  SER A OG   1 
ATOM 102  H H    . SER A 1 9  ? -6.022  7.861   1.962   1.00 0.86 ? 8  SER A H    1 
ATOM 103  H HA   . SER A 1 9  ? -6.135  4.990   2.448   1.00 0.59 ? 8  SER A HA   1 
ATOM 104  H HB2  . SER A 1 9  ? -8.670  4.936   2.472   1.00 1.21 ? 8  SER A HB2  1 
ATOM 105  H HB3  . SER A 1 9  ? -8.057  5.926   3.824   1.00 1.06 ? 8  SER A HB3  1 
ATOM 106  H HG   . SER A 1 9  ? -9.177  7.444   2.900   1.00 1.58 ? 8  SER A HG   1 
ATOM 107  N N    . TRP A 1 10 ? -6.628  4.672   -0.003  1.00 0.49 ? 9  TRP A N    1 
ATOM 108  C CA   . TRP A 1 10 ? -6.737  4.585   -1.483  1.00 0.42 ? 9  TRP A CA   1 
ATOM 109  C C    . TRP A 1 10 ? -8.096  4.004   -1.867  1.00 0.51 ? 9  TRP A C    1 
ATOM 110  O O    . TRP A 1 10 ? -8.762  3.420   -1.034  1.00 0.62 ? 9  TRP A O    1 
ATOM 111  C CB   . TRP A 1 10 ? -5.624  3.648   -1.970  1.00 0.39 ? 9  TRP A CB   1 
ATOM 112  C CG   . TRP A 1 10 ? -4.324  4.433   -2.161  1.00 0.35 ? 9  TRP A CG   1 
ATOM 113  C CD1  . TRP A 1 10 ? -3.761  4.715   -3.349  1.00 0.37 ? 9  TRP A CD1  1 
ATOM 114  C CD2  . TRP A 1 10 ? -3.559  4.896   -1.176  1.00 0.33 ? 9  TRP A CD2  1 
ATOM 115  N NE1  . TRP A 1 10 ? -2.638  5.357   -3.021  1.00 0.35 ? 9  TRP A NE1  1 
ATOM 116  C CE2  . TRP A 1 10 ? -2.431  5.510   -1.685  1.00 0.33 ? 9  TRP A CE2  1 
ATOM 117  C CE3  . TRP A 1 10 ? -3.758  4.840   0.188   1.00 0.34 ? 9  TRP A CE3  1 
ATOM 118  C CZ2  . TRP A 1 10 ? -1.500  6.061   -0.826  1.00 0.34 ? 9  TRP A CZ2  1 
ATOM 119  C CZ3  . TRP A 1 10 ? -2.831  5.394   1.045   1.00 0.36 ? 9  TRP A CZ3  1 
ATOM 120  C CH2  . TRP A 1 10 ? -1.702  6.005   0.538   1.00 0.36 ? 9  TRP A CH2  1 
ATOM 121  H H    . TRP A 1 10 ? -6.389  3.880   0.523   1.00 0.73 ? 9  TRP A H    1 
ATOM 122  H HA   . TRP A 1 10 ? -6.626  5.584   -1.891  1.00 0.41 ? 9  TRP A HA   1 
ATOM 123  H HB2  . TRP A 1 10 ? -5.468  2.868   -1.240  1.00 0.44 ? 9  TRP A HB2  1 
ATOM 124  H HB3  . TRP A 1 10 ? -5.915  3.205   -2.911  1.00 0.39 ? 9  TRP A HB3  1 
ATOM 125  H HD1  . TRP A 1 10 ? -4.129  4.475   -4.336  1.00 0.40 ? 9  TRP A HD1  1 
ATOM 126  H HE1  . TRP A 1 10 ? -2.016  5.707   -3.695  1.00 0.37 ? 9  TRP A HE1  1 
ATOM 127  H HE3  . TRP A 1 10 ? -4.640  4.361   0.585   1.00 0.36 ? 9  TRP A HE3  1 
ATOM 128  H HZ2  . TRP A 1 10 ? -0.595  6.504   -1.219  1.00 0.35 ? 9  TRP A HZ2  1 
ATOM 129  H HZ3  . TRP A 1 10 ? -2.987  5.350   2.112   1.00 0.39 ? 9  TRP A HZ3  1 
ATOM 130  H HH2  . TRP A 1 10 ? -0.977  6.439   1.210   1.00 0.38 ? 9  TRP A HH2  1 
ATOM 131  N N    . PRO A 1 11 ? -8.461  4.182   -3.107  1.00 0.52 ? 10 PRO A N    1 
ATOM 132  C CA   . PRO A 1 11 ? -9.739  3.682   -3.629  1.00 0.64 ? 10 PRO A CA   1 
ATOM 133  C C    . PRO A 1 11 ? -9.728  2.155   -3.677  1.00 0.64 ? 10 PRO A C    1 
ATOM 134  O O    . PRO A 1 11 ? -9.935  1.524   -2.660  1.00 0.79 ? 10 PRO A O    1 
ATOM 135  C CB   . PRO A 1 11 ? -9.813  4.269   -5.050  1.00 0.72 ? 10 PRO A CB   1 
ATOM 136  C CG   . PRO A 1 11 ? -8.394  4.789   -5.400  1.00 0.65 ? 10 PRO A CG   1 
ATOM 137  C CD   . PRO A 1 11 ? -7.624  4.907   -4.076  1.00 0.51 ? 10 PRO A CD   1 
ATOM 138  H HA   . PRO A 1 11 ? -10.543 4.046   -2.999  1.00 0.73 ? 10 PRO A HA   1 
ATOM 139  H HB2  . PRO A 1 11 ? -10.112 3.502   -5.750  1.00 0.76 ? 10 PRO A HB2  1 
ATOM 140  H HB3  . PRO A 1 11 ? -10.515 5.088   -5.075  1.00 0.81 ? 10 PRO A HB3  1 
ATOM 141  H HG2  . PRO A 1 11 ? -7.898  4.089   -6.058  1.00 0.65 ? 10 PRO A HG2  1 
ATOM 142  H HG3  . PRO A 1 11 ? -8.459  5.757   -5.871  1.00 0.73 ? 10 PRO A HG3  1 
ATOM 143  H HD2  . PRO A 1 11 ? -6.659  4.426   -4.139  1.00 0.44 ? 10 PRO A HD2  1 
ATOM 144  H HD3  . PRO A 1 11 ? -7.532  5.939   -3.768  1.00 0.53 ? 10 PRO A HD3  1 
ATOM 145  N N    . HIS A 1 12 ? -9.489  1.607   -4.837  1.00 0.70 ? 11 HIS A N    1 
ATOM 146  C CA   . HIS A 1 12 ? -9.462  0.125   -4.956  1.00 0.73 ? 11 HIS A CA   1 
ATOM 147  C C    . HIS A 1 12 ? -8.432  -0.286  -6.005  1.00 0.71 ? 11 HIS A C    1 
ATOM 148  O O    . HIS A 1 12 ? -8.801  -0.542  -7.134  1.00 1.06 ? 11 HIS A O    1 
ATOM 149  C CB   . HIS A 1 12 ? -10.862 -0.326  -5.393  1.00 1.04 ? 11 HIS A CB   1 
ATOM 150  C CG   . HIS A 1 12 ? -11.134 -1.734  -4.858  1.00 1.62 ? 11 HIS A CG   1 
ATOM 151  N ND1  . HIS A 1 12 ? -10.756 -2.171  -3.730  1.00 2.47 ? 11 HIS A ND1  1 
ATOM 152  C CD2  . HIS A 1 12 ? -11.814 -2.787  -5.439  1.00 2.40 ? 11 HIS A CD2  1 
ATOM 153  C CE1  . HIS A 1 12 ? -11.135 -3.383  -3.564  1.00 3.26 ? 11 HIS A CE1  1 
ATOM 154  N NE2  . HIS A 1 12 ? -11.811 -3.840  -4.606  1.00 3.31 ? 11 HIS A NE2  1 
ATOM 155  H H    . HIS A 1 12 ? -9.330  2.168   -5.624  1.00 0.86 ? 11 HIS A H    1 
ATOM 156  H HA   . HIS A 1 12 ? -9.196  -0.285  -3.988  1.00 0.68 ? 11 HIS A HA   1 
ATOM 157  H HB2  . HIS A 1 12 ? -11.599 0.358   -5.001  1.00 1.50 ? 11 HIS A HB2  1 
ATOM 158  H HB3  . HIS A 1 12 ? -10.916 -0.337  -6.470  1.00 1.54 ? 11 HIS A HB3  1 
ATOM 159  H HD1  . HIS A 1 12 ? -10.243 -1.654  -3.073  1.00 2.86 ? 11 HIS A HD1  1 
ATOM 160  H HD2  . HIS A 1 12 ? -12.276 -2.767  -6.415  1.00 2.73 ? 11 HIS A HD2  1 
ATOM 161  H HE1  . HIS A 1 12 ? -10.929 -3.963  -2.679  1.00 4.12 ? 11 HIS A HE1  1 
ATOM 162  N N    . LEU A 1 13 ? -7.186  -0.341  -5.618  1.00 0.56 ? 12 LEU A N    1 
ATOM 163  C CA   . LEU A 1 13 ? -6.136  -0.735  -6.595  1.00 0.76 ? 12 LEU A CA   1 
ATOM 164  C C    . LEU A 1 13 ? -5.898  -2.241  -6.533  1.00 0.68 ? 12 LEU A C    1 
ATOM 165  O O    . LEU A 1 13 ? -4.976  -2.723  -7.162  1.00 0.74 ? 12 LEU A O    1 
ATOM 166  C CB   . LEU A 1 13 ? -4.852  0.012   -6.213  1.00 0.99 ? 12 LEU A CB   1 
ATOM 167  C CG   . LEU A 1 13 ? -5.173  0.926   -5.035  1.00 1.22 ? 12 LEU A CG   1 
ATOM 168  C CD1  . LEU A 1 13 ? -3.843  1.384   -4.421  1.00 1.70 ? 12 LEU A CD1  1 
ATOM 169  C CD2  . LEU A 1 13 ? -5.900  2.163   -5.552  1.00 1.49 ? 12 LEU A CD2  1 
ATOM 170  H H    . LEU A 1 13 ? -6.945  -0.125  -4.694  1.00 0.57 ? 12 LEU A H    1 
ATOM 171  H HA   . LEU A 1 13 ? -6.478  -0.452  -7.585  1.00 0.96 ? 12 LEU A HA   1 
ATOM 172  H HB2  . LEU A 1 13 ? -4.087  -0.698  -5.931  1.00 1.20 ? 12 LEU A HB2  1 
ATOM 173  H HB3  . LEU A 1 13 ? -4.511  0.603   -7.048  1.00 1.34 ? 12 LEU A HB3  1 
ATOM 174  H HG   . LEU A 1 13 ? -5.789  0.402   -4.311  1.00 1.50 ? 12 LEU A HG   1 
ATOM 175  H HD11 . LEU A 1 13 ? -3.080  1.400   -5.186  1.00 2.15 ? 12 LEU A HD11 1 
ATOM 176  H HD12 . LEU A 1 13 ? -3.960  2.377   -4.010  1.00 2.15 ? 12 LEU A HD12 1 
ATOM 177  H HD13 . LEU A 1 13 ? -3.553  0.701   -3.637  1.00 2.02 ? 12 LEU A HD13 1 
ATOM 178  H HD21 . LEU A 1 13 ? -6.017  2.091   -6.624  1.00 1.79 ? 12 LEU A HD21 1 
ATOM 179  H HD22 . LEU A 1 13 ? -6.873  2.231   -5.087  1.00 1.83 ? 12 LEU A HD22 1 
ATOM 180  H HD23 . LEU A 1 13 ? -5.324  3.046   -5.312  1.00 2.11 ? 12 LEU A HD23 1 
ATOM 181  N N    . VAL A 1 14 ? -6.709  -2.941  -5.789  1.00 0.69 ? 13 VAL A N    1 
ATOM 182  C CA   . VAL A 1 14 ? -6.519  -4.412  -5.696  1.00 0.71 ? 13 VAL A CA   1 
ATOM 183  C C    . VAL A 1 14 ? -6.831  -5.058  -7.042  1.00 0.80 ? 13 VAL A C    1 
ATOM 184  O O    . VAL A 1 14 ? -7.887  -4.814  -7.590  1.00 1.04 ? 13 VAL A O    1 
ATOM 185  C CB   . VAL A 1 14 ? -7.484  -4.936  -4.630  1.00 0.78 ? 13 VAL A CB   1 
ATOM 186  C CG1  . VAL A 1 14 ? -7.527  -6.465  -4.746  1.00 1.04 ? 13 VAL A CG1  1 
ATOM 187  C CG2  . VAL A 1 14 ? -6.935  -4.589  -3.248  1.00 0.86 ? 13 VAL A CG2  1 
ATOM 188  H H    . VAL A 1 14 ? -7.434  -2.502  -5.296  1.00 0.76 ? 13 VAL A H    1 
ATOM 189  H HA   . VAL A 1 14 ? -5.486  -4.600  -5.426  1.00 0.72 ? 13 VAL A HA   1 
ATOM 190  H HB   . VAL A 1 14 ? -8.466  -4.495  -4.763  1.00 0.79 ? 13 VAL A HB   1 
ATOM 191  H HG11 . VAL A 1 14 ? -6.540  -6.837  -4.975  1.00 1.38 ? 13 VAL A HG11 1 
ATOM 192  H HG12 . VAL A 1 14 ? -7.864  -6.888  -3.811  1.00 1.34 ? 13 VAL A HG12 1 
ATOM 193  H HG13 . VAL A 1 14 ? -8.210  -6.746  -5.535  1.00 1.65 ? 13 VAL A HG13 1 
ATOM 194  H HG21 . VAL A 1 14 ? -6.293  -3.724  -3.322  1.00 1.36 ? 13 VAL A HG21 1 
ATOM 195  H HG22 . VAL A 1 14 ? -7.754  -4.372  -2.579  1.00 1.23 ? 13 VAL A HG22 1 
ATOM 196  H HG23 . VAL A 1 14 ? -6.368  -5.425  -2.865  1.00 1.35 ? 13 VAL A HG23 1 
ATOM 197  N N    . GLY A 1 15 ? -5.923  -5.854  -7.534  1.00 0.74 ? 14 GLY A N    1 
ATOM 198  C CA   . GLY A 1 15 ? -6.164  -6.516  -8.845  1.00 0.89 ? 14 GLY A CA   1 
ATOM 199  C C    . GLY A 1 15 ? -5.635  -5.616  -9.964  1.00 0.91 ? 14 GLY A C    1 
ATOM 200  O O    . GLY A 1 15 ? -5.735  -5.980  -11.119 1.00 1.22 ? 14 GLY A O    1 
ATOM 201  H H    . GLY A 1 15 ? -5.089  -6.014  -7.045  1.00 0.72 ? 14 GLY A H    1 
ATOM 202  H HA2  . GLY A 1 15 ? -5.645  -7.463  -8.849  1.00 1.31 ? 14 GLY A HA2  1 
ATOM 203  H HA3  . GLY A 1 15 ? -7.227  -6.671  -8.958  1.00 1.32 ? 14 GLY A HA3  1 
ATOM 204  N N    . VAL A 1 16 ? -5.095  -4.484  -9.601  1.00 0.73 ? 15 VAL A N    1 
ATOM 205  C CA   . VAL A 1 16 ? -4.562  -3.565  -10.640 1.00 0.89 ? 15 VAL A CA   1 
ATOM 206  C C    . VAL A 1 16 ? -3.063  -3.780  -10.794 1.00 0.91 ? 15 VAL A C    1 
ATOM 207  O O    . VAL A 1 16 ? -2.396  -2.952  -11.380 1.00 1.02 ? 15 VAL A O    1 
ATOM 208  C CB   . VAL A 1 16 ? -4.841  -2.135  -10.178 1.00 1.15 ? 15 VAL A CB   1 
ATOM 209  C CG1  . VAL A 1 16 ? -5.003  -1.259  -11.428 1.00 1.52 ? 15 VAL A CG1  1 
ATOM 210  C CG2  . VAL A 1 16 ? -6.160  -2.106  -9.413  1.00 1.52 ? 15 VAL A CG2  1 
ATOM 211  H H    . VAL A 1 16 ? -5.039  -4.245  -8.652  1.00 0.64 ? 15 VAL A H    1 
ATOM 212  H HA   . VAL A 1 16 ? -5.065  -3.789  -11.570 1.00 1.22 ? 15 VAL A HA   1 
ATOM 213  H HB   . VAL A 1 16 ? -4.034  -1.785  -9.545  1.00 1.17 ? 15 VAL A HB   1 
ATOM 214  H HG11 . VAL A 1 16 ? -5.362  -1.864  -12.247 1.00 1.98 ? 15 VAL A HG11 1 
ATOM 215  H HG12 . VAL A 1 16 ? -5.712  -0.471  -11.224 1.00 2.09 ? 15 VAL A HG12 1 
ATOM 216  H HG13 . VAL A 1 16 ? -4.049  -0.827  -11.690 1.00 1.56 ? 15 VAL A HG13 1 
ATOM 217  H HG21 . VAL A 1 16 ? -6.428  -3.110  -9.119  1.00 1.80 ? 15 VAL A HG21 1 
ATOM 218  H HG22 . VAL A 1 16 ? -6.051  -1.490  -8.533  1.00 2.03 ? 15 VAL A HG22 1 
ATOM 219  H HG23 . VAL A 1 16 ? -6.935  -1.697  -10.045 1.00 1.90 ? 15 VAL A HG23 1 
ATOM 220  N N    . GLY A 1 17 ? -2.581  -4.869  -10.272 1.00 1.08 ? 16 GLY A N    1 
ATOM 221  C CA   . GLY A 1 17 ? -1.122  -5.152  -10.381 1.00 1.51 ? 16 GLY A CA   1 
ATOM 222  C C    . GLY A 1 17 ? -0.362  -4.302  -9.361  1.00 0.69 ? 16 GLY A C    1 
ATOM 223  O O    . GLY A 1 17 ? -0.596  -3.112  -9.284  1.00 0.69 ? 16 GLY A O    1 
ATOM 224  H H    . GLY A 1 17 ? -3.176  -5.495  -9.811  1.00 1.07 ? 16 GLY A H    1 
ATOM 225  H HA2  . GLY A 1 17 ? -0.966  -6.202  -10.184 1.00 2.11 ? 16 GLY A HA2  1 
ATOM 226  H HA3  . GLY A 1 17 ? -0.804  -4.907  -11.383 1.00 2.30 ? 16 GLY A HA3  1 
ATOM 227  N N    . GLY A 1 18 ? 0.516   -4.920  -8.619  1.00 0.88 ? 17 GLY A N    1 
ATOM 228  C CA   . GLY A 1 18 ? 1.290   -4.150  -7.606  1.00 1.42 ? 17 GLY A CA   1 
ATOM 229  C C    . GLY A 1 18 ? 1.922   -2.925  -8.271  1.00 1.11 ? 17 GLY A C    1 
ATOM 230  O O    . GLY A 1 18 ? 2.076   -1.910  -7.623  1.00 1.15 ? 17 GLY A O    1 
ATOM 231  H H    . GLY A 1 18 ? 0.663   -5.883  -8.726  1.00 1.19 ? 17 GLY A H    1 
ATOM 232  H HA2  . GLY A 1 18 ? 0.613   -3.842  -6.824  1.00 2.04 ? 17 GLY A HA2  1 
ATOM 233  H HA3  . GLY A 1 18 ? 2.057   -4.796  -7.204  1.00 2.02 ? 17 GLY A HA3  1 
ATOM 234  N N    . SER A 1 19 ? 2.269   -3.045  -9.524  1.00 0.95 ? 18 SER A N    1 
ATOM 235  C CA   . SER A 1 19 ? 2.888   -1.889  -10.222 1.00 0.77 ? 18 SER A CA   1 
ATOM 236  C C    . SER A 1 19 ? 1.912   -0.716  -10.246 1.00 0.73 ? 18 SER A C    1 
ATOM 237  O O    . SER A 1 19 ? 2.185   0.297   -9.634  1.00 0.70 ? 18 SER A O    1 
ATOM 238  C CB   . SER A 1 19 ? 3.208   -2.333  -11.655 1.00 0.95 ? 18 SER A CB   1 
ATOM 239  O OG   . SER A 1 19 ? 2.194   -3.289  -11.931 1.00 1.18 ? 18 SER A OG   1 
ATOM 240  H H    . SER A 1 19 ? 2.123   -3.890  -9.999  1.00 1.05 ? 18 SER A H    1 
ATOM 241  H HA   . SER A 1 19 ? 3.789   -1.614  -9.682  1.00 0.66 ? 18 SER A HA   1 
ATOM 242  H HB2  . SER A 1 19 ? 3.123   -1.514  -12.351 1.00 1.04 ? 18 SER A HB2  1 
ATOM 243  H HB3  . SER A 1 19 ? 4.179   -2.805  -11.714 1.00 1.12 ? 18 SER A HB3  1 
ATOM 244  H HG   . SER A 1 19 ? 2.194   -3.457  -12.877 1.00 1.68 ? 18 SER A HG   1 
ATOM 245  N N    . VAL A 1 20 ? 0.818   -0.873  -10.939 1.00 0.76 ? 19 VAL A N    1 
ATOM 246  C CA   . VAL A 1 20 ? -0.171  0.234   -11.000 1.00 0.76 ? 19 VAL A CA   1 
ATOM 247  C C    . VAL A 1 20 ? -0.475  0.729   -9.588  1.00 0.67 ? 19 VAL A C    1 
ATOM 248  O O    . VAL A 1 20 ? -0.458  1.922   -9.359  1.00 0.62 ? 19 VAL A O    1 
ATOM 249  C CB   . VAL A 1 20 ? -1.443  -0.323  -11.642 1.00 0.88 ? 19 VAL A CB   1 
ATOM 250  C CG1  . VAL A 1 20 ? -2.360  0.861   -11.973 1.00 1.09 ? 19 VAL A CG1  1 
ATOM 251  C CG2  . VAL A 1 20 ? -1.076  -1.011  -12.953 1.00 1.08 ? 19 VAL A CG2  1 
ATOM 252  H H    . VAL A 1 20 ? 0.651   -1.713  -11.416 1.00 0.80 ? 19 VAL A H    1 
ATOM 253  H HA   . VAL A 1 20 ? 0.256   1.034   -11.593 1.00 0.76 ? 19 VAL A HA   1 
ATOM 254  H HB   . VAL A 1 20 ? -1.922  -1.028  -10.971 1.00 0.90 ? 19 VAL A HB   1 
ATOM 255  H HG11 . VAL A 1 20 ? -2.601  1.396   -11.065 1.00 1.53 ? 19 VAL A HG11 1 
ATOM 256  H HG12 . VAL A 1 20 ? -1.856  1.525   -12.659 1.00 1.71 ? 19 VAL A HG12 1 
ATOM 257  H HG13 . VAL A 1 20 ? -3.270  0.496   -12.427 1.00 1.34 ? 19 VAL A HG13 1 
ATOM 258  H HG21 . VAL A 1 20 ? -0.020  -1.238  -12.957 1.00 1.46 ? 19 VAL A HG21 1 
ATOM 259  H HG22 . VAL A 1 20 ? -1.641  -1.925  -13.051 1.00 1.66 ? 19 VAL A HG22 1 
ATOM 260  H HG23 . VAL A 1 20 ? -1.306  -0.356  -13.780 1.00 1.41 ? 19 VAL A HG23 1 
ATOM 261  N N    . ALA A 1 21 ? -0.739  -0.180  -8.690  1.00 0.70 ? 20 ALA A N    1 
ATOM 262  C CA   . ALA A 1 21 ? -1.041  0.237   -7.297  1.00 0.67 ? 20 ALA A CA   1 
ATOM 263  C C    . ALA A 1 21 ? 0.113   1.073   -6.748  1.00 0.55 ? 20 ALA A C    1 
ATOM 264  O O    . ALA A 1 21 ? -0.130  2.087   -6.126  1.00 0.53 ? 20 ALA A O    1 
ATOM 265  C CB   . ALA A 1 21 ? -1.205  -1.037  -6.461  1.00 0.79 ? 20 ALA A CB   1 
ATOM 266  H H    . ALA A 1 21 ? -0.737  -1.130  -8.933  1.00 0.78 ? 20 ALA A H    1 
ATOM 267  H HA   . ALA A 1 21 ? -1.955  0.825   -7.311  1.00 0.69 ? 20 ALA A HA   1 
ATOM 268  H HB1  . ALA A 1 21 ? -0.524  -1.794  -6.820  1.00 1.52 ? 20 ALA A HB1  1 
ATOM 269  H HB2  . ALA A 1 21 ? -0.988  -0.820  -5.426  1.00 1.04 ? 20 ALA A HB2  1 
ATOM 270  H HB3  . ALA A 1 21 ? -2.221  -1.397  -6.548  1.00 1.28 ? 20 ALA A HB3  1 
ATOM 271  N N    . LYS A 1 22 ? 1.318   0.635   -6.986  1.00 0.51 ? 21 LYS A N    1 
ATOM 272  C CA   . LYS A 1 22 ? 2.486   1.400   -6.480  1.00 0.44 ? 21 LYS A CA   1 
ATOM 273  C C    . LYS A 1 22 ? 2.478   2.805   -7.077  1.00 0.36 ? 21 LYS A C    1 
ATOM 274  O O    . LYS A 1 22 ? 2.632   3.763   -6.345  1.00 0.35 ? 21 LYS A O    1 
ATOM 275  C CB   . LYS A 1 22 ? 3.749   0.650   -6.922  1.00 0.47 ? 21 LYS A CB   1 
ATOM 276  C CG   . LYS A 1 22 ? 4.940   1.597   -6.764  1.00 0.46 ? 21 LYS A CG   1 
ATOM 277  C CD   . LYS A 1 22 ? 6.191   0.743   -6.551  1.00 0.59 ? 21 LYS A CD   1 
ATOM 278  C CE   . LYS A 1 22 ? 7.291   1.649   -5.992  1.00 0.62 ? 21 LYS A CE   1 
ATOM 279  N NZ   . LYS A 1 22 ? 6.716   2.558   -4.963  1.00 1.24 ? 21 LYS A NZ   1 
ATOM 280  H H    . LYS A 1 22 ? 1.452   -0.193  -7.495  1.00 0.56 ? 21 LYS A H    1 
ATOM 281  H HA   . LYS A 1 22 ? 2.413   1.452   -5.399  1.00 0.48 ? 21 LYS A HA   1 
ATOM 282  H HB2  . LYS A 1 22 ? 3.890   -0.224  -6.301  1.00 0.58 ? 21 LYS A HB2  1 
ATOM 283  H HB3  . LYS A 1 22 ? 3.657   0.355   -7.955  1.00 0.49 ? 21 LYS A HB3  1 
ATOM 284  H HG2  . LYS A 1 22 ? 5.050   2.197   -7.657  1.00 0.57 ? 21 LYS A HG2  1 
ATOM 285  H HG3  . LYS A 1 22 ? 4.789   2.237   -5.908  1.00 0.67 ? 21 LYS A HG3  1 
ATOM 286  H HD2  . LYS A 1 22 ? 5.976   -0.050  -5.849  1.00 0.90 ? 21 LYS A HD2  1 
ATOM 287  H HD3  . LYS A 1 22 ? 6.512   0.323   -7.491  1.00 0.76 ? 21 LYS A HD3  1 
ATOM 288  H HE2  . LYS A 1 22 ? 8.061   1.053   -5.524  1.00 1.06 ? 21 LYS A HE2  1 
ATOM 289  H HE3  . LYS A 1 22 ? 7.713   2.253   -6.781  1.00 1.06 ? 21 LYS A HE3  1 
ATOM 290  H HZ1  . LYS A 1 22 ? 5.788   2.903   -5.283  1.00 1.64 ? 21 LYS A HZ1  1 
ATOM 291  H HZ2  . LYS A 1 22 ? 6.603   2.043   -4.066  1.00 1.72 ? 21 LYS A HZ2  1 
ATOM 292  H HZ3  . LYS A 1 22 ? 7.354   3.367   -4.818  1.00 1.82 ? 21 LYS A HZ3  1 
ATOM 293  N N    . ALA A 1 23 ? 2.300   2.895   -8.366  1.00 0.39 ? 22 ALA A N    1 
ATOM 294  C CA   . ALA A 1 23 ? 2.281   4.235   -9.008  1.00 0.40 ? 22 ALA A CA   1 
ATOM 295  C C    . ALA A 1 23 ? 1.226   5.114   -8.341  1.00 0.37 ? 22 ALA A C    1 
ATOM 296  O O    . ALA A 1 23 ? 1.430   6.307   -8.227  1.00 0.40 ? 22 ALA A O    1 
ATOM 297  C CB   . ALA A 1 23 ? 1.931   4.032   -10.487 1.00 0.50 ? 22 ALA A CB   1 
ATOM 298  H H    . ALA A 1 23 ? 2.181   2.087   -8.907  1.00 0.45 ? 22 ALA A H    1 
ATOM 299  H HA   . ALA A 1 23 ? 3.264   4.678   -8.890  1.00 0.41 ? 22 ALA A HA   1 
ATOM 300  H HB1  . ALA A 1 23 ? 1.809   2.978   -10.688 1.00 1.08 ? 22 ALA A HB1  1 
ATOM 301  H HB2  . ALA A 1 23 ? 1.011   4.550   -10.714 1.00 1.15 ? 22 ALA A HB2  1 
ATOM 302  H HB3  . ALA A 1 23 ? 2.726   4.426   -11.103 1.00 1.16 ? 22 ALA A HB3  1 
ATOM 303  N N    . ILE A 1 24 ? 0.140   4.520   -7.923  1.00 0.38 ? 23 ILE A N    1 
ATOM 304  C CA   . ILE A 1 24 ? -0.922  5.319   -7.267  1.00 0.40 ? 23 ILE A CA   1 
ATOM 305  C C    . ILE A 1 24 ? -0.419  5.858   -5.932  1.00 0.35 ? 23 ILE A C    1 
ATOM 306  O O    . ILE A 1 24 ? -0.649  7.010   -5.635  1.00 0.43 ? 23 ILE A O    1 
ATOM 307  C CB   . ILE A 1 24 ? -2.100  4.380   -7.033  1.00 0.46 ? 23 ILE A CB   1 
ATOM 308  C CG1  . ILE A 1 24 ? -2.406  3.641   -8.330  1.00 0.54 ? 23 ILE A CG1  1 
ATOM 309  C CG2  . ILE A 1 24 ? -3.324  5.232   -6.671  1.00 0.53 ? 23 ILE A CG2  1 
ATOM 310  C CD1  . ILE A 1 24 ? -3.904  3.336   -8.355  1.00 0.66 ? 23 ILE A CD1  1 
ATOM 311  H H    . ILE A 1 24 ? 0.023   3.556   -8.042  1.00 0.41 ? 23 ILE A H    1 
ATOM 312  H HA   . ILE A 1 24 ? -1.189  6.136   -7.928  1.00 0.46 ? 23 ILE A HA   1 
ATOM 313  H HB   . ILE A 1 24 ? -1.856  3.669   -6.252  1.00 0.44 ? 23 ILE A HB   1 
ATOM 314  H HG12 . ILE A 1 24 ? -2.138  4.260   -9.173  1.00 0.55 ? 23 ILE A HG12 1 
ATOM 315  H HG13 . ILE A 1 24 ? -1.849  2.717   -8.362  1.00 0.53 ? 23 ILE A HG13 1 
ATOM 316  H HG21 . ILE A 1 24 ? -3.008  6.242   -6.455  1.00 1.03 ? 23 ILE A HG21 1 
ATOM 317  H HG22 . ILE A 1 24 ? -4.015  5.241   -7.502  1.00 1.12 ? 23 ILE A HG22 1 
ATOM 318  H HG23 . ILE A 1 24 ? -3.812  4.814   -5.803  1.00 1.29 ? 23 ILE A HG23 1 
ATOM 319  H HD11 . ILE A 1 24 ? -4.236  3.073   -7.361  1.00 1.33 ? 23 ILE A HD11 1 
ATOM 320  H HD12 . ILE A 1 24 ? -4.443  4.208   -8.695  1.00 1.07 ? 23 ILE A HD12 1 
ATOM 321  H HD13 . ILE A 1 24 ? -4.093  2.513   -9.028  1.00 1.26 ? 23 ILE A HD13 1 
ATOM 322  N N    . ILE A 1 25 ? 0.246   5.033   -5.174  1.00 0.28 ? 24 ILE A N    1 
ATOM 323  C CA   . ILE A 1 25 ? 0.761   5.501   -3.861  1.00 0.30 ? 24 ILE A CA   1 
ATOM 324  C C    . ILE A 1 25 ? 1.745   6.650   -4.064  1.00 0.32 ? 24 ILE A C    1 
ATOM 325  O O    . ILE A 1 25 ? 1.753   7.572   -3.273  1.00 0.39 ? 24 ILE A O    1 
ATOM 326  C CB   . ILE A 1 25 ? 1.467   4.320   -3.199  1.00 0.35 ? 24 ILE A CB   1 
ATOM 327  C CG1  . ILE A 1 25 ? 0.462   3.188   -3.003  1.00 0.41 ? 24 ILE A CG1  1 
ATOM 328  C CG2  . ILE A 1 25 ? 1.940   4.772   -1.813  1.00 0.40 ? 24 ILE A CG2  1 
ATOM 329  C CD1  . ILE A 1 25 ? 1.242   1.873   -2.939  1.00 0.46 ? 24 ILE A CD1  1 
ATOM 330  H H    . ILE A 1 25 ? 0.407   4.112   -5.468  1.00 0.30 ? 24 ILE A H    1 
ATOM 331  H HA   . ILE A 1 25 ? -0.085  5.838   -3.270  1.00 0.34 ? 24 ILE A HA   1 
ATOM 332  H HB   . ILE A 1 25 ? 2.295   3.984   -3.816  1.00 0.39 ? 24 ILE A HB   1 
ATOM 333  H HG12 . ILE A 1 25 ? -0.082  3.339   -2.081  1.00 0.45 ? 24 ILE A HG12 1 
ATOM 334  H HG13 . ILE A 1 25 ? -0.225  3.160   -3.833  1.00 0.52 ? 24 ILE A HG13 1 
ATOM 335  H HG21 . ILE A 1 25 ? 1.132   5.278   -1.304  1.00 1.12 ? 24 ILE A HG21 1 
ATOM 336  H HG22 . ILE A 1 25 ? 2.242   3.909   -1.236  1.00 1.10 ? 24 ILE A HG22 1 
ATOM 337  H HG23 . ILE A 1 25 ? 2.777   5.446   -1.918  1.00 1.04 ? 24 ILE A HG23 1 
ATOM 338  H HD11 . ILE A 1 25 ? 2.011   1.873   -3.696  1.00 1.01 ? 24 ILE A HD11 1 
ATOM 339  H HD12 . ILE A 1 25 ? 1.696   1.771   -1.964  1.00 1.11 ? 24 ILE A HD12 1 
ATOM 340  H HD13 . ILE A 1 25 ? 0.568   1.047   -3.110  1.00 1.13 ? 24 ILE A HD13 1 
ATOM 341  N N    . GLU A 1 26 ? 2.538   6.574   -5.097  1.00 0.34 ? 25 GLU A N    1 
ATOM 342  C CA   . GLU A 1 26 ? 3.518   7.664   -5.345  1.00 0.42 ? 25 GLU A CA   1 
ATOM 343  C C    . GLU A 1 26 ? 2.800   8.903   -5.876  1.00 0.46 ? 25 GLU A C    1 
ATOM 344  O O    . GLU A 1 26 ? 3.061   9.991   -5.403  1.00 0.54 ? 25 GLU A O    1 
ATOM 345  C CB   . GLU A 1 26 ? 4.519   7.156   -6.386  1.00 0.48 ? 25 GLU A CB   1 
ATOM 346  C CG   . GLU A 1 26 ? 5.325   6.023   -5.748  1.00 0.51 ? 25 GLU A CG   1 
ATOM 347  C CD   . GLU A 1 26 ? 6.819   6.324   -5.877  1.00 0.95 ? 25 GLU A CD   1 
ATOM 348  O OE1  . GLU A 1 26 ? 7.133   7.156   -6.713  1.00 1.59 ? 25 GLU A OE1  1 
ATOM 349  O OE2  . GLU A 1 26 ? 7.562   5.706   -5.133  1.00 1.57 ? 25 GLU A OE2  1 
ATOM 350  H H    . GLU A 1 26 ? 2.489   5.805   -5.703  1.00 0.36 ? 25 GLU A H    1 
ATOM 351  H HA   . GLU A 1 26 ? 4.009   7.894   -4.406  1.00 0.45 ? 25 GLU A HA   1 
ATOM 352  H HB2  . GLU A 1 26 ? 3.990   6.790   -7.254  1.00 0.48 ? 25 GLU A HB2  1 
ATOM 353  H HB3  . GLU A 1 26 ? 5.184   7.955   -6.669  1.00 0.57 ? 25 GLU A HB3  1 
ATOM 354  H HG2  . GLU A 1 26 ? 5.063   5.937   -4.704  1.00 0.74 ? 25 GLU A HG2  1 
ATOM 355  H HG3  . GLU A 1 26 ? 5.102   5.095   -6.254  1.00 0.65 ? 25 GLU A HG3  1 
ATOM 356  N N    . ARG A 1 27 ? 1.929   8.717   -6.831  1.00 0.45 ? 26 ARG A N    1 
ATOM 357  C CA   . ARG A 1 27 ? 1.198   9.884   -7.390  1.00 0.52 ? 26 ARG A CA   1 
ATOM 358  C C    . ARG A 1 27 ? 0.126   10.346  -6.404  1.00 0.51 ? 26 ARG A C    1 
ATOM 359  O O    . ARG A 1 27 ? -0.328  11.469  -6.501  1.00 0.63 ? 26 ARG A O    1 
ATOM 360  C CB   . ARG A 1 27 ? 0.542   9.429   -8.700  1.00 0.59 ? 26 ARG A CB   1 
ATOM 361  C CG   . ARG A 1 27 ? 1.478   9.802   -9.850  1.00 1.24 ? 26 ARG A CG   1 
ATOM 362  C CD   . ARG A 1 27 ? 1.069   8.979   -11.073 1.00 1.60 ? 26 ARG A CD   1 
ATOM 363  N NE   . ARG A 1 27 ? 2.277   8.271   -11.583 1.00 2.13 ? 26 ARG A NE   1 
ATOM 364  C CZ   . ARG A 1 27 ? 2.360   7.978   -12.851 1.00 2.75 ? 26 ARG A CZ   1 
ATOM 365  N NH1  . ARG A 1 27 ? 1.492   8.496   -13.677 1.00 3.37 ? 26 ARG A NH1  1 
ATOM 366  N NH2  . ARG A 1 27 ? 3.307   7.174   -13.253 1.00 3.35 ? 26 ARG A NH2  1 
ATOM 367  H H    . ARG A 1 27 ? 1.760   7.815   -7.176  1.00 0.44 ? 26 ARG A H    1 
ATOM 368  H HA   . ARG A 1 27 ? 1.916   10.679  -7.561  1.00 0.59 ? 26 ARG A HA   1 
ATOM 369  H HB2  . ARG A 1 27 ? 0.393   8.358   -8.678  1.00 0.89 ? 26 ARG A HB2  1 
ATOM 370  H HB3  . ARG A 1 27 ? -0.405  9.928   -8.827  1.00 1.01 ? 26 ARG A HB3  1 
ATOM 371  H HG2  . ARG A 1 27 ? 1.385   10.856  -10.069 1.00 1.92 ? 26 ARG A HG2  1 
ATOM 372  H HG3  . ARG A 1 27 ? 2.497   9.571   -9.584  1.00 1.90 ? 26 ARG A HG3  1 
ATOM 373  H HD2  . ARG A 1 27 ? 0.329   8.240   -10.803 1.00 2.16 ? 26 ARG A HD2  1 
ATOM 374  H HD3  . ARG A 1 27 ? 0.692   9.623   -11.855 1.00 2.08 ? 26 ARG A HD3  1 
ATOM 375  H HE   . ARG A 1 27 ? 3.003   8.029   -10.971 1.00 2.61 ? 26 ARG A HE   1 
ATOM 376  H HH11 . ARG A 1 27 ? 0.780   9.109   -13.334 1.00 3.44 ? 26 ARG A HH11 1 
ATOM 377  H HH12 . ARG A 1 27 ? 1.541   8.283   -14.652 1.00 4.09 ? 26 ARG A HH12 1 
ATOM 378  H HH21 . ARG A 1 27 ? 3.954   6.795   -12.592 1.00 3.43 ? 26 ARG A HH21 1 
ATOM 379  H HH22 . ARG A 1 27 ? 3.386   6.938   -14.222 1.00 4.05 ? 26 ARG A HH22 1 
ATOM 380  N N    . GLN A 1 28 ? -0.248  9.487   -5.497  1.00 0.45 ? 27 GLN A N    1 
ATOM 381  C CA   . GLN A 1 28 ? -1.288  9.874   -4.508  1.00 0.46 ? 27 GLN A CA   1 
ATOM 382  C C    . GLN A 1 28 ? -0.628  10.494  -3.279  1.00 0.46 ? 27 GLN A C    1 
ATOM 383  O O    . GLN A 1 28 ? -1.209  11.367  -2.665  1.00 0.60 ? 27 GLN A O    1 
ATOM 384  C CB   . GLN A 1 28 ? -2.043  8.602   -4.106  1.00 0.45 ? 27 GLN A CB   1 
ATOM 385  C CG   . GLN A 1 28 ? -2.952  8.209   -5.273  1.00 0.51 ? 27 GLN A CG   1 
ATOM 386  C CD   . GLN A 1 28 ? -4.010  9.295   -5.489  1.00 0.87 ? 27 GLN A CD   1 
ATOM 387  O OE1  . GLN A 1 28 ? -3.675  10.462  -5.541  1.00 1.50 ? 27 GLN A OE1  1 
ATOM 388  N NE2  . GLN A 1 28 ? -5.264  8.960   -5.616  1.00 1.52 ? 27 GLN A NE2  1 
ATOM 389  H H    . GLN A 1 28 ? 0.159   8.597   -5.463  1.00 0.47 ? 27 GLN A H    1 
ATOM 390  H HA   . GLN A 1 28 ? -1.947  10.593  -4.979  1.00 0.51 ? 27 GLN A HA   1 
ATOM 391  H HB2  . GLN A 1 28 ? -1.339  7.806   -3.906  1.00 0.43 ? 27 GLN A HB2  1 
ATOM 392  H HB3  . GLN A 1 28 ? -2.643  8.793   -3.230  1.00 0.51 ? 27 GLN A HB3  1 
ATOM 393  H HG2  . GLN A 1 28 ? -2.359  8.100   -6.170  1.00 0.63 ? 27 GLN A HG2  1 
ATOM 394  H HG3  . GLN A 1 28 ? -3.441  7.273   -5.050  1.00 0.70 ? 27 GLN A HG3  1 
ATOM 395  H HE21 . GLN A 1 28 ? -5.527  8.018   -5.574  1.00 2.11 ? 27 GLN A HE21 1 
ATOM 396  H HE22 . GLN A 1 28 ? -5.944  9.653   -5.755  1.00 1.75 ? 27 GLN A HE22 1 
ATOM 397  N N    . ASN A 1 29 ? 0.552   10.038  -2.955  1.00 0.40 ? 28 ASN A N    1 
ATOM 398  C CA   . ASN A 1 29 ? 1.251   10.597  -1.769  1.00 0.43 ? 28 ASN A CA   1 
ATOM 399  C C    . ASN A 1 29 ? 2.762   10.484  -1.957  1.00 0.46 ? 28 ASN A C    1 
ATOM 400  O O    . ASN A 1 29 ? 3.345   9.485   -1.587  1.00 0.44 ? 28 ASN A O    1 
ATOM 401  C CB   . ASN A 1 29 ? 0.813   9.772   -0.554  1.00 0.45 ? 28 ASN A CB   1 
ATOM 402  C CG   . ASN A 1 29 ? 0.980   10.603  0.718   1.00 0.53 ? 28 ASN A CG   1 
ATOM 403  O OD1  . ASN A 1 29 ? 1.573   11.662  0.674   1.00 0.61 ? 28 ASN A OD1  1 
ATOM 404  N ND2  . ASN A 1 29 ? 0.485   10.171  1.846   1.00 0.61 ? 28 ASN A ND2  1 
ATOM 405  H H    . ASN A 1 29 ? 0.973   9.333   -3.489  1.00 0.40 ? 28 ASN A H    1 
ATOM 406  H HA   . ASN A 1 29 ? 0.962   11.638  -1.667  1.00 0.47 ? 28 ASN A HA   1 
ATOM 407  H HB2  . ASN A 1 29 ? -0.225  9.489   -0.665  1.00 0.45 ? 28 ASN A HB2  1 
ATOM 408  H HB3  . ASN A 1 29 ? 1.422   8.883   -0.483  1.00 0.46 ? 28 ASN A HB3  1 
ATOM 409  H HD21 . ASN A 1 29 ? 0.007   9.315   1.875   1.00 0.63 ? 28 ASN A HD21 1 
ATOM 410  H HD22 . ASN A 1 29 ? 0.590   10.701  2.663   1.00 0.69 ? 28 ASN A HD22 1 
ATOM 411  N N    . PRO A 1 30 ? 3.340   11.507  -2.524  1.00 0.53 ? 29 PRO A N    1 
ATOM 412  C CA   . PRO A 1 30 ? 4.789   11.553  -2.776  1.00 0.59 ? 29 PRO A CA   1 
ATOM 413  C C    . PRO A 1 30 ? 5.564   11.415  -1.466  1.00 0.62 ? 29 PRO A C    1 
ATOM 414  O O    . PRO A 1 30 ? 6.768   11.253  -1.502  1.00 0.69 ? 29 PRO A O    1 
ATOM 415  C CB   . PRO A 1 30 ? 5.013   12.945  -3.398  1.00 0.70 ? 29 PRO A CB   1 
ATOM 416  C CG   . PRO A 1 30 ? 3.614   13.515  -3.752  1.00 0.68 ? 29 PRO A CG   1 
ATOM 417  C CD   . PRO A 1 30 ? 2.588   12.694  -2.960  1.00 0.57 ? 29 PRO A CD   1 
ATOM 418  H HA   . PRO A 1 30 ? 5.047   10.759  -3.466  1.00 0.58 ? 29 PRO A HA   1 
ATOM 419  H HB2  . PRO A 1 30 ? 5.510   13.591  -2.687  1.00 0.76 ? 29 PRO A HB2  1 
ATOM 420  H HB3  . PRO A 1 30 ? 5.606   12.858  -4.295  1.00 0.75 ? 29 PRO A HB3  1 
ATOM 421  H HG2  . PRO A 1 30 ? 3.558   14.557  -3.467  1.00 0.74 ? 29 PRO A HG2  1 
ATOM 422  H HG3  . PRO A 1 30 ? 3.428   13.409  -4.809  1.00 0.71 ? 29 PRO A HG3  1 
ATOM 423  H HD2  . PRO A 1 30 ? 2.242   13.232  -2.090  1.00 0.58 ? 29 PRO A HD2  1 
ATOM 424  H HD3  . PRO A 1 30 ? 1.765   12.385  -3.588  1.00 0.55 ? 29 PRO A HD3  1 
ATOM 425  N N    . ASN A 1 31 ? 4.873   11.480  -0.360  1.00 0.61 ? 30 ASN A N    1 
ATOM 426  C CA   . ASN A 1 31 ? 5.574   11.352  0.945   1.00 0.68 ? 30 ASN A CA   1 
ATOM 427  C C    . ASN A 1 31 ? 5.486   9.912   1.447   1.00 0.65 ? 30 ASN A C    1 
ATOM 428  O O    . ASN A 1 31 ? 5.987   9.622   2.515   1.00 0.76 ? 30 ASN A O    1 
ATOM 429  C CB   . ASN A 1 31 ? 4.877   12.292  1.935   1.00 0.72 ? 30 ASN A CB   1 
ATOM 430  C CG   . ASN A 1 31 ? 5.018   13.736  1.450   1.00 0.76 ? 30 ASN A CG   1 
ATOM 431  O OD1  . ASN A 1 31 ? 4.038   14.343  1.066   1.00 1.39 ? 30 ASN A OD1  1 
ATOM 432  N ND2  . ASN A 1 31 ? 6.191   14.309  1.451   1.00 1.28 ? 30 ASN A ND2  1 
ATOM 433  H H    . ASN A 1 31 ? 3.903   11.610  -0.390  1.00 0.58 ? 30 ASN A H    1 
ATOM 434  H HA   . ASN A 1 31 ? 6.611   11.631  0.799   1.00 0.75 ? 30 ASN A HA   1 
ATOM 435  H HB2  . ASN A 1 31 ? 3.830   12.033  2.002   1.00 0.67 ? 30 ASN A HB2  1 
ATOM 436  H HB3  . ASN A 1 31 ? 5.336   12.195  2.906   1.00 0.79 ? 30 ASN A HB3  1 
ATOM 437  H HD21 . ASN A 1 31 ? 6.978   13.814  1.761   1.00 2.01 ? 30 ASN A HD21 1 
ATOM 438  H HD22 . ASN A 1 31 ? 6.285   15.233  1.141   1.00 1.29 ? 30 ASN A HD22 1 
ATOM 439  N N    . VAL A 1 32 ? 4.863   9.059   0.681   1.00 0.63 ? 31 VAL A N    1 
ATOM 440  C CA   . VAL A 1 32 ? 4.744   7.643   1.113   1.00 0.62 ? 31 VAL A CA   1 
ATOM 441  C C    . VAL A 1 32 ? 5.310   6.723   0.033   1.00 0.58 ? 31 VAL A C    1 
ATOM 442  O O    . VAL A 1 32 ? 5.050   6.943   -1.133  1.00 0.66 ? 31 VAL A O    1 
ATOM 443  C CB   . VAL A 1 32 ? 3.257   7.347   1.316   1.00 0.59 ? 31 VAL A CB   1 
ATOM 444  C CG1  . VAL A 1 32 ? 2.634   8.552   2.032   1.00 0.63 ? 31 VAL A CG1  1 
ATOM 445  C CG2  . VAL A 1 32 ? 2.587   7.214   -0.048  1.00 0.53 ? 31 VAL A CG2  1 
ATOM 446  H H    . VAL A 1 32 ? 4.478   9.351   -0.171  1.00 0.70 ? 31 VAL A H    1 
ATOM 447  H HA   . VAL A 1 32 ? 5.303   7.524   2.035   1.00 0.70 ? 31 VAL A HA   1 
ATOM 448  H HB   . VAL A 1 32 ? 3.131   6.432   1.886   1.00 0.64 ? 31 VAL A HB   1 
ATOM 449  H HG11 . VAL A 1 32 ? 3.194   9.443   1.793   1.00 1.28 ? 31 VAL A HG11 1 
ATOM 450  H HG12 . VAL A 1 32 ? 1.610   8.673   1.707   1.00 1.02 ? 31 VAL A HG12 1 
ATOM 451  H HG13 . VAL A 1 32 ? 2.655   8.387   3.099   1.00 1.22 ? 31 VAL A HG13 1 
ATOM 452  H HG21 . VAL A 1 32 ? 3.187   7.715   -0.793  1.00 1.23 ? 31 VAL A HG21 1 
ATOM 453  H HG22 . VAL A 1 32 ? 2.494   6.169   -0.303  1.00 0.98 ? 31 VAL A HG22 1 
ATOM 454  H HG23 . VAL A 1 32 ? 1.606   7.666   -0.012  1.00 1.14 ? 31 VAL A HG23 1 
ATOM 455  N N    . LYS A 1 33 ? 6.060   5.733   0.435   1.00 0.53 ? 32 LYS A N    1 
ATOM 456  C CA   . LYS A 1 33 ? 6.640   4.805   -0.568  1.00 0.52 ? 32 LYS A CA   1 
ATOM 457  C C    . LYS A 1 33 ? 5.659   3.670   -0.858  1.00 0.45 ? 32 LYS A C    1 
ATOM 458  O O    . LYS A 1 33 ? 4.933   3.271   0.030   1.00 0.51 ? 32 LYS A O    1 
ATOM 459  C CB   . LYS A 1 33 ? 7.931   4.234   0.026   1.00 0.60 ? 32 LYS A CB   1 
ATOM 460  C CG   . LYS A 1 33 ? 8.874   3.897   -1.130  1.00 1.02 ? 32 LYS A CG   1 
ATOM 461  C CD   . LYS A 1 33 ? 8.887   5.089   -2.088  1.00 1.30 ? 32 LYS A CD   1 
ATOM 462  C CE   . LYS A 1 33 ? 9.943   4.818   -3.161  1.00 1.99 ? 32 LYS A CE   1 
ATOM 463  N NZ   . LYS A 1 33 ? 11.115  5.712   -2.948  1.00 2.75 ? 32 LYS A NZ   1 
ATOM 464  H H    . LYS A 1 33 ? 6.237   5.604   1.390   1.00 0.56 ? 32 LYS A H    1 
ATOM 465  H HA   . LYS A 1 33 ? 6.837   5.367   -1.474  1.00 0.56 ? 32 LYS A HA   1 
ATOM 466  H HB2  . LYS A 1 33 ? 8.390   4.967   0.676   1.00 0.76 ? 32 LYS A HB2  1 
ATOM 467  H HB3  . LYS A 1 33 ? 7.711   3.337   0.585   1.00 0.68 ? 32 LYS A HB3  1 
ATOM 468  H HG2  . LYS A 1 33 ? 9.871   3.721   -0.749  1.00 1.62 ? 32 LYS A HG2  1 
ATOM 469  H HG3  . LYS A 1 33 ? 8.519   3.021   -1.649  1.00 1.59 ? 32 LYS A HG3  1 
ATOM 470  H HD2  . LYS A 1 33 ? 7.915   5.199   -2.548  1.00 1.66 ? 32 LYS A HD2  1 
ATOM 471  H HD3  . LYS A 1 33 ? 9.142   5.989   -1.550  1.00 1.98 ? 32 LYS A HD3  1 
ATOM 472  H HE2  . LYS A 1 33 ? 10.284  3.795   -3.100  1.00 2.39 ? 32 LYS A HE2  1 
ATOM 473  H HE3  . LYS A 1 33 ? 9.539   5.018   -4.142  1.00 2.49 ? 32 LYS A HE3  1 
ATOM 474  H HZ1  . LYS A 1 33 ? 10.827  6.531   -2.375  1.00 2.97 ? 32 LYS A HZ1  1 
ATOM 475  H HZ2  . LYS A 1 33 ? 11.865  5.189   -2.453  1.00 3.05 ? 32 LYS A HZ2  1 
ATOM 476  H HZ3  . LYS A 1 33 ? 11.472  6.042   -3.868  1.00 3.36 ? 32 LYS A HZ3  1 
ATOM 477  N N    . ALA A 1 34 ? 5.658   3.188   -2.070  1.00 0.42 ? 33 ALA A N    1 
ATOM 478  C CA   . ALA A 1 34 ? 4.726   2.082   -2.413  1.00 0.41 ? 33 ALA A CA   1 
ATOM 479  C C    . ALA A 1 34 ? 5.452   0.744   -2.299  1.00 0.40 ? 33 ALA A C    1 
ATOM 480  O O    . ALA A 1 34 ? 6.275   0.439   -3.140  1.00 0.61 ? 33 ALA A O    1 
ATOM 481  C CB   . ALA A 1 34 ? 4.265   2.302   -3.858  1.00 0.48 ? 33 ALA A CB   1 
ATOM 482  H H    . ALA A 1 34 ? 6.265   3.552   -2.748  1.00 0.46 ? 33 ALA A H    1 
ATOM 483  H HA   . ALA A 1 34 ? 3.893   2.116   -1.720  1.00 0.45 ? 33 ALA A HA   1 
ATOM 484  H HB1  . ALA A 1 34 ? 4.285   3.358   -4.085  1.00 1.05 ? 33 ALA A HB1  1 
ATOM 485  H HB2  . ALA A 1 34 ? 4.925   1.776   -4.532  1.00 1.01 ? 33 ALA A HB2  1 
ATOM 486  H HB3  . ALA A 1 34 ? 3.259   1.929   -3.976  1.00 1.18 ? 33 ALA A HB3  1 
ATOM 487  N N    . VAL A 1 35 ? 5.140   -0.010  -1.281  1.00 0.36 ? 34 VAL A N    1 
ATOM 488  C CA   . VAL A 1 35 ? 5.814   -1.325  -1.117  1.00 0.38 ? 34 VAL A CA   1 
ATOM 489  C C    . VAL A 1 35 ? 4.942   -2.435  -1.701  1.00 0.38 ? 34 VAL A C    1 
ATOM 490  O O    . VAL A 1 35 ? 3.741   -2.270  -1.777  1.00 0.64 ? 34 VAL A O    1 
ATOM 491  C CB   . VAL A 1 35 ? 6.009   -1.553  0.383   1.00 0.53 ? 34 VAL A CB   1 
ATOM 492  C CG1  . VAL A 1 35 ? 7.177   -2.533  0.561   1.00 0.83 ? 34 VAL A CG1  1 
ATOM 493  C CG2  . VAL A 1 35 ? 6.403   -0.233  1.038   1.00 0.64 ? 34 VAL A CG2  1 
ATOM 494  H H    . VAL A 1 35 ? 4.468   0.287   -0.633  1.00 0.46 ? 34 VAL A H    1 
ATOM 495  H HA   . VAL A 1 35 ? 6.764   -1.283  -1.639  1.00 0.41 ? 34 VAL A HA   1 
ATOM 496  H HB   . VAL A 1 35 ? 5.094   -1.933  0.827   1.00 0.66 ? 34 VAL A HB   1 
ATOM 497  H HG11 . VAL A 1 35 ? 8.023   -2.194  -0.018  1.00 1.31 ? 34 VAL A HG11 1 
ATOM 498  H HG12 . VAL A 1 35 ? 7.451   -2.581  1.604   1.00 1.30 ? 34 VAL A HG12 1 
ATOM 499  H HG13 . VAL A 1 35 ? 6.877   -3.514  0.222   1.00 1.46 ? 34 VAL A HG13 1 
ATOM 500  H HG21 . VAL A 1 35 ? 7.071   0.308   0.384   1.00 1.08 ? 34 VAL A HG21 1 
ATOM 501  H HG22 . VAL A 1 35 ? 5.517   0.360   1.215   1.00 1.31 ? 34 VAL A HG22 1 
ATOM 502  H HG23 . VAL A 1 35 ? 6.898   -0.429  1.977   1.00 1.28 ? 34 VAL A HG23 1 
ATOM 503  N N    . ILE A 1 36 ? 5.552   -3.520  -2.093  1.00 0.38 ? 35 ILE A N    1 
ATOM 504  C CA   . ILE A 1 36 ? 4.756   -4.633  -2.672  1.00 0.37 ? 35 ILE A CA   1 
ATOM 505  C C    . ILE A 1 36 ? 5.297   -5.973  -2.174  1.00 0.40 ? 35 ILE A C    1 
ATOM 506  O O    . ILE A 1 36 ? 6.289   -6.444  -2.693  1.00 0.66 ? 35 ILE A O    1 
ATOM 507  C CB   . ILE A 1 36 ? 4.894   -4.550  -4.192  1.00 0.51 ? 35 ILE A CB   1 
ATOM 508  C CG1  . ILE A 1 36 ? 4.967   -3.082  -4.604  1.00 0.66 ? 35 ILE A CG1  1 
ATOM 509  C CG2  . ILE A 1 36 ? 3.627   -5.150  -4.813  1.00 0.80 ? 35 ILE A CG2  1 
ATOM 510  C CD1  . ILE A 1 36 ? 4.958   -3.021  -6.132  1.00 0.82 ? 35 ILE A CD1  1 
ATOM 511  H H    . ILE A 1 36 ? 6.526   -3.598  -2.009  1.00 0.58 ? 35 ILE A H    1 
ATOM 512  H HA   . ILE A 1 36 ? 3.725   -4.508  -2.359  1.00 0.38 ? 35 ILE A HA   1 
ATOM 513  H HB   . ILE A 1 36 ? 5.788   -5.074  -4.517  1.00 0.61 ? 35 ILE A HB   1 
ATOM 514  H HG12 . ILE A 1 36 ? 4.113   -2.550  -4.210  1.00 0.94 ? 35 ILE A HG12 1 
ATOM 515  H HG13 . ILE A 1 36 ? 5.878   -2.641  -4.230  1.00 0.80 ? 35 ILE A HG13 1 
ATOM 516  H HG21 . ILE A 1 36 ? 2.827   -5.135  -4.087  1.00 1.12 ? 35 ILE A HG21 1 
ATOM 517  H HG22 . ILE A 1 36 ? 3.339   -4.569  -5.678  1.00 1.48 ? 35 ILE A HG22 1 
ATOM 518  H HG23 . ILE A 1 36 ? 3.821   -6.170  -5.114  1.00 1.34 ? 35 ILE A HG23 1 
ATOM 519  H HD11 . ILE A 1 36 ? 4.753   -4.004  -6.531  1.00 1.51 ? 35 ILE A HD11 1 
ATOM 520  H HD12 . ILE A 1 36 ? 4.194   -2.333  -6.460  1.00 1.44 ? 35 ILE A HD12 1 
ATOM 521  H HD13 . ILE A 1 36 ? 5.921   -2.684  -6.485  1.00 1.02 ? 35 ILE A HD13 1 
ATOM 522  N N    . LEU A 1 37 ? 4.646   -6.546  -1.198  1.00 0.36 ? 36 LEU A N    1 
ATOM 523  C CA   . LEU A 1 37 ? 5.125   -7.851  -0.672  1.00 0.44 ? 36 LEU A CA   1 
ATOM 524  C C    . LEU A 1 37 ? 3.987   -8.868  -0.702  1.00 0.40 ? 36 LEU A C    1 
ATOM 525  O O    . LEU A 1 37 ? 2.840   -8.482  -0.585  1.00 0.39 ? 36 LEU A O    1 
ATOM 526  C CB   . LEU A 1 37 ? 5.573   -7.630  0.781   1.00 0.62 ? 36 LEU A CB   1 
ATOM 527  C CG   . LEU A 1 37 ? 6.065   -6.192  0.915   1.00 0.52 ? 36 LEU A CG   1 
ATOM 528  C CD1  . LEU A 1 37 ? 6.574   -6.002  2.349   1.00 1.21 ? 36 LEU A CD1  1 
ATOM 529  C CD2  . LEU A 1 37 ? 7.241   -5.976  -0.031  1.00 1.17 ? 36 LEU A CD2  1 
ATOM 530  H H    . LEU A 1 37 ? 3.851   -6.120  -0.815  1.00 0.46 ? 36 LEU A H    1 
ATOM 531  H HA   . LEU A 1 37 ? 5.946   -8.187  -1.296  1.00 0.52 ? 36 LEU A HA   1 
ATOM 532  H HB2  . LEU A 1 37 ? 4.739   -7.797  1.448   1.00 0.76 ? 36 LEU A HB2  1 
ATOM 533  H HB3  . LEU A 1 37 ? 6.376   -8.310  1.022   1.00 0.88 ? 36 LEU A HB3  1 
ATOM 534  H HG   . LEU A 1 37 ? 5.262   -5.500  0.681   1.00 1.03 ? 36 LEU A HG   1 
ATOM 535  H HD11 . LEU A 1 37 ? 6.421   -6.913  2.910   1.00 1.82 ? 36 LEU A HD11 1 
ATOM 536  H HD12 . LEU A 1 37 ? 7.627   -5.765  2.329   1.00 1.74 ? 36 LEU A HD12 1 
ATOM 537  H HD13 . LEU A 1 37 ? 6.032   -5.195  2.821   1.00 1.77 ? 36 LEU A HD13 1 
ATOM 538  H HD21 . LEU A 1 37 ? 7.002   -6.382  -1.002  1.00 1.77 ? 36 LEU A HD21 1 
ATOM 539  H HD22 . LEU A 1 37 ? 7.438   -4.918  -0.122  1.00 1.71 ? 36 LEU A HD22 1 
ATOM 540  H HD23 . LEU A 1 37 ? 8.115   -6.472  0.363   1.00 1.64 ? 36 LEU A HD23 1 
ATOM 541  N N    . GLU A 1 38 ? 4.318   -10.120 -0.858  1.00 0.48 ? 37 GLU A N    1 
ATOM 542  C CA   . GLU A 1 38 ? 3.250   -11.152 -0.893  1.00 0.49 ? 37 GLU A CA   1 
ATOM 543  C C    . GLU A 1 38 ? 2.619   -11.257 0.492   1.00 0.50 ? 37 GLU A C    1 
ATOM 544  O O    . GLU A 1 38 ? 3.344   -11.322 1.462   1.00 0.53 ? 37 GLU A O    1 
ATOM 545  C CB   . GLU A 1 38 ? 3.906   -12.485 -1.268  1.00 0.60 ? 37 GLU A CB   1 
ATOM 546  C CG   . GLU A 1 38 ? 4.158   -12.478 -2.776  1.00 1.46 ? 37 GLU A CG   1 
ATOM 547  C CD   . GLU A 1 38 ? 3.896   -13.874 -3.342  1.00 1.87 ? 37 GLU A CD   1 
ATOM 548  O OE1  . GLU A 1 38 ? 4.148   -14.814 -2.606  1.00 2.36 ? 37 GLU A OE1  1 
ATOM 549  O OE2  . GLU A 1 38 ? 3.456   -13.924 -4.480  1.00 2.42 ? 37 GLU A OE2  1 
ATOM 550  H H    . GLU A 1 38 ? 5.259   -10.377 -0.952  1.00 0.59 ? 37 GLU A H    1 
ATOM 551  H HA   . GLU A 1 38 ? 2.507   -10.849 -1.624  1.00 0.48 ? 37 GLU A HA   1 
ATOM 552  H HB2  . GLU A 1 38 ? 4.843   -12.593 -0.739  1.00 1.10 ? 37 GLU A HB2  1 
ATOM 553  H HB3  . GLU A 1 38 ? 3.247   -13.301 -1.015  1.00 1.16 ? 37 GLU A HB3  1 
ATOM 554  H HG2  . GLU A 1 38 ? 3.496   -11.766 -3.248  1.00 2.09 ? 37 GLU A HG2  1 
ATOM 555  H HG3  . GLU A 1 38 ? 5.183   -12.200 -2.969  1.00 2.14 ? 37 GLU A HG3  1 
ATOM 556  N N    . GLU A 1 39 ? 1.317   -11.274 0.557   1.00 0.55 ? 38 GLU A N    1 
ATOM 557  C CA   . GLU A 1 39 ? 0.656   -11.374 1.885   1.00 0.64 ? 38 GLU A CA   1 
ATOM 558  C C    . GLU A 1 39 ? 1.362   -12.415 2.753   1.00 0.68 ? 38 GLU A C    1 
ATOM 559  O O    . GLU A 1 39 ? 1.056   -13.586 2.642   1.00 0.78 ? 38 GLU A O    1 
ATOM 560  C CB   . GLU A 1 39 ? -0.797  -11.798 1.642   1.00 0.79 ? 38 GLU A CB   1 
ATOM 561  C CG   . GLU A 1 39 ? -1.571  -11.596 2.945   1.00 1.48 ? 38 GLU A CG   1 
ATOM 562  C CD   . GLU A 1 39 ? -2.997  -11.140 2.628   1.00 1.75 ? 38 GLU A CD   1 
ATOM 563  O OE1  . GLU A 1 39 ? -3.566  -11.731 1.726   1.00 2.34 ? 38 GLU A OE1  1 
ATOM 564  O OE2  . GLU A 1 39 ? -3.436  -10.226 3.307   1.00 2.19 ? 38 GLU A OE2  1 
ATOM 565  H H    . GLU A 1 39 ? 0.779   -11.227 -0.263  1.00 0.57 ? 38 GLU A H    1 
ATOM 566  H HA   . GLU A 1 39 ? 0.709   -10.398 2.359   1.00 0.63 ? 38 GLU A HA   1 
ATOM 567  H HB2  . GLU A 1 39 ? -1.228  -11.190 0.859   1.00 0.91 ? 38 GLU A HB2  1 
ATOM 568  H HB3  . GLU A 1 39 ? -0.833  -12.839 1.358   1.00 1.16 ? 38 GLU A HB3  1 
ATOM 569  H HG2  . GLU A 1 39 ? -1.603  -12.527 3.493   1.00 2.16 ? 38 GLU A HG2  1 
ATOM 570  H HG3  . GLU A 1 39 ? -1.079  -10.844 3.543   1.00 2.05 ? 38 GLU A HG3  1 
ATOM 571  N N    . GLY A 1 40 ? 2.275   -11.977 3.581   1.00 0.65 ? 39 GLY A N    1 
ATOM 572  C CA   . GLY A 1 40 ? 2.994   -12.952 4.452   1.00 0.76 ? 39 GLY A CA   1 
ATOM 573  C C    . GLY A 1 40 ? 4.477   -12.580 4.534   1.00 0.68 ? 39 GLY A C    1 
ATOM 574  O O    . GLY A 1 40 ? 5.161   -13.058 5.416   1.00 1.01 ? 39 GLY A O    1 
ATOM 575  H H    . GLY A 1 40 ? 2.485   -11.018 3.631   1.00 0.61 ? 39 GLY A H    1 
ATOM 576  H HA2  . GLY A 1 40 ? 2.547   -12.921 5.435   1.00 1.23 ? 39 GLY A HA2  1 
ATOM 577  H HA3  . GLY A 1 40 ? 2.880   -13.936 4.022   1.00 1.25 ? 39 GLY A HA3  1 
ATOM 578  N N    . THR A 1 41 ? 4.931   -11.755 3.631   1.00 0.65 ? 40 THR A N    1 
ATOM 579  C CA   . THR A 1 41 ? 6.362   -11.357 3.659   1.00 0.83 ? 40 THR A CA   1 
ATOM 580  C C    . THR A 1 41 ? 6.740   -10.878 5.059   1.00 0.73 ? 40 THR A C    1 
ATOM 581  O O    . THR A 1 41 ? 6.249   -9.858  5.501   1.00 0.74 ? 40 THR A O    1 
ATOM 582  C CB   . THR A 1 41 ? 6.539   -10.216 2.653   1.00 1.18 ? 40 THR A CB   1 
ATOM 583  O OG1  . THR A 1 41 ? 5.804   -10.623 1.513   1.00 1.79 ? 40 THR A OG1  1 
ATOM 584  C CG2  . THR A 1 41 ? 7.990   -10.158 2.162   1.00 1.64 ? 40 THR A CG2  1 
ATOM 585  H H    . THR A 1 41 ? 4.333   -11.400 2.944   1.00 0.82 ? 40 THR A H    1 
ATOM 586  H HA   . THR A 1 41 ? 6.956   -12.221 3.385   1.00 1.15 ? 40 THR A HA   1 
ATOM 587  H HB   . THR A 1 41 ? 6.167   -9.268  3.024   1.00 1.50 ? 40 THR A HB   1 
ATOM 588  H HG1  . THR A 1 41 ? 4.924   -10.245 1.577   1.00 2.30 ? 40 THR A HG1  1 
ATOM 589  H HG21 . THR A 1 41 ? 8.546   -10.982 2.582   1.00 1.82 ? 40 THR A HG21 1 
ATOM 590  H HG22 . THR A 1 41 ? 8.009   -10.224 1.084   1.00 2.16 ? 40 THR A HG22 1 
ATOM 591  H HG23 . THR A 1 41 ? 8.438   -9.225  2.473   1.00 2.19 ? 40 THR A HG23 1 
ATOM 592  N N    . PRO A 1 42 ? 7.595   -11.624 5.705   1.00 1.15 ? 41 PRO A N    1 
ATOM 593  C CA   . PRO A 1 42 ? 8.056   -11.293 7.061   1.00 1.42 ? 41 PRO A CA   1 
ATOM 594  C C    . PRO A 1 42 ? 8.673   -9.895  7.085   1.00 1.26 ? 41 PRO A C    1 
ATOM 595  O O    . PRO A 1 42 ? 9.844   -9.755  6.790   1.00 1.45 ? 41 PRO A O    1 
ATOM 596  C CB   . PRO A 1 42 ? 9.117   -12.369 7.365   1.00 2.02 ? 41 PRO A CB   1 
ATOM 597  C CG   . PRO A 1 42 ? 8.966   -13.469 6.283   1.00 2.17 ? 41 PRO A CG   1 
ATOM 598  C CD   . PRO A 1 42 ? 8.171   -12.848 5.127   1.00 1.64 ? 41 PRO A CD   1 
ATOM 599  H HA   . PRO A 1 42 ? 7.214   -11.356 7.739   1.00 1.51 ? 41 PRO A HA   1 
ATOM 600  H HB2  . PRO A 1 42 ? 10.105  -11.934 7.319   1.00 2.16 ? 41 PRO A HB2  1 
ATOM 601  H HB3  . PRO A 1 42 ? 8.944   -12.795 8.341   1.00 2.34 ? 41 PRO A HB3  1 
ATOM 602  H HG2  . PRO A 1 42 ? 9.942   -13.783 5.938   1.00 2.52 ? 41 PRO A HG2  1 
ATOM 603  H HG3  . PRO A 1 42 ? 8.426   -14.313 6.684   1.00 2.38 ? 41 PRO A HG3  1 
ATOM 604  H HD2  . PRO A 1 42 ? 8.816   -12.581 4.304   1.00 1.76 ? 41 PRO A HD2  1 
ATOM 605  H HD3  . PRO A 1 42 ? 7.373   -13.503 4.808   1.00 1.65 ? 41 PRO A HD3  1 
ATOM 606  N N    . VAL A 1 43 ? 7.888   -8.912  7.430   1.00 1.12 ? 42 VAL A N    1 
ATOM 607  C CA   . VAL A 1 43 ? 8.425   -7.527  7.473   1.00 1.18 ? 42 VAL A CA   1 
ATOM 608  C C    . VAL A 1 43 ? 8.385   -6.999  8.906   1.00 1.15 ? 42 VAL A C    1 
ATOM 609  O O    . VAL A 1 43 ? 8.137   -7.765  9.815   1.00 1.54 ? 42 VAL A O    1 
ATOM 610  C CB   . VAL A 1 43 ? 7.534   -6.666  6.577   1.00 1.45 ? 42 VAL A CB   1 
ATOM 611  C CG1  . VAL A 1 43 ? 8.024   -6.830  5.132   1.00 1.92 ? 42 VAL A CG1  1 
ATOM 612  C CG2  . VAL A 1 43 ? 6.104   -7.193  6.650   1.00 1.68 ? 42 VAL A CG2  1 
ATOM 613  H H    . VAL A 1 43 ? 6.950   -9.086  7.658   1.00 1.15 ? 42 VAL A H    1 
ATOM 614  H HA   . VAL A 1 43 ? 9.447   -7.552  7.112   1.00 1.39 ? 42 VAL A HA   1 
ATOM 615  H HB   . VAL A 1 43 ? 7.570   -5.630  6.899   1.00 1.49 ? 42 VAL A HB   1 
ATOM 616  H HG11 . VAL A 1 43 ? 8.960   -7.366  5.128   1.00 2.32 ? 42 VAL A HG11 1 
ATOM 617  H HG12 . VAL A 1 43 ? 7.290   -7.382  4.564   1.00 2.32 ? 42 VAL A HG12 1 
ATOM 618  H HG13 . VAL A 1 43 ? 8.164   -5.855  4.687   1.00 2.20 ? 42 VAL A HG13 1 
ATOM 619  H HG21 . VAL A 1 43 ? 6.115   -8.271  6.599   1.00 1.76 ? 42 VAL A HG21 1 
ATOM 620  H HG22 . VAL A 1 43 ? 5.653   -6.880  7.581   1.00 2.11 ? 42 VAL A HG22 1 
ATOM 621  H HG23 . VAL A 1 43 ? 5.533   -6.799  5.822   1.00 2.12 ? 42 VAL A HG23 1 
ATOM 622  N N    . THR A 1 44 ? 8.625   -5.727  9.070   1.00 1.18 ? 43 THR A N    1 
ATOM 623  C CA   . THR A 1 44 ? 8.600   -5.152  10.441  1.00 1.34 ? 43 THR A CA   1 
ATOM 624  C C    . THR A 1 44 ? 7.180   -5.203  10.999  1.00 1.40 ? 43 THR A C    1 
ATOM 625  O O    . THR A 1 44 ? 6.286   -5.658  10.311  1.00 1.84 ? 43 THR A O    1 
ATOM 626  C CB   . THR A 1 44 ? 9.067   -3.698  10.337  1.00 2.07 ? 43 THR A CB   1 
ATOM 627  O OG1  . THR A 1 44 ? 10.058  -3.710  9.324   1.00 2.52 ? 43 THR A OG1  1 
ATOM 628  C CG2  . THR A 1 44 ? 9.830   -3.291  11.602  1.00 2.95 ? 43 THR A CG2  1 
ATOM 629  H H    . THR A 1 44 ? 8.820   -5.157  8.298   1.00 1.43 ? 43 THR A H    1 
ATOM 630  H HA   . THR A 1 44 ? 9.266   -5.740  11.064  1.00 1.58 ? 43 THR A HA   1 
ATOM 631  H HB   . THR A 1 44 ? 8.267   -3.017  10.074  1.00 2.34 ? 43 THR A HB   1 
ATOM 632  H HG1  . THR A 1 44 ? 9.644   -3.999  8.508   1.00 2.74 ? 43 THR A HG1  1 
ATOM 633  H HG21 . THR A 1 44 ? 10.212  -4.174  12.092  1.00 3.26 ? 43 THR A HG21 1 
ATOM 634  H HG22 . THR A 1 44 ? 10.653  -2.644  11.333  1.00 3.40 ? 43 THR A HG22 1 
ATOM 635  H HG23 . THR A 1 44 ? 9.165   -2.767  12.271  1.00 3.44 ? 43 THR A HG23 1 
ATOM 636  N N    . LYS A 1 45 ? 7.004   -4.744  12.207  1.00 1.89 ? 44 LYS A N    1 
ATOM 637  C CA   . LYS A 1 45 ? 5.643   -4.765  12.805  1.00 2.55 ? 44 LYS A CA   1 
ATOM 638  C C    . LYS A 1 45 ? 5.060   -3.355  12.834  1.00 2.34 ? 44 LYS A C    1 
ATOM 639  O O    . LYS A 1 45 ? 3.876   -3.196  12.612  1.00 2.93 ? 44 LYS A O    1 
ATOM 640  C CB   . LYS A 1 45 ? 5.781   -5.301  14.234  1.00 3.62 ? 44 LYS A CB   1 
ATOM 641  C CG   . LYS A 1 45 ? 4.423   -5.862  14.660  1.00 4.34 ? 44 LYS A CG   1 
ATOM 642  C CD   . LYS A 1 45 ? 3.764   -4.839  15.588  1.00 5.28 ? 44 LYS A CD   1 
ATOM 643  C CE   . LYS A 1 45 ? 2.568   -5.515  16.260  1.00 6.08 ? 44 LYS A CE   1 
ATOM 644  N NZ   . LYS A 1 45 ? 2.807   -5.612  17.728  1.00 6.24 ? 44 LYS A NZ   1 
ATOM 645  H H    . LYS A 1 45 ? 7.762   -4.387  12.715  1.00 2.23 ? 44 LYS A H    1 
ATOM 646  H HA   . LYS A 1 45 ? 5.021   -5.414  12.198  1.00 2.80 ? 44 LYS A HA   1 
ATOM 647  H HB2  . LYS A 1 45 ? 6.527   -6.083  14.261  1.00 3.77 ? 44 LYS A HB2  1 
ATOM 648  H HB3  . LYS A 1 45 ? 6.065   -4.500  14.897  1.00 4.07 ? 44 LYS A HB3  1 
ATOM 649  H HG2  . LYS A 1 45 ? 3.804   -6.020  13.789  1.00 4.38 ? 44 LYS A HG2  1 
ATOM 650  H HG3  . LYS A 1 45 ? 4.560   -6.793  15.187  1.00 4.55 ? 44 LYS A HG3  1 
ATOM 651  H HD2  . LYS A 1 45 ? 4.474   -4.517  16.337  1.00 5.54 ? 44 LYS A HD2  1 
ATOM 652  H HD3  . LYS A 1 45 ? 3.424   -3.990  15.015  1.00 5.49 ? 44 LYS A HD3  1 
ATOM 653  H HE2  . LYS A 1 45 ? 1.673   -4.934  16.101  1.00 6.50 ? 44 LYS A HE2  1 
ATOM 654  H HE3  . LYS A 1 45 ? 2.438   -6.516  15.872  1.00 6.47 ? 44 LYS A HE3  1 
ATOM 655  H HZ1  . LYS A 1 45 ? 3.446   -4.849  18.026  1.00 6.37 ? 44 LYS A HZ1  1 
ATOM 656  H HZ2  . LYS A 1 45 ? 1.901   -5.524  18.232  1.00 6.57 ? 44 LYS A HZ2  1 
ATOM 657  H HZ3  . LYS A 1 45 ? 3.238   -6.533  17.949  1.00 6.22 ? 44 LYS A HZ3  1 
ATOM 658  N N    . ASP A 1 46 ? 5.886   -2.380  13.101  1.00 2.04 ? 45 ASP A N    1 
ATOM 659  C CA   . ASP A 1 46 ? 5.376   -0.983  13.144  1.00 2.33 ? 45 ASP A CA   1 
ATOM 660  C C    . ASP A 1 46 ? 5.140   -0.467  11.726  1.00 1.87 ? 45 ASP A C    1 
ATOM 661  O O    . ASP A 1 46 ? 5.969   -0.685  10.866  1.00 1.78 ? 45 ASP A O    1 
ATOM 662  C CB   . ASP A 1 46 ? 6.444   -0.128  13.838  1.00 2.83 ? 45 ASP A CB   1 
ATOM 663  C CG   . ASP A 1 46 ? 5.908   0.364   15.184  1.00 3.22 ? 45 ASP A CG   1 
ATOM 664  O OD1  . ASP A 1 46 ? 5.108   -0.364  15.747  1.00 3.57 ? 45 ASP A OD1  1 
ATOM 665  O OD2  . ASP A 1 46 ? 6.329   1.441   15.572  1.00 3.70 ? 45 ASP A OD2  1 
ATOM 666  H H    . ASP A 1 46 ? 6.832   -2.566  13.272  1.00 2.11 ? 45 ASP A H    1 
ATOM 667  H HA   . ASP A 1 46 ? 4.445   -0.983  13.701  1.00 2.88 ? 45 ASP A HA   1 
ATOM 668  H HB2  . ASP A 1 46 ? 7.331   -0.721  13.998  1.00 3.03 ? 45 ASP A HB2  1 
ATOM 669  H HB3  . ASP A 1 46 ? 6.684   0.721   13.217  1.00 3.32 ? 45 ASP A HB3  1 
ATOM 670  N N    . PHE A 1 47 ? 4.032   0.192   11.519  1.00 2.00 ? 46 PHE A N    1 
ATOM 671  C CA   . PHE A 1 47 ? 3.740   0.723   10.161  1.00 1.79 ? 46 PHE A CA   1 
ATOM 672  C C    . PHE A 1 47 ? 3.989   2.230   10.127  1.00 1.35 ? 46 PHE A C    1 
ATOM 673  O O    . PHE A 1 47 ? 3.823   2.881   11.138  1.00 1.52 ? 46 PHE A O    1 
ATOM 674  C CB   . PHE A 1 47 ? 2.261   0.436   9.866   1.00 2.38 ? 46 PHE A CB   1 
ATOM 675  C CG   . PHE A 1 47 ? 2.137   -0.892  9.118   1.00 2.81 ? 46 PHE A CG   1 
ATOM 676  C CD1  . PHE A 1 47 ? 3.228   -1.435  8.464   1.00 3.61 ? 46 PHE A CD1  1 
ATOM 677  C CD2  . PHE A 1 47 ? 0.930   -1.568  9.085   1.00 3.08 ? 46 PHE A CD2  1 
ATOM 678  C CE1  . PHE A 1 47 ? 3.114   -2.632  7.788   1.00 4.35 ? 46 PHE A CE1  1 
ATOM 679  C CE2  . PHE A 1 47 ? 0.817   -2.765  8.410   1.00 3.87 ? 46 PHE A CE2  1 
ATOM 680  C CZ   . PHE A 1 47 ? 1.908   -3.297  7.762   1.00 4.39 ? 46 PHE A CZ   1 
ATOM 681  H H    . PHE A 1 47 ? 3.400   0.338   12.252  1.00 2.44 ? 46 PHE A H    1 
ATOM 682  H HA   . PHE A 1 47 ? 4.390   0.219   9.454   1.00 1.85 ? 46 PHE A HA   1 
ATOM 683  H HB2  . PHE A 1 47 ? 1.715   0.379   10.796  1.00 2.57 ? 46 PHE A HB2  1 
ATOM 684  H HB3  . PHE A 1 47 ? 1.856   1.229   9.257   1.00 2.82 ? 46 PHE A HB3  1 
ATOM 685  H HD1  . PHE A 1 47 ? 4.176   -0.918  8.483   1.00 3.98 ? 46 PHE A HD1  1 
ATOM 686  H HD2  . PHE A 1 47 ? 0.070   -1.154  9.592   1.00 3.12 ? 46 PHE A HD2  1 
ATOM 687  H HE1  . PHE A 1 47 ? 3.970   -3.049  7.279   1.00 5.15 ? 46 PHE A HE1  1 
ATOM 688  H HE2  . PHE A 1 47 ? -0.129  -3.285  8.389   1.00 4.39 ? 46 PHE A HE2  1 
ATOM 689  H HZ   . PHE A 1 47 ? 1.820   -4.235  7.233   1.00 5.12 ? 46 PHE A HZ   1 
ATOM 690  N N    . ARG A 1 48 ? 4.374   2.741   8.989   1.00 1.09 ? 47 ARG A N    1 
ATOM 691  C CA   . ARG A 1 48 ? 4.632   4.203   8.898   1.00 0.97 ? 47 ARG A CA   1 
ATOM 692  C C    . ARG A 1 48 ? 3.662   4.848   7.909   1.00 0.75 ? 47 ARG A C    1 
ATOM 693  O O    . ARG A 1 48 ? 3.453   4.308   6.841   1.00 0.73 ? 47 ARG A O    1 
ATOM 694  C CB   . ARG A 1 48 ? 6.073   4.385   8.406   1.00 1.22 ? 47 ARG A CB   1 
ATOM 695  C CG   . ARG A 1 48 ? 6.950   3.365   9.135   1.00 1.81 ? 47 ARG A CG   1 
ATOM 696  C CD   . ARG A 1 48 ? 8.214   4.083   9.606   1.00 2.30 ? 47 ARG A CD   1 
ATOM 697  N NE   . ARG A 1 48 ? 9.379   3.191   9.343   1.00 2.89 ? 47 ARG A NE   1 
ATOM 698  C CZ   . ARG A 1 48 ? 9.172   1.976   8.914   1.00 3.69 ? 47 ARG A CZ   1 
ATOM 699  N NH1  . ARG A 1 48 ? 8.701   1.087   9.745   1.00 4.32 ? 47 ARG A NH1  1 
ATOM 700  N NH2  . ARG A 1 48 ? 9.442   1.692   7.670   1.00 4.29 ? 47 ARG A NH2  1 
ATOM 701  H H    . ARG A 1 48 ? 4.493   2.167   8.203   1.00 1.25 ? 47 ARG A H    1 
ATOM 702  H HA   . ARG A 1 48 ? 4.494   4.630   9.886   1.00 1.26 ? 47 ARG A HA   1 
ATOM 703  H HB2  . ARG A 1 48 ? 6.118   4.214   7.340   1.00 1.40 ? 47 ARG A HB2  1 
ATOM 704  H HB3  . ARG A 1 48 ? 6.415   5.383   8.633   1.00 1.26 ? 47 ARG A HB3  1 
ATOM 705  H HG2  . ARG A 1 48 ? 6.415   2.966   9.986   1.00 2.32 ? 47 ARG A HG2  1 
ATOM 706  H HG3  . ARG A 1 48 ? 7.218   2.564   8.463   1.00 2.19 ? 47 ARG A HG3  1 
ATOM 707  H HD2  . ARG A 1 48 ? 8.356   5.002   9.057   1.00 2.77 ? 47 ARG A HD2  1 
ATOM 708  H HD3  . ARG A 1 48 ? 8.166   4.280   10.667  1.00 2.65 ? 47 ARG A HD3  1 
ATOM 709  H HE   . ARG A 1 48 ? 10.293  3.513   9.490   1.00 3.12 ? 47 ARG A HE   1 
ATOM 710  H HH11 . ARG A 1 48 ? 8.504   1.341   10.691  1.00 4.27 ? 47 ARG A HH11 1 
ATOM 711  H HH12 . ARG A 1 48 ? 8.535   0.152   9.434   1.00 5.10 ? 47 ARG A HH12 1 
ATOM 712  H HH21 . ARG A 1 48 ? 9.802   2.400   7.062   1.00 4.22 ? 47 ARG A HH21 1 
ATOM 713  H HH22 . ARG A 1 48 ? 9.289   0.766   7.323   1.00 5.06 ? 47 ARG A HH22 1 
ATOM 714  N N    . CYS A 1 49 ? 3.103   5.968   8.280   1.00 0.79 ? 48 CYS A N    1 
ATOM 715  C CA   . CYS A 1 49 ? 2.148   6.648   7.365   1.00 0.81 ? 48 CYS A CA   1 
ATOM 716  C C    . CYS A 1 49 ? 2.866   7.082   6.091   1.00 0.69 ? 48 CYS A C    1 
ATOM 717  O O    . CYS A 1 49 ? 2.222   7.561   5.178   1.00 0.84 ? 48 CYS A O    1 
ATOM 718  C CB   . CYS A 1 49 ? 1.608   7.881   8.096   1.00 1.09 ? 48 CYS A CB   1 
ATOM 719  S SG   . CYS A 1 49 ? 0.678   7.568   9.617   1.00 1.23 ? 48 CYS A SG   1 
ATOM 720  H H    . CYS A 1 49 ? 3.312   6.359   9.154   1.00 0.94 ? 48 CYS A H    1 
ATOM 721  H HA   . CYS A 1 49 ? 1.354   5.948   7.126   1.00 0.89 ? 48 CYS A HA   1 
ATOM 722  H HB2  . CYS A 1 49 ? 2.434   8.515   8.368   1.00 1.16 ? 48 CYS A HB2  1 
ATOM 723  H HB3  . CYS A 1 49 ? 0.960   8.427   7.423   1.00 1.26 ? 48 CYS A HB3  1 
ATOM 724  N N    . ASN A 1 50 ? 4.158   6.912   6.053   1.00 0.63 ? 49 ASN A N    1 
ATOM 725  C CA   . ASN A 1 50 ? 4.909   7.316   4.840   1.00 0.60 ? 49 ASN A CA   1 
ATOM 726  C C    . ASN A 1 50 ? 5.305   6.075   4.052   1.00 0.54 ? 49 ASN A C    1 
ATOM 727  O O    . ASN A 1 50 ? 6.292   6.108   3.345   1.00 0.61 ? 49 ASN A O    1 
ATOM 728  C CB   . ASN A 1 50 ? 6.165   8.065   5.303   1.00 0.79 ? 49 ASN A CB   1 
ATOM 729  C CG   . ASN A 1 50 ? 7.234   7.055   5.728   1.00 0.86 ? 49 ASN A CG   1 
ATOM 730  O OD1  . ASN A 1 50 ? 8.410   7.323   5.584   1.00 1.30 ? 49 ASN A OD1  1 
ATOM 731  N ND2  . ASN A 1 50 ? 6.875   5.911   6.244   1.00 1.46 ? 49 ASN A ND2  1 
ATOM 732  H H    . ASN A 1 50 ? 4.629   6.510   6.814   1.00 0.75 ? 49 ASN A H    1 
ATOM 733  H HA   . ASN A 1 50 ? 4.265   7.952   4.240   1.00 0.60 ? 49 ASN A HA   1 
ATOM 734  H HB2  . ASN A 1 50 ? 6.543   8.670   4.491   1.00 0.85 ? 49 ASN A HB2  1 
ATOM 735  H HB3  . ASN A 1 50 ? 5.919   8.699   6.140   1.00 0.97 ? 49 ASN A HB3  1 
ATOM 736  H HD21 . ASN A 1 50 ? 5.924   5.701   6.358   1.00 2.10 ? 49 ASN A HD21 1 
ATOM 737  H HD22 . ASN A 1 50 ? 7.557   5.262   6.517   1.00 1.55 ? 49 ASN A HD22 1 
ATOM 738  N N    . ARG A 1 51 ? 4.542   5.024   4.188   1.00 0.48 ? 50 ARG A N    1 
ATOM 739  C CA   . ARG A 1 51 ? 4.880   3.787   3.444   1.00 0.47 ? 50 ARG A CA   1 
ATOM 740  C C    . ARG A 1 51 ? 3.631   2.956   3.174   1.00 0.42 ? 50 ARG A C    1 
ATOM 741  O O    . ARG A 1 51 ? 3.197   2.241   4.056   1.00 0.44 ? 50 ARG A O    1 
ATOM 742  C CB   . ARG A 1 51 ? 5.836   2.966   4.317   1.00 0.57 ? 50 ARG A CB   1 
ATOM 743  C CG   . ARG A 1 51 ? 7.219   3.608   4.256   1.00 0.65 ? 50 ARG A CG   1 
ATOM 744  C CD   . ARG A 1 51 ? 8.249   2.489   4.426   1.00 0.75 ? 50 ARG A CD   1 
ATOM 745  N NE   . ARG A 1 51 ? 8.377   1.779   3.121   1.00 0.82 ? 50 ARG A NE   1 
ATOM 746  C CZ   . ARG A 1 51 ? 9.288   2.162   2.269   1.00 1.08 ? 50 ARG A CZ   1 
ATOM 747  N NH1  . ARG A 1 51 ? 10.204  3.002   2.662   1.00 1.74 ? 50 ARG A NH1  1 
ATOM 748  N NH2  . ARG A 1 51 ? 9.252   1.690   1.054   1.00 1.56 ? 50 ARG A NH2  1 
ATOM 749  H H    . ARG A 1 51 ? 3.758   5.053   4.776   1.00 0.49 ? 50 ARG A H    1 
ATOM 750  H HA   . ARG A 1 51 ? 5.347   4.074   2.508   1.00 0.49 ? 50 ARG A HA   1 
ATOM 751  H HB2  . ARG A 1 51 ? 5.480   2.959   5.338   1.00 0.67 ? 50 ARG A HB2  1 
ATOM 752  H HB3  . ARG A 1 51 ? 5.890   1.955   3.943   1.00 0.62 ? 50 ARG A HB3  1 
ATOM 753  H HG2  . ARG A 1 51 ? 7.353   4.099   3.303   1.00 0.65 ? 50 ARG A HG2  1 
ATOM 754  H HG3  . ARG A 1 51 ? 7.327   4.324   5.056   1.00 0.73 ? 50 ARG A HG3  1 
ATOM 755  H HD2  . ARG A 1 51 ? 9.214   2.894   4.690   1.00 1.05 ? 50 ARG A HD2  1 
ATOM 756  H HD3  . ARG A 1 51 ? 7.918   1.779   5.170   1.00 0.76 ? 50 ARG A HD3  1 
ATOM 757  H HE   . ARG A 1 51 ? 7.781   1.031   2.906   1.00 1.04 ? 50 ARG A HE   1 
ATOM 758  H HH11 . ARG A 1 51 ? 10.200  3.342   3.603   1.00 2.24 ? 50 ARG A HH11 1 
ATOM 759  H HH12 . ARG A 1 51 ? 10.910  3.307   2.024   1.00 2.05 ? 50 ARG A HH12 1 
ATOM 760  H HH21 . ARG A 1 51 ? 8.533   1.046   0.788   1.00 2.02 ? 50 ARG A HH21 1 
ATOM 761  H HH22 . ARG A 1 51 ? 9.941   1.973   0.387   1.00 1.88 ? 50 ARG A HH22 1 
ATOM 762  N N    . VAL A 1 52 ? 3.082   3.055   1.995   1.00 0.37 ? 51 VAL A N    1 
ATOM 763  C CA   . VAL A 1 52 ? 1.870   2.251   1.709   1.00 0.35 ? 51 VAL A CA   1 
ATOM 764  C C    . VAL A 1 52 ? 2.331   0.834   1.394   1.00 0.33 ? 51 VAL A C    1 
ATOM 765  O O    . VAL A 1 52 ? 2.815   0.587   0.308   1.00 0.31 ? 51 VAL A O    1 
ATOM 766  C CB   . VAL A 1 52 ? 1.146   2.877   0.514   1.00 0.35 ? 51 VAL A CB   1 
ATOM 767  C CG1  . VAL A 1 52 ? 0.359   1.770   -0.197  1.00 0.45 ? 51 VAL A CG1  1 
ATOM 768  C CG2  . VAL A 1 52 ? 0.147   3.899   1.038   1.00 0.52 ? 51 VAL A CG2  1 
ATOM 769  H H    . VAL A 1 52 ? 3.465   3.647   1.312   1.00 0.37 ? 51 VAL A H    1 
ATOM 770  H HA   . VAL A 1 52 ? 1.251   2.251   2.602   1.00 0.38 ? 51 VAL A HA   1 
ATOM 771  H HB   . VAL A 1 52 ? 1.853   3.363   -0.153  1.00 0.40 ? 51 VAL A HB   1 
ATOM 772  H HG11 . VAL A 1 52 ? -0.051  1.091   0.537   1.00 1.13 ? 51 VAL A HG11 1 
ATOM 773  H HG12 . VAL A 1 52 ? -0.445  2.209   -0.768  1.00 1.07 ? 51 VAL A HG12 1 
ATOM 774  H HG13 . VAL A 1 52 ? 1.017   1.228   -0.860  1.00 1.05 ? 51 VAL A HG13 1 
ATOM 775  H HG21 . VAL A 1 52 ? 0.023   3.768   2.103   1.00 1.29 ? 51 VAL A HG21 1 
ATOM 776  H HG22 . VAL A 1 52 ? 0.512   4.895   0.839   1.00 1.17 ? 51 VAL A HG22 1 
ATOM 777  H HG23 . VAL A 1 52 ? -0.804  3.759   0.546   1.00 1.01 ? 51 VAL A HG23 1 
ATOM 778  N N    . ARG A 1 53 ? 2.170   -0.049  2.341   1.00 0.37 ? 52 ARG A N    1 
ATOM 779  C CA   . ARG A 1 53 ? 2.600   -1.453  2.122   1.00 0.38 ? 52 ARG A CA   1 
ATOM 780  C C    . ARG A 1 53 ? 1.572   -2.222  1.297   1.00 0.38 ? 52 ARG A C    1 
ATOM 781  O O    . ARG A 1 53 ? 0.579   -2.665  1.841   1.00 0.50 ? 52 ARG A O    1 
ATOM 782  C CB   . ARG A 1 53 ? 2.732   -2.091  3.510   1.00 0.45 ? 52 ARG A CB   1 
ATOM 783  C CG   . ARG A 1 53 ? 3.841   -3.144  3.448   1.00 0.48 ? 52 ARG A CG   1 
ATOM 784  C CD   . ARG A 1 53 ? 5.166   -2.389  3.337   1.00 0.51 ? 52 ARG A CD   1 
ATOM 785  N NE   . ARG A 1 53 ? 6.232   -3.195  3.992   1.00 0.58 ? 52 ARG A NE   1 
ATOM 786  C CZ   . ARG A 1 53 ? 6.040   -3.644  5.201   1.00 0.72 ? 52 ARG A CZ   1 
ATOM 787  N NH1  . ARG A 1 53 ? 6.226   -2.835  6.209   1.00 0.71 ? 52 ARG A NH1  1 
ATOM 788  N NH2  . ARG A 1 53 ? 5.668   -4.883  5.364   1.00 1.17 ? 52 ARG A NH2  1 
ATOM 789  H H    . ARG A 1 53 ? 1.767   0.214   3.195   1.00 0.41 ? 52 ARG A H    1 
ATOM 790  H HA   . ARG A 1 53 ? 3.553   -1.434  1.605   1.00 0.36 ? 52 ARG A HA   1 
ATOM 791  H HB2  . ARG A 1 53 ? 2.986   -1.333  4.237   1.00 0.48 ? 52 ARG A HB2  1 
ATOM 792  H HB3  . ARG A 1 53 ? 1.802   -2.564  3.784   1.00 0.48 ? 52 ARG A HB3  1 
ATOM 793  H HG2  . ARG A 1 53 ? 3.828   -3.745  4.347   1.00 0.52 ? 52 ARG A HG2  1 
ATOM 794  H HG3  . ARG A 1 53 ? 3.707   -3.772  2.581   1.00 0.47 ? 52 ARG A HG3  1 
ATOM 795  H HD2  . ARG A 1 53 ? 5.435   -2.245  2.302   1.00 0.51 ? 52 ARG A HD2  1 
ATOM 796  H HD3  . ARG A 1 53 ? 5.098   -1.440  3.845   1.00 0.53 ? 52 ARG A HD3  1 
ATOM 797  H HE   . ARG A 1 53 ? 7.075   -3.371  3.525   1.00 0.65 ? 52 ARG A HE   1 
ATOM 798  H HH11 . ARG A 1 53 ? 6.509   -1.889  6.046   1.00 0.82 ? 52 ARG A HH11 1 
ATOM 799  H HH12 . ARG A 1 53 ? 6.087   -3.162  7.144   1.00 0.87 ? 52 ARG A HH12 1 
ATOM 800  H HH21 . ARG A 1 53 ? 5.533   -5.473  4.568   1.00 1.39 ? 52 ARG A HH21 1 
ATOM 801  H HH22 . ARG A 1 53 ? 5.516   -5.241  6.285   1.00 1.38 ? 52 ARG A HH22 1 
ATOM 802  N N    . ILE A 1 54 ? 1.831   -2.359  0.027   1.00 0.35 ? 53 ILE A N    1 
ATOM 803  C CA   . ILE A 1 54 ? 0.879   -3.098  -0.841  1.00 0.35 ? 53 ILE A CA   1 
ATOM 804  C C    . ILE A 1 54 ? 1.248   -4.577  -0.815  1.00 0.34 ? 53 ILE A C    1 
ATOM 805  O O    . ILE A 1 54 ? 2.422   -4.891  -0.791  1.00 0.41 ? 53 ILE A O    1 
ATOM 806  C CB   . ILE A 1 54 ? 1.029   -2.547  -2.259  1.00 0.38 ? 53 ILE A CB   1 
ATOM 807  C CG1  . ILE A 1 54 ? 1.441   -1.080  -2.180  1.00 0.70 ? 53 ILE A CG1  1 
ATOM 808  C CG2  . ILE A 1 54 ? -0.345  -2.617  -2.938  1.00 0.57 ? 53 ILE A CG2  1 
ATOM 809  C CD1  . ILE A 1 54 ? 2.286   -0.765  -3.415  1.00 1.03 ? 53 ILE A CD1  1 
ATOM 810  H H    . ILE A 1 54 ? 2.647   -1.973  -0.354  1.00 0.41 ? 53 ILE A H    1 
ATOM 811  H HA   . ILE A 1 54 ? -0.124  -2.949  -0.452  1.00 0.39 ? 53 ILE A HA   1 
ATOM 812  H HB   . ILE A 1 54 ? 1.776   -3.117  -2.803  1.00 0.49 ? 53 ILE A HB   1 
ATOM 813  H HG12 . ILE A 1 54 ? 0.560   -0.453  -2.165  1.00 0.87 ? 53 ILE A HG12 1 
ATOM 814  H HG13 . ILE A 1 54 ? 2.027   -0.911  -1.289  1.00 0.82 ? 53 ILE A HG13 1 
ATOM 815  H HG21 . ILE A 1 54 ? -1.053  -3.086  -2.271  1.00 1.15 ? 53 ILE A HG21 1 
ATOM 816  H HG22 . ILE A 1 54 ? -0.681  -1.618  -3.176  1.00 1.24 ? 53 ILE A HG22 1 
ATOM 817  H HG23 . ILE A 1 54 ? -0.269  -3.196  -3.847  1.00 1.18 ? 53 ILE A HG23 1 
ATOM 818  H HD11 . ILE A 1 54 ? 2.307   -1.626  -4.066  1.00 1.50 ? 53 ILE A HD11 1 
ATOM 819  H HD12 . ILE A 1 54 ? 1.855   0.073   -3.941  1.00 1.53 ? 53 ILE A HD12 1 
ATOM 820  H HD13 . ILE A 1 54 ? 3.292   -0.520  -3.110  1.00 1.48 ? 53 ILE A HD13 1 
ATOM 821  N N    . TRP A 1 55 ? 0.273   -5.442  -0.821  1.00 0.34 ? 54 TRP A N    1 
ATOM 822  C CA   . TRP A 1 55 ? 0.606   -6.890  -0.795  1.00 0.37 ? 54 TRP A CA   1 
ATOM 823  C C    . TRP A 1 55 ? -0.154  -7.638  -1.881  1.00 0.35 ? 54 TRP A C    1 
ATOM 824  O O    . TRP A 1 55 ? -1.107  -7.109  -2.417  1.00 0.38 ? 54 TRP A O    1 
ATOM 825  C CB   . TRP A 1 55 ? 0.203   -7.422  0.585   1.00 0.46 ? 54 TRP A CB   1 
ATOM 826  C CG   . TRP A 1 55 ? 1.111   -6.798  1.644   1.00 0.50 ? 54 TRP A CG   1 
ATOM 827  C CD1  . TRP A 1 55 ? 1.083   -5.509  2.020   1.00 0.61 ? 54 TRP A CD1  1 
ATOM 828  C CD2  . TRP A 1 55 ? 2.063   -7.446  2.309   1.00 0.48 ? 54 TRP A CD2  1 
ATOM 829  N NE1  . TRP A 1 55 ? 2.057   -5.427  2.929   1.00 0.60 ? 54 TRP A NE1  1 
ATOM 830  C CE2  . TRP A 1 55 ? 2.719   -6.587  3.169   1.00 0.53 ? 54 TRP A CE2  1 
ATOM 831  C CE3  . TRP A 1 55 ? 2.439   -8.772  2.240   1.00 0.50 ? 54 TRP A CE3  1 
ATOM 832  C CZ2  . TRP A 1 55 ? 3.749   -7.053  3.956   1.00 0.57 ? 54 TRP A CZ2  1 
ATOM 833  C CZ3  . TRP A 1 55 ? 3.471   -9.237  3.029   1.00 0.61 ? 54 TRP A CZ3  1 
ATOM 834  C CH2  . TRP A 1 55 ? 4.126   -8.378  3.887   1.00 0.62 ? 54 TRP A CH2  1 
ATOM 835  H H    . TRP A 1 55 ? -0.662  -5.144  -0.841  1.00 0.38 ? 54 TRP A H    1 
ATOM 836  H HA   . TRP A 1 55 ? 1.674   -6.989  -0.956  1.00 0.39 ? 54 TRP A HA   1 
ATOM 837  H HB2  . TRP A 1 55 ? -0.825  -7.157  0.787   1.00 0.48 ? 54 TRP A HB2  1 
ATOM 838  H HB3  . TRP A 1 55 ? 0.311   -8.495  0.605   1.00 0.50 ? 54 TRP A HB3  1 
ATOM 839  H HD1  . TRP A 1 55 ? 0.429   -4.724  1.670   1.00 0.72 ? 54 TRP A HD1  1 
ATOM 840  H HE1  . TRP A 1 55 ? 2.281   -4.590  3.386   1.00 0.68 ? 54 TRP A HE1  1 
ATOM 841  H HE3  . TRP A 1 55 ? 1.927   -9.445  1.567   1.00 0.49 ? 54 TRP A HE3  1 
ATOM 842  H HZ2  . TRP A 1 55 ? 4.263   -6.380  4.625   1.00 0.62 ? 54 TRP A HZ2  1 
ATOM 843  H HZ3  . TRP A 1 55 ? 3.765   -10.274 2.975   1.00 0.71 ? 54 TRP A HZ3  1 
ATOM 844  H HH2  . TRP A 1 55 ? 4.933   -8.743  4.502   1.00 0.72 ? 54 TRP A HH2  1 
ATOM 845  N N    . VAL A 1 56 ? 0.283   -8.830  -2.179  1.00 0.34 ? 55 VAL A N    1 
ATOM 846  C CA   . VAL A 1 56 ? -0.405  -9.624  -3.229  1.00 0.36 ? 55 VAL A CA   1 
ATOM 847  C C    . VAL A 1 56 ? -0.947  -10.913 -2.616  1.00 0.38 ? 55 VAL A C    1 
ATOM 848  O O    . VAL A 1 56 ? -0.201  -11.625 -1.974  1.00 0.39 ? 55 VAL A O    1 
ATOM 849  C CB   . VAL A 1 56 ? 0.628   -9.951  -4.308  1.00 0.39 ? 55 VAL A CB   1 
ATOM 850  C CG1  . VAL A 1 56 ? 1.421   -8.672  -4.603  1.00 0.54 ? 55 VAL A CG1  1 
ATOM 851  C CG2  . VAL A 1 56 ? 1.604   -10.991 -3.763  1.00 0.53 ? 55 VAL A CG2  1 
ATOM 852  H H    . VAL A 1 56 ? 1.065   -9.197  -1.715  1.00 0.36 ? 55 VAL A H    1 
ATOM 853  H HA   . VAL A 1 56 ? -1.220  -9.027  -3.623  1.00 0.39 ? 55 VAL A HA   1 
ATOM 854  H HB   . VAL A 1 56 ? 0.134   -10.332 -5.197  1.00 0.50 ? 55 VAL A HB   1 
ATOM 855  H HG11 . VAL A 1 56 ? 1.037   -7.863  -3.998  1.00 1.08 ? 55 VAL A HG11 1 
ATOM 856  H HG12 . VAL A 1 56 ? 2.463   -8.833  -4.369  1.00 1.31 ? 55 VAL A HG12 1 
ATOM 857  H HG13 . VAL A 1 56 ? 1.322   -8.420  -5.648  1.00 1.09 ? 55 VAL A HG13 1 
ATOM 858  H HG21 . VAL A 1 56 ? 1.053   -11.837 -3.381  1.00 1.14 ? 55 VAL A HG21 1 
ATOM 859  H HG22 . VAL A 1 56 ? 2.263   -11.317 -4.554  1.00 1.21 ? 55 VAL A HG22 1 
ATOM 860  H HG23 . VAL A 1 56 ? 2.188   -10.553 -2.967  1.00 1.12 ? 55 VAL A HG23 1 
ATOM 861  N N    . ASN A 1 57 ? -2.207  -11.182 -2.819  1.00 0.48 ? 56 ASN A N    1 
ATOM 862  C CA   . ASN A 1 57 ? -2.783  -12.424 -2.244  1.00 0.56 ? 56 ASN A CA   1 
ATOM 863  C C    . ASN A 1 57 ? -2.519  -13.604 -3.178  1.00 0.58 ? 56 ASN A C    1 
ATOM 864  O O    . ASN A 1 57 ? -2.674  -13.460 -4.376  1.00 0.60 ? 56 ASN A O    1 
ATOM 865  C CB   . ASN A 1 57 ? -4.293  -12.204 -2.087  1.00 0.65 ? 56 ASN A CB   1 
ATOM 866  C CG   . ASN A 1 57 ? -4.928  -11.991 -3.461  1.00 0.75 ? 56 ASN A CG   1 
ATOM 867  O OD1  . ASN A 1 57 ? -4.277  -11.495 -4.359  1.00 1.47 ? 56 ASN A OD1  1 
ATOM 868  N ND2  . ASN A 1 57 ? -6.169  -12.343 -3.661  1.00 1.29 ? 56 ASN A ND2  1 
ATOM 869  H H    . ASN A 1 57 ? -2.766  -10.572 -3.344  1.00 0.55 ? 56 ASN A H    1 
ATOM 870  H HA   . ASN A 1 57 ? -2.307  -12.597 -1.284  1.00 0.59 ? 56 ASN A HA   1 
ATOM 871  H HB2  . ASN A 1 57 ? -4.734  -13.070 -1.616  1.00 0.75 ? 56 ASN A HB2  1 
ATOM 872  H HB3  . ASN A 1 57 ? -4.467  -11.333 -1.474  1.00 0.82 ? 56 ASN A HB3  1 
ATOM 873  H HD21 . ASN A 1 57 ? -6.688  -12.742 -2.932  1.00 2.00 ? 56 ASN A HD21 1 
ATOM 874  H HD22 . ASN A 1 57 ? -6.581  -12.211 -4.540  1.00 1.38 ? 56 ASN A HD22 1 
ATOM 875  N N    . LYS A 1 58 ? -2.133  -14.717 -2.615  1.00 0.67 ? 57 LYS A N    1 
ATOM 876  C CA   . LYS A 1 58 ? -1.855  -15.913 -3.456  1.00 0.75 ? 57 LYS A CA   1 
ATOM 877  C C    . LYS A 1 58 ? -2.938  -16.076 -4.519  1.00 0.76 ? 57 LYS A C    1 
ATOM 878  O O    . LYS A 1 58 ? -2.683  -16.687 -5.537  1.00 0.83 ? 57 LYS A O    1 
ATOM 879  C CB   . LYS A 1 58 ? -1.851  -17.134 -2.527  1.00 0.88 ? 57 LYS A CB   1 
ATOM 880  C CG   . LYS A 1 58 ? -3.224  -17.803 -2.622  1.00 1.48 ? 57 LYS A CG   1 
ATOM 881  C CD   . LYS A 1 58 ? -3.132  -19.166 -1.932  1.00 2.05 ? 57 LYS A CD   1 
ATOM 882  C CE   . LYS A 1 58 ? -4.486  -19.457 -1.282  1.00 2.76 ? 57 LYS A CE   1 
ATOM 883  N NZ   . LYS A 1 58 ? -5.252  -20.416 -2.126  1.00 3.41 ? 57 LYS A NZ   1 
ATOM 884  H H    . LYS A 1 58 ? -2.025  -14.765 -1.642  1.00 0.72 ? 57 LYS A H    1 
ATOM 885  H HA   . LYS A 1 58 ? -0.889  -15.773 -3.929  1.00 0.77 ? 57 LYS A HA   1 
ATOM 886  H HB2  . LYS A 1 58 ? -1.081  -17.828 -2.840  1.00 1.36 ? 57 LYS A HB2  1 
ATOM 887  H HB3  . LYS A 1 58 ? -1.670  -16.821 -1.511  1.00 1.46 ? 57 LYS A HB3  1 
ATOM 888  H HG2  . LYS A 1 58 ? -3.964  -17.189 -2.127  1.00 2.02 ? 57 LYS A HG2  1 
ATOM 889  H HG3  . LYS A 1 58 ? -3.494  -17.940 -3.657  1.00 2.08 ? 57 LYS A HG3  1 
ATOM 890  H HD2  . LYS A 1 58 ? -2.903  -19.930 -2.662  1.00 2.44 ? 57 LYS A HD2  1 
ATOM 891  H HD3  . LYS A 1 58 ? -2.365  -19.141 -1.174  1.00 2.41 ? 57 LYS A HD3  1 
ATOM 892  H HE2  . LYS A 1 58 ? -4.345  -19.903 -0.308  1.00 3.09 ? 57 LYS A HE2  1 
ATOM 893  H HE3  . LYS A 1 58 ? -5.063  -18.548 -1.196  1.00 3.16 ? 57 LYS A HE3  1 
ATOM 894  H HZ1  . LYS A 1 58 ? -4.597  -21.106 -2.548  1.00 3.62 ? 57 LYS A HZ1  1 
ATOM 895  H HZ2  . LYS A 1 58 ? -5.949  -20.916 -1.539  1.00 3.86 ? 57 LYS A HZ2  1 
ATOM 896  H HZ3  . LYS A 1 58 ? -5.743  -19.898 -2.881  1.00 3.75 ? 57 LYS A HZ3  1 
ATOM 897  N N    . ARG A 1 59 ? -4.100  -15.537 -4.269  1.00 0.76 ? 58 ARG A N    1 
ATOM 898  C CA   . ARG A 1 59 ? -5.190  -15.666 -5.271  1.00 0.85 ? 58 ARG A CA   1 
ATOM 899  C C    . ARG A 1 59 ? -4.723  -15.110 -6.614  1.00 0.84 ? 58 ARG A C    1 
ATOM 900  O O    . ARG A 1 59 ? -5.446  -15.213 -7.585  1.00 0.97 ? 58 ARG A O    1 
ATOM 901  C CB   . ARG A 1 59 ? -6.386  -14.857 -4.757  1.00 0.89 ? 58 ARG A CB   1 
ATOM 902  C CG   . ARG A 1 59 ? -6.610  -15.229 -3.290  1.00 1.11 ? 58 ARG A CG   1 
ATOM 903  C CD   . ARG A 1 59 ? -7.843  -16.132 -3.217  1.00 1.90 ? 58 ARG A CD   1 
ATOM 904  N NE   . ARG A 1 59 ? -7.758  -17.124 -4.326  1.00 2.18 ? 58 ARG A NE   1 
ATOM 905  C CZ   . ARG A 1 59 ? -8.852  -17.672 -4.780  1.00 2.46 ? 58 ARG A CZ   1 
ATOM 906  N NH1  . ARG A 1 59 ? -9.956  -17.535 -4.097  1.00 2.80 ? 58 ARG A NH1  1 
ATOM 907  N NH2  . ARG A 1 59 ? -8.805  -18.340 -5.900  1.00 3.15 ? 58 ARG A NH2  1 
ATOM 908  H H    . ARG A 1 59 ? -4.252  -15.053 -3.430  1.00 0.75 ? 58 ARG A H    1 
ATOM 909  H HA   . ARG A 1 59 ? -5.434  -16.719 -5.368  1.00 0.95 ? 58 ARG A HA   1 
ATOM 910  H HB2  . ARG A 1 59 ? -6.176  -13.800 -4.841  1.00 0.84 ? 58 ARG A HB2  1 
ATOM 911  H HB3  . ARG A 1 59 ? -7.267  -15.102 -5.331  1.00 0.97 ? 58 ARG A HB3  1 
ATOM 912  H HG2  . ARG A 1 59 ? -5.745  -15.756 -2.911  1.00 1.46 ? 58 ARG A HG2  1 
ATOM 913  H HG3  . ARG A 1 59 ? -6.780  -14.336 -2.708  1.00 1.58 ? 58 ARG A HG3  1 
ATOM 914  H HD2  . ARG A 1 59 ? -7.865  -16.668 -2.280  1.00 2.53 ? 58 ARG A HD2  1 
ATOM 915  H HD3  . ARG A 1 59 ? -8.745  -15.552 -3.343  1.00 2.43 ? 58 ARG A HD3  1 
ATOM 916  H HE   . ARG A 1 59 ? -6.888  -17.362 -4.712  1.00 2.66 ? 58 ARG A HE   1 
ATOM 917  H HH11 . ARG A 1 59 ? -9.954  -17.015 -3.243  1.00 2.91 ? 58 ARG A HH11 1 
ATOM 918  H HH12 . ARG A 1 59 ? -10.804 -17.947 -4.430  1.00 3.41 ? 58 ARG A HH12 1 
ATOM 919  H HH21 . ARG A 1 59 ? -7.940  -18.425 -6.396  1.00 3.45 ? 58 ARG A HH21 1 
ATOM 920  H HH22 . ARG A 1 59 ? -9.633  -18.767 -6.263  1.00 3.72 ? 58 ARG A HH22 1 
ATOM 921  N N    . GLY A 1 60 ? -3.546  -14.542 -6.639  1.00 0.74 ? 59 GLY A N    1 
ATOM 922  C CA   . GLY A 1 60 ? -3.032  -13.978 -7.917  1.00 0.81 ? 59 GLY A CA   1 
ATOM 923  C C    . GLY A 1 60 ? -3.534  -12.543 -8.073  1.00 0.75 ? 59 GLY A C    1 
ATOM 924  O O    . GLY A 1 60 ? -3.829  -12.134 -9.179  1.00 0.85 ? 59 GLY A O    1 
ATOM 925  H H    . GLY A 1 60 ? -3.007  -14.487 -5.825  1.00 0.66 ? 59 GLY A H    1 
ATOM 926  H HA2  . GLY A 1 60 ? -1.952  -13.997 -7.886  1.00 1.11 ? 59 GLY A HA2  1 
ATOM 927  H HA3  . GLY A 1 60 ? -3.394  -14.593 -8.729  1.00 1.29 ? 59 GLY A HA3  1 
ATOM 928  N N    . LEU A 1 61 ? -3.619  -11.823 -6.987  1.00 0.63 ? 60 LEU A N    1 
ATOM 929  C CA   . LEU A 1 61 ? -4.103  -10.420 -7.086  1.00 0.62 ? 60 LEU A CA   1 
ATOM 930  C C    . LEU A 1 61 ? -3.258  -9.504  -6.206  1.00 0.53 ? 60 LEU A C    1 
ATOM 931  O O    . LEU A 1 61 ? -2.444  -9.990  -5.445  1.00 0.49 ? 60 LEU A O    1 
ATOM 932  C CB   . LEU A 1 61 ? -5.559  -10.403 -6.607  1.00 0.68 ? 60 LEU A CB   1 
ATOM 933  C CG   . LEU A 1 61 ? -6.383  -11.228 -7.590  1.00 0.79 ? 60 LEU A CG   1 
ATOM 934  C CD1  . LEU A 1 61 ? -6.770  -12.539 -6.894  1.00 0.98 ? 60 LEU A CD1  1 
ATOM 935  C CD2  . LEU A 1 61 ? -7.669  -10.474 -7.915  1.00 1.03 ? 60 LEU A CD2  1 
ATOM 936  H H    . LEU A 1 61 ? -3.367  -12.203 -6.117  1.00 0.59 ? 60 LEU A H    1 
ATOM 937  H HA   . LEU A 1 61 ? -4.027  -10.113 -8.124  1.00 0.67 ? 60 LEU A HA   1 
ATOM 938  H HB2  . LEU A 1 61 ? -5.623  -10.835 -5.619  1.00 0.73 ? 60 LEU A HB2  1 
ATOM 939  H HB3  . LEU A 1 61 ? -5.926  -9.388  -6.589  1.00 0.76 ? 60 LEU A HB3  1 
ATOM 940  H HG   . LEU A 1 61 ? -5.815  -11.407 -8.497  1.00 0.88 ? 60 LEU A HG   1 
ATOM 941  H HD11 . LEU A 1 61 ? -5.902  -12.958 -6.407  1.00 1.63 ? 60 LEU A HD11 1 
ATOM 942  H HD12 . LEU A 1 61 ? -7.537  -12.343 -6.159  1.00 1.45 ? 60 LEU A HD12 1 
ATOM 943  H HD13 . LEU A 1 61 ? -7.145  -13.239 -7.627  1.00 1.13 ? 60 LEU A HD13 1 
ATOM 944  H HD21 . LEU A 1 61 ? -7.452  -9.420  -8.017  1.00 1.39 ? 60 LEU A HD21 1 
ATOM 945  H HD22 . LEU A 1 61 ? -8.082  -10.847 -8.841  1.00 1.69 ? 60 LEU A HD22 1 
ATOM 946  H HD23 . LEU A 1 61 ? -8.384  -10.618 -7.118  1.00 1.42 ? 60 LEU A HD23 1 
ATOM 947  N N    . VAL A 1 62 ? -3.467  -8.221  -6.328  1.00 0.57 ? 61 VAL A N    1 
ATOM 948  C CA   . VAL A 1 62 ? -2.680  -7.270  -5.501  1.00 0.51 ? 61 VAL A CA   1 
ATOM 949  C C    . VAL A 1 62 ? -3.564  -6.676  -4.407  1.00 0.52 ? 61 VAL A C    1 
ATOM 950  O O    . VAL A 1 62 ? -4.388  -5.833  -4.699  1.00 0.69 ? 61 VAL A O    1 
ATOM 951  C CB   . VAL A 1 62 ? -2.187  -6.158  -6.431  1.00 0.54 ? 61 VAL A CB   1 
ATOM 952  C CG1  . VAL A 1 62 ? -1.380  -5.164  -5.587  1.00 0.64 ? 61 VAL A CG1  1 
ATOM 953  C CG2  . VAL A 1 62 ? -1.247  -6.763  -7.469  1.00 0.57 ? 61 VAL A CG2  1 
ATOM 954  H H    . VAL A 1 62 ? -4.139  -7.889  -6.959  1.00 0.69 ? 61 VAL A H    1 
ATOM 955  H HA   . VAL A 1 62 ? -1.852  -7.812  -5.060  1.00 0.46 ? 61 VAL A HA   1 
ATOM 956  H HB   . VAL A 1 62 ? -3.030  -5.680  -6.923  1.00 0.63 ? 61 VAL A HB   1 
ATOM 957  H HG11 . VAL A 1 62 ? -1.225  -5.573  -4.600  1.00 1.09 ? 61 VAL A HG11 1 
ATOM 958  H HG12 . VAL A 1 62 ? -0.424  -4.987  -6.058  1.00 1.31 ? 61 VAL A HG12 1 
ATOM 959  H HG13 . VAL A 1 62 ? -1.923  -4.234  -5.511  1.00 1.14 ? 61 VAL A HG13 1 
ATOM 960  H HG21 . VAL A 1 62 ? -1.195  -7.833  -7.329  1.00 1.28 ? 61 VAL A HG21 1 
ATOM 961  H HG22 . VAL A 1 62 ? -1.617  -6.548  -8.460  1.00 1.08 ? 61 VAL A HG22 1 
ATOM 962  H HG23 . VAL A 1 62 ? -0.261  -6.337  -7.353  1.00 1.06 ? 61 VAL A HG23 1 
ATOM 963  N N    . VAL A 1 63 ? -3.380  -7.123  -3.195  1.00 0.50 ? 62 VAL A N    1 
ATOM 964  C CA   . VAL A 1 63 ? -4.209  -6.586  -2.084  1.00 0.56 ? 62 VAL A CA   1 
ATOM 965  C C    . VAL A 1 63 ? -3.587  -5.302  -1.539  1.00 0.52 ? 62 VAL A C    1 
ATOM 966  O O    . VAL A 1 63 ? -2.856  -5.360  -0.570  1.00 0.54 ? 62 VAL A O    1 
ATOM 967  C CB   . VAL A 1 63 ? -4.247  -7.650  -0.986  1.00 0.63 ? 62 VAL A CB   1 
ATOM 968  C CG1  . VAL A 1 63 ? -5.382  -8.625  -1.317  1.00 0.72 ? 62 VAL A CG1  1 
ATOM 969  C CG2  . VAL A 1 63 ? -2.936  -8.429  -1.005  1.00 0.63 ? 62 VAL A CG2  1 
ATOM 970  H H    . VAL A 1 63 ? -2.701  -7.806  -3.019  1.00 0.58 ? 62 VAL A H    1 
ATOM 971  H HA   . VAL A 1 63 ? -5.201  -6.383  -2.475  1.00 0.62 ? 62 VAL A HA   1 
ATOM 972  H HB   . VAL A 1 63 ? -4.389  -7.181  -0.017  1.00 0.72 ? 62 VAL A HB   1 
ATOM 973  H HG11 . VAL A 1 63 ? -6.288  -8.072  -1.513  1.00 1.11 ? 62 VAL A HG11 1 
ATOM 974  H HG12 . VAL A 1 63 ? -5.117  -9.203  -2.189  1.00 1.48 ? 62 VAL A HG12 1 
ATOM 975  H HG13 . VAL A 1 63 ? -5.541  -9.290  -0.480  1.00 1.09 ? 62 VAL A HG13 1 
ATOM 976  H HG21 . VAL A 1 63 ? -2.107  -7.739  -1.035  1.00 1.16 ? 62 VAL A HG21 1 
ATOM 977  H HG22 . VAL A 1 63 ? -2.866  -9.036  -0.114  1.00 1.27 ? 62 VAL A HG22 1 
ATOM 978  H HG23 . VAL A 1 63 ? -2.908  -9.066  -1.877  1.00 1.14 ? 62 VAL A HG23 1 
ATOM 979  N N    . SER A 1 64 ? -3.877  -4.194  -2.164  1.00 0.50 ? 63 SER A N    1 
ATOM 980  C CA   . SER A 1 64 ? -3.303  -2.912  -1.680  1.00 0.50 ? 63 SER A CA   1 
ATOM 981  C C    . SER A 1 64 ? -4.244  -2.281  -0.655  1.00 0.49 ? 63 SER A C    1 
ATOM 982  O O    . SER A 1 64 ? -5.287  -1.779  -1.021  1.00 0.50 ? 63 SER A O    1 
ATOM 983  C CB   . SER A 1 64 ? -3.157  -1.986  -2.892  1.00 0.55 ? 63 SER A CB   1 
ATOM 984  O OG   . SER A 1 64 ? -3.234  -2.880  -3.993  1.00 1.43 ? 63 SER A OG   1 
ATOM 985  H H    . SER A 1 64 ? -4.467  -4.208  -2.947  1.00 0.52 ? 63 SER A H    1 
ATOM 986  H HA   . SER A 1 64 ? -2.341  -3.125  -1.223  1.00 0.53 ? 63 SER A HA   1 
ATOM 987  H HB2  . SER A 1 64 ? -3.969  -1.280  -2.951  1.00 1.11 ? 63 SER A HB2  1 
ATOM 988  H HB3  . SER A 1 64 ? -2.197  -1.488  -2.895  1.00 0.99 ? 63 SER A HB3  1 
ATOM 989  H HG   . SER A 1 64 ? -3.477  -2.373  -4.771  1.00 1.93 ? 63 SER A HG   1 
ATOM 990  N N    . PRO A 1 65 ? -3.846  -2.330  0.587   1.00 0.58 ? 64 PRO A N    1 
ATOM 991  C CA   . PRO A 1 65 ? -4.641  -1.767  1.688   1.00 0.63 ? 64 PRO A CA   1 
ATOM 992  C C    . PRO A 1 65 ? -4.910  -0.283  1.444   1.00 0.49 ? 64 PRO A C    1 
ATOM 993  O O    . PRO A 1 65 ? -4.035  0.535   1.647   1.00 0.53 ? 64 PRO A O    1 
ATOM 994  C CB   . PRO A 1 65 ? -3.751  -1.970  2.930   1.00 0.83 ? 64 PRO A CB   1 
ATOM 995  C CG   . PRO A 1 65 ? -2.614  -2.941  2.517   1.00 0.92 ? 64 PRO A CG   1 
ATOM 996  C CD   . PRO A 1 65 ? -2.569  -2.943  0.983   1.00 0.73 ? 64 PRO A CD   1 
ATOM 997  H HA   . PRO A 1 65 ? -5.569  -2.321  1.765   1.00 0.71 ? 64 PRO A HA   1 
ATOM 998  H HB2  . PRO A 1 65 ? -3.336  -1.022  3.244   1.00 0.83 ? 64 PRO A HB2  1 
ATOM 999  H HB3  . PRO A 1 65 ? -4.327  -2.406  3.732   1.00 0.96 ? 64 PRO A HB3  1 
ATOM 1000 H HG2  . PRO A 1 65 ? -1.670  -2.595  2.916   1.00 1.03 ? 64 PRO A HG2  1 
ATOM 1001 H HG3  . PRO A 1 65 ? -2.827  -3.935  2.877   1.00 1.05 ? 64 PRO A HG3  1 
ATOM 1002 H HD2  . PRO A 1 65 ? -1.756  -2.336  0.612   1.00 0.73 ? 64 PRO A HD2  1 
ATOM 1003 H HD3  . PRO A 1 65 ? -2.520  -3.950  0.594   1.00 0.78 ? 64 PRO A HD3  1 
ATOM 1004 N N    . PRO A 1 66 ? -6.110  0.008   1.018   1.00 0.48 ? 65 PRO A N    1 
ATOM 1005 C CA   . PRO A 1 66 ? -6.538  1.389   0.731   1.00 0.49 ? 65 PRO A CA   1 
ATOM 1006 C C    . PRO A 1 66 ? -6.525  2.252   1.998   1.00 0.47 ? 65 PRO A C    1 
ATOM 1007 O O    . PRO A 1 66 ? -7.212  3.255   2.033   1.00 0.64 ? 65 PRO A O    1 
ATOM 1008 C CB   . PRO A 1 66 ? -7.982  1.227   0.215   1.00 0.72 ? 65 PRO A CB   1 
ATOM 1009 C CG   . PRO A 1 66 ? -8.221  -0.288  -0.008  1.00 0.82 ? 65 PRO A CG   1 
ATOM 1010 C CD   . PRO A 1 66 ? -7.119  -1.029  0.759   1.00 0.67 ? 65 PRO A CD   1 
ATOM 1011 H HA   . PRO A 1 66 ? -5.887  1.805   -0.027  1.00 0.56 ? 65 PRO A HA   1 
ATOM 1012 H HB2  . PRO A 1 66 ? -8.678  1.611   0.948   1.00 0.78 ? 65 PRO A HB2  1 
ATOM 1013 H HB3  . PRO A 1 66 ? -8.100  1.754   -0.719  1.00 0.85 ? 65 PRO A HB3  1 
ATOM 1014 H HG2  . PRO A 1 66 ? -9.194  -0.568  0.375   1.00 1.01 ? 65 PRO A HG2  1 
ATOM 1015 H HG3  . PRO A 1 66 ? -8.155  -0.523  -1.059  1.00 0.90 ? 65 PRO A HG3  1 
ATOM 1016 H HD2  . PRO A 1 66 ? -7.484  -1.409  1.701   1.00 0.80 ? 65 PRO A HD2  1 
ATOM 1017 H HD3  . PRO A 1 66 ? -6.681  -1.812  0.157   1.00 0.66 ? 65 PRO A HD3  1 
ATOM 1018 N N    . ARG A 1 67 ? -5.769  1.864   2.989   1.00 0.48 ? 66 ARG A N    1 
ATOM 1019 C CA   . ARG A 1 67 ? -5.731  2.676   4.233   1.00 0.56 ? 66 ARG A CA   1 
ATOM 1020 C C    . ARG A 1 67 ? -4.351  2.575   4.877   1.00 0.58 ? 66 ARG A C    1 
ATOM 1021 O O    . ARG A 1 67 ? -3.917  1.484   5.187   1.00 0.87 ? 66 ARG A O    1 
ATOM 1022 C CB   . ARG A 1 67 ? -6.795  2.115   5.186   1.00 0.81 ? 66 ARG A CB   1 
ATOM 1023 C CG   . ARG A 1 67 ? -7.284  0.779   4.622   1.00 1.32 ? 66 ARG A CG   1 
ATOM 1024 C CD   . ARG A 1 67 ? -6.462  -0.333  5.274   1.00 1.83 ? 66 ARG A CD   1 
ATOM 1025 N NE   . ARG A 1 67 ? -7.216  -0.828  6.461   1.00 2.16 ? 66 ARG A NE   1 
ATOM 1026 C CZ   . ARG A 1 67 ? -7.321  -2.113  6.665   1.00 2.58 ? 66 ARG A CZ   1 
ATOM 1027 N NH1  . ARG A 1 67 ? -6.299  -2.880  6.395   1.00 3.22 ? 66 ARG A NH1  1 
ATOM 1028 N NH2  . ARG A 1 67 ? -8.442  -2.589  7.131   1.00 2.98 ? 66 ARG A NH2  1 
ATOM 1029 H H    . ARG A 1 67 ? -5.236  1.050   2.917   1.00 0.59 ? 66 ARG A H    1 
ATOM 1030 H HA   . ARG A 1 67 ? -5.942  3.706   3.966   1.00 0.60 ? 66 ARG A HA   1 
ATOM 1031 H HB2  . ARG A 1 67 ? -6.364  1.966   6.166   1.00 0.99 ? 66 ARG A HB2  1 
ATOM 1032 H HB3  . ARG A 1 67 ? -7.624  2.804   5.253   1.00 1.15 ? 66 ARG A HB3  1 
ATOM 1033 H HG2  . ARG A 1 67 ? -8.331  0.647   4.854   1.00 1.73 ? 66 ARG A HG2  1 
ATOM 1034 H HG3  . ARG A 1 67 ? -7.140  0.756   3.554   1.00 1.58 ? 66 ARG A HG3  1 
ATOM 1035 H HD2  . ARG A 1 67 ? -6.325  -1.156  4.588   1.00 2.42 ? 66 ARG A HD2  1 
ATOM 1036 H HD3  . ARG A 1 67 ? -5.507  0.046   5.608   1.00 2.18 ? 66 ARG A HD3  1 
ATOM 1037 H HE   . ARG A 1 67 ? -7.631  -0.194  7.083   1.00 2.61 ? 66 ARG A HE   1 
ATOM 1038 H HH11 . ARG A 1 67 ? -5.454  -2.481  6.039   1.00 3.42 ? 66 ARG A HH11 1 
ATOM 1039 H HH12 . ARG A 1 67 ? -6.362  -3.867  6.545   1.00 3.83 ? 66 ARG A HH12 1 
ATOM 1040 H HH21 . ARG A 1 67 ? -9.204  -1.971  7.326   1.00 3.10 ? 66 ARG A HH21 1 
ATOM 1041 H HH22 . ARG A 1 67 ? -8.540  -3.570  7.292   1.00 3.52 ? 66 ARG A HH22 1 
ATOM 1042 N N    . ILE A 1 68 ? -3.705  3.693   5.060   1.00 0.61 ? 67 ILE A N    1 
ATOM 1043 C CA   . ILE A 1 68 ? -2.355  3.663   5.681   1.00 0.70 ? 67 ILE A CA   1 
ATOM 1044 C C    . ILE A 1 68 ? -2.484  3.549   7.200   1.00 1.10 ? 67 ILE A C    1 
ATOM 1045 O O    . ILE A 1 68 ? -3.514  3.901   7.738   1.00 1.53 ? 67 ILE A O    1 
ATOM 1046 C CB   . ILE A 1 68 ? -1.656  4.972   5.315   1.00 0.97 ? 67 ILE A CB   1 
ATOM 1047 C CG1  . ILE A 1 68 ? -0.238  4.662   4.842   1.00 1.12 ? 67 ILE A CG1  1 
ATOM 1048 C CG2  . ILE A 1 68 ? -1.552  5.824   6.587   1.00 1.50 ? 67 ILE A CG2  1 
ATOM 1049 C CD1  . ILE A 1 68 ? 0.311   5.911   4.150   1.00 1.39 ? 67 ILE A CD1  1 
ATOM 1050 H H    . ILE A 1 68 ? -4.106  4.546   4.789   1.00 0.77 ? 67 ILE A H    1 
ATOM 1051 H HA   . ILE A 1 68 ? -1.822  2.804   5.287   1.00 0.89 ? 67 ILE A HA   1 
ATOM 1052 H HB   . ILE A 1 68 ? -2.207  5.485   4.533   1.00 1.26 ? 67 ILE A HB   1 
ATOM 1053 H HG12 . ILE A 1 68 ? 0.383   4.410   5.690   1.00 1.31 ? 67 ILE A HG12 1 
ATOM 1054 H HG13 . ILE A 1 68 ? -0.257  3.839   4.143   1.00 1.44 ? 67 ILE A HG13 1 
ATOM 1055 H HG21 . ILE A 1 68 ? -2.483  5.775   7.130   1.00 1.94 ? 67 ILE A HG21 1 
ATOM 1056 H HG22 . ILE A 1 68 ? -0.753  5.446   7.208   1.00 2.03 ? 67 ILE A HG22 1 
ATOM 1057 H HG23 . ILE A 1 68 ? -1.345  6.849   6.318   1.00 1.80 ? 67 ILE A HG23 1 
ATOM 1058 H HD11 . ILE A 1 68 ? 0.268   6.748   4.830   1.00 1.86 ? 67 ILE A HD11 1 
ATOM 1059 H HD12 . ILE A 1 68 ? 1.334   5.738   3.853   1.00 1.79 ? 67 ILE A HD12 1 
ATOM 1060 H HD13 . ILE A 1 68 ? -0.286  6.127   3.275   1.00 1.82 ? 67 ILE A HD13 1 
ATOM 1061 N N    . GLY A 1 69 ? -1.455  3.067   7.842   1.00 1.42 ? 68 GLY A N    1 
ATOM 1062 C CA   . GLY A 1 69 ? -1.516  2.930   9.324   1.00 1.99 ? 68 GLY A CA   1 
ATOM 1063 C C    . GLY A 1 69 ? -0.631  3.997   9.972   1.00 2.00 ? 68 GLY A C    1 
ATOM 1064 O O    . GLY A 1 69 ? -0.898  4.295   11.124  1.00 2.27 ? 68 GLY A O    1 
ATOM 1065 O OXT  . GLY A 1 69 ? 0.263   4.453   9.278   1.00 2.40 ? 68 GLY A OXT  1 
ATOM 1066 H H    . GLY A 1 69 ? -0.648  2.800   7.355   1.00 1.53 ? 68 GLY A H    1 
ATOM 1067 H HA2  . GLY A 1 69 ? -2.544  3.058   9.633   1.00 2.43 ? 68 GLY A HA2  1 
ATOM 1068 H HA3  . GLY A 1 69 ? -1.167  1.943   9.587   1.00 2.48 ? 68 GLY A HA3  1 
# 
